data_6OF5
#
_entry.id   6OF5
#
_cell.length_a   126.808
_cell.length_b   126.808
_cell.length_c   298.211
_cell.angle_alpha   90.00
_cell.angle_beta   90.00
_cell.angle_gamma   120.00
#
_symmetry.space_group_name_H-M   'P 31 2 1'
#
loop_
_entity.id
_entity.type
_entity.pdbx_description
1 polymer 'Fe(3+)-Zn(2+) purple acid phosphatase'
2 branched alpha-L-fucopyranose-(1-3)-[2-acetamido-2-deoxy-beta-D-glucopyranose-(1-4)]2-acetamido-2-deoxy-beta-D-glucopyranose
3 branched beta-D-mannopyranose-(1-4)-2-acetamido-2-deoxy-beta-D-glucopyranose-(1-4)-[alpha-L-fucopyranose-(1-3)]2-acetamido-2-deoxy-beta-D-glucopyranose
4 branched alpha-D-mannopyranose-(1-3)-[alpha-D-mannopyranose-(1-6)]beta-D-mannopyranose-(1-4)-2-acetamido-2-deoxy-beta-D-glucopyranose-(1-4)-[alpha-L-fucopyranose-(1-3)]2-acetamido-2-deoxy-beta-D-glucopyranose
5 branched alpha-L-fucopyranose-(1-3)-2-acetamido-2-deoxy-beta-D-glucopyranose
6 non-polymer 'ZINC ION'
7 non-polymer 'FE (III) ION'
8 non-polymer 2-acetamido-2-deoxy-beta-D-glucopyranose
9 non-polymer 'SULFATE ION'
10 non-polymer 'SODIUM ION'
11 non-polymer 1,2-ETHANEDIOL
12 non-polymer 'TRIETHYLENE GLYCOL'
13 non-polymer '[(R)-{[(2E,4Z,8Z)-dodeca-2,4,8-trien-1-yl]oxy}(naphthalen-1-yl)methyl]phosphonic acid'
14 non-polymer GLYCEROL
15 water water
#
_entity_poly.entity_id   1
_entity_poly.type   'polypeptide(L)'
_entity_poly.pdbx_seq_one_letter_code
;KNRDMPLDSDVFRVPPGYNAPQQVHITQGDLVGRAMIISWVTMDEPGSSAVRYWSEKNGRKRIAKGKMSTYRFFNYSSGF
IHHTTIRKLKYNTKYYYEVGLRNTTRRFSFITPPQTGLDVPYTFGLIGDLGQSFDSNTTLSHYELSPKKGQTVLFVGDLS
YADRYPNHDNVRWDTWGRFTERSVAYQPWIWTAGNHEIEFAPEINETEPFKPFSYRYHVPYEASQSTSPFWYSIKRASAH
IIVLSSYSAYGRGTPQYTWLKKELRKVKRSETPWLIVLMHSPLYNSYNHHFMEGEAMRTKFEAWFVKYKVDVVFAGHVHA
YERSERVSNIAYKITNGLCTPVKDQSAPVYITIGDAGNYGVIDSNMIQPQPEYSAFREASFGHGMFDIKNRTHAHFSWNR
NQDGVAVEADSVWFFNRHWYPVDDST
;
_entity_poly.pdbx_strand_id   A,B,D,C
#
loop_
_chem_comp.id
_chem_comp.type
_chem_comp.name
_chem_comp.formula
BMA D-saccharide, beta linking beta-D-mannopyranose 'C6 H12 O6'
EDO non-polymer 1,2-ETHANEDIOL 'C2 H6 O2'
FE non-polymer 'FE (III) ION' 'Fe 3'
FUC L-saccharide, alpha linking alpha-L-fucopyranose 'C6 H12 O5'
GOL non-polymer GLYCEROL 'C3 H8 O3'
MAN D-saccharide, alpha linking alpha-D-mannopyranose 'C6 H12 O6'
MFJ non-polymer '[(R)-{[(2E,4Z,8Z)-dodeca-2,4,8-trien-1-yl]oxy}(naphthalen-1-yl)methyl]phosphonic acid' 'C23 H29 O4 P'
NA non-polymer 'SODIUM ION' 'Na 1'
NAG D-saccharide, beta linking 2-acetamido-2-deoxy-beta-D-glucopyranose 'C8 H15 N O6'
PGE non-polymer 'TRIETHYLENE GLYCOL' 'C6 H14 O4'
SO4 non-polymer 'SULFATE ION' 'O4 S -2'
ZN non-polymer 'ZINC ION' 'Zn 2'
#
# COMPACT_ATOMS: atom_id res chain seq x y z
N ASN A 2 2.19 -2.35 42.18
CA ASN A 2 2.87 -3.08 41.12
C ASN A 2 3.28 -4.49 41.55
N ARG A 3 2.47 -5.49 41.22
CA ARG A 3 2.82 -6.89 41.46
C ARG A 3 3.25 -7.59 40.19
N ASP A 4 3.70 -6.84 39.18
CA ASP A 4 4.21 -7.44 37.95
C ASP A 4 5.55 -8.12 38.20
N MET A 5 5.75 -9.28 37.57
CA MET A 5 7.02 -9.99 37.74
C MET A 5 8.12 -9.19 37.07
N PRO A 6 9.29 -9.04 37.72
CA PRO A 6 10.35 -8.22 37.14
C PRO A 6 10.89 -8.84 35.86
N LEU A 7 11.59 -8.00 35.09
CA LEU A 7 12.07 -8.41 33.77
C LEU A 7 13.03 -9.61 33.84
N ASP A 8 13.78 -9.75 34.93
CA ASP A 8 14.75 -10.83 35.05
C ASP A 8 14.16 -12.10 35.68
N SER A 9 12.84 -12.25 35.73
CA SER A 9 12.27 -13.47 36.26
C SER A 9 12.57 -14.67 35.35
N ASP A 10 12.52 -15.86 35.96
CA ASP A 10 12.80 -17.09 35.22
C ASP A 10 11.83 -17.26 34.05
N VAL A 11 10.54 -16.98 34.28
CA VAL A 11 9.53 -17.17 33.25
C VAL A 11 9.79 -16.29 32.02
N PHE A 12 10.63 -15.27 32.13
CA PHE A 12 10.89 -14.38 31.01
C PHE A 12 12.21 -14.68 30.31
N ARG A 13 12.88 -15.78 30.66
CA ARG A 13 14.20 -16.05 30.08
C ARG A 13 14.11 -16.24 28.58
N VAL A 14 15.17 -15.80 27.90
CA VAL A 14 15.27 -15.94 26.43
C VAL A 14 15.83 -17.33 26.11
N PRO A 15 15.19 -18.09 25.22
CA PRO A 15 15.79 -19.36 24.78
C PRO A 15 17.16 -19.13 24.17
N PRO A 16 18.19 -19.83 24.66
CA PRO A 16 19.56 -19.59 24.19
C PRO A 16 19.79 -20.04 22.75
N GLY A 17 20.82 -19.48 22.14
CA GLY A 17 21.21 -19.78 20.78
C GLY A 17 20.91 -18.62 19.85
N TYR A 18 21.63 -18.59 18.72
CA TYR A 18 21.50 -17.48 17.78
C TYR A 18 20.17 -17.58 17.03
N ASN A 19 19.38 -16.51 17.07
CA ASN A 19 18.06 -16.41 16.45
C ASN A 19 17.12 -17.53 16.90
N ALA A 20 17.29 -17.96 18.15
CA ALA A 20 16.41 -18.98 18.71
C ALA A 20 14.98 -18.47 18.65
N PRO A 21 14.06 -19.23 18.08
CA PRO A 21 12.63 -18.86 18.15
C PRO A 21 12.21 -18.69 19.61
N GLN A 22 11.38 -17.68 19.85
CA GLN A 22 10.81 -17.45 21.17
C GLN A 22 9.35 -17.03 21.02
N GLN A 23 8.67 -16.95 22.16
CA GLN A 23 7.23 -16.66 22.21
C GLN A 23 6.44 -17.61 21.30
N VAL A 24 6.74 -18.91 21.35
CA VAL A 24 6.06 -19.88 20.49
C VAL A 24 4.63 -20.11 20.98
N HIS A 25 3.65 -19.95 20.09
CA HIS A 25 2.26 -20.24 20.44
C HIS A 25 1.49 -20.76 19.24
N ILE A 26 0.47 -21.56 19.50
CA ILE A 26 -0.32 -22.21 18.45
C ILE A 26 -1.82 -22.00 18.68
N THR A 27 -2.58 -22.09 17.60
CA THR A 27 -4.03 -22.04 17.72
C THR A 27 -4.65 -22.76 16.54
N GLN A 28 -5.91 -23.18 16.69
CA GLN A 28 -6.59 -23.87 15.60
C GLN A 28 -6.62 -22.99 14.36
N GLY A 29 -6.35 -23.59 13.19
CA GLY A 29 -6.14 -22.83 11.98
C GLY A 29 -7.11 -23.01 10.84
N ASP A 30 -8.22 -23.68 11.12
CA ASP A 30 -9.29 -24.00 10.16
C ASP A 30 -10.61 -24.09 10.94
N LEU A 31 -11.67 -24.53 10.27
CA LEU A 31 -12.98 -24.52 10.92
C LEU A 31 -13.18 -25.70 11.87
N VAL A 32 -12.59 -26.86 11.58
CA VAL A 32 -13.03 -28.12 12.17
C VAL A 32 -11.91 -28.90 12.86
N GLY A 33 -10.69 -28.38 12.90
CA GLY A 33 -9.66 -28.97 13.72
C GLY A 33 -8.52 -29.63 12.98
N ARG A 34 -8.48 -29.56 11.65
CA ARG A 34 -7.42 -30.23 10.92
C ARG A 34 -6.27 -29.31 10.56
N ALA A 35 -6.23 -28.11 11.09
CA ALA A 35 -5.14 -27.20 10.82
C ALA A 35 -4.70 -26.56 12.13
N MET A 36 -3.45 -26.09 12.16
CA MET A 36 -2.90 -25.37 13.29
C MET A 36 -2.15 -24.15 12.76
N ILE A 37 -2.38 -22.98 13.36
CA ILE A 37 -1.56 -21.79 13.12
C ILE A 37 -0.36 -21.85 14.08
N ILE A 38 0.86 -21.87 13.54
CA ILE A 38 2.08 -21.94 14.35
C ILE A 38 2.75 -20.57 14.32
N SER A 39 3.01 -20.00 15.50
CA SER A 39 3.50 -18.63 15.59
C SER A 39 4.70 -18.52 16.52
N TRP A 40 5.60 -17.61 16.19
CA TRP A 40 6.83 -17.44 16.95
C TRP A 40 7.52 -16.16 16.51
N VAL A 41 8.50 -15.72 17.31
CA VAL A 41 9.25 -14.49 17.08
C VAL A 41 10.75 -14.81 17.08
N THR A 42 11.46 -14.31 16.07
CA THR A 42 12.93 -14.31 16.09
C THR A 42 13.43 -12.89 16.27
N MET A 43 14.50 -12.74 17.04
CA MET A 43 14.92 -11.41 17.46
C MET A 43 16.23 -10.96 16.87
N ASP A 44 17.10 -11.88 16.43
CA ASP A 44 18.40 -11.52 15.86
C ASP A 44 18.34 -11.18 14.37
N GLU A 45 17.54 -11.90 13.59
CA GLU A 45 17.41 -11.61 12.18
C GLU A 45 16.13 -12.27 11.68
N PRO A 46 15.63 -11.87 10.49
CA PRO A 46 14.33 -12.39 10.03
C PRO A 46 14.11 -13.90 10.13
N GLY A 47 15.06 -14.72 9.69
CA GLY A 47 14.92 -16.17 9.79
C GLY A 47 13.88 -16.75 8.83
N SER A 48 13.80 -18.08 8.83
CA SER A 48 12.85 -18.79 7.99
C SER A 48 11.49 -18.92 8.67
N SER A 49 10.41 -18.81 7.87
CA SER A 49 9.05 -19.06 8.34
C SER A 49 8.56 -20.47 8.06
N ALA A 50 9.47 -21.40 7.77
CA ALA A 50 9.08 -22.78 7.53
C ALA A 50 8.95 -23.55 8.84
N VAL A 51 8.00 -24.48 8.86
CA VAL A 51 7.77 -25.37 9.99
C VAL A 51 7.98 -26.79 9.49
N ARG A 52 8.88 -27.53 10.13
CA ARG A 52 8.99 -28.97 9.92
C ARG A 52 8.08 -29.66 10.92
N TYR A 53 7.43 -30.74 10.50
CA TYR A 53 6.44 -31.35 11.37
C TYR A 53 6.16 -32.79 10.93
N TRP A 54 5.76 -33.61 11.89
CA TRP A 54 5.43 -34.98 11.56
C TRP A 54 4.50 -35.54 12.62
N SER A 55 3.73 -36.55 12.21
CA SER A 55 2.90 -37.27 13.16
C SER A 55 3.71 -38.40 13.79
N GLU A 56 3.30 -38.77 14.99
CA GLU A 56 3.84 -39.96 15.64
C GLU A 56 3.40 -41.21 14.90
N LYS A 57 2.26 -41.13 14.23
CA LYS A 57 1.64 -42.28 13.57
C LYS A 57 2.39 -42.70 12.32
N ASN A 58 2.77 -41.72 11.47
CA ASN A 58 3.40 -42.00 10.18
C ASN A 58 4.86 -41.59 10.09
N GLY A 59 5.33 -40.67 10.95
CA GLY A 59 6.73 -40.29 11.02
C GLY A 59 7.33 -39.73 9.74
N ARG A 60 6.51 -39.08 8.91
CA ARG A 60 6.98 -38.49 7.67
C ARG A 60 7.20 -36.99 7.87
N LYS A 61 8.45 -36.55 7.83
CA LYS A 61 8.74 -35.14 7.98
C LYS A 61 8.20 -34.35 6.79
N ARG A 62 7.45 -33.28 7.07
CA ARG A 62 6.89 -32.38 6.06
C ARG A 62 7.23 -30.93 6.38
N ILE A 63 7.16 -30.05 5.35
CA ILE A 63 7.52 -28.64 5.50
C ILE A 63 6.34 -27.77 5.09
N ALA A 64 6.07 -26.72 5.86
CA ALA A 64 5.03 -25.74 5.55
C ALA A 64 5.63 -24.36 5.68
N LYS A 65 5.36 -23.50 4.70
CA LYS A 65 5.96 -22.17 4.61
C LYS A 65 4.91 -21.12 4.95
N GLY A 66 5.27 -20.17 5.80
CA GLY A 66 4.36 -19.12 6.22
C GLY A 66 4.88 -17.73 5.91
N LYS A 67 4.52 -16.76 6.75
CA LYS A 67 4.87 -15.38 6.47
C LYS A 67 5.44 -14.70 7.69
N MET A 68 6.29 -13.72 7.43
CA MET A 68 6.97 -12.95 8.46
C MET A 68 6.47 -11.51 8.40
N SER A 69 6.31 -10.88 9.55
CA SER A 69 5.91 -9.48 9.54
C SER A 69 6.53 -8.77 10.73
N THR A 70 6.53 -7.44 10.67
CA THR A 70 7.08 -6.57 11.71
C THR A 70 6.11 -5.43 11.91
N TYR A 71 6.17 -4.80 13.10
CA TYR A 71 5.42 -3.57 13.28
C TYR A 71 6.23 -2.60 14.15
N ARG A 72 5.74 -1.35 14.19
CA ARG A 72 6.24 -0.32 15.09
C ARG A 72 5.09 0.28 15.88
N PHE A 73 5.37 0.64 17.15
CA PHE A 73 4.42 1.31 18.04
C PHE A 73 5.17 2.39 18.79
N PHE A 74 4.88 3.66 18.52
CA PHE A 74 5.67 4.77 19.04
C PHE A 74 7.15 4.53 18.76
N ASN A 75 7.98 4.43 19.79
CA ASN A 75 9.41 4.25 19.58
C ASN A 75 9.87 2.80 19.76
N TYR A 76 8.96 1.85 19.70
CA TYR A 76 9.31 0.44 19.77
C TYR A 76 9.31 -0.17 18.38
N SER A 77 10.27 -1.04 18.11
CA SER A 77 10.31 -1.82 16.89
C SER A 77 10.26 -3.30 17.21
N SER A 78 9.31 -4.02 16.63
CA SER A 78 9.15 -5.43 16.95
C SER A 78 10.31 -6.26 16.41
N GLY A 79 10.36 -7.50 16.88
CA GLY A 79 11.16 -8.51 16.24
C GLY A 79 10.43 -9.03 15.01
N PHE A 80 10.86 -10.19 14.54
CA PHE A 80 10.36 -10.75 13.30
C PHE A 80 9.31 -11.79 13.65
N ILE A 81 8.06 -11.48 13.31
CA ILE A 81 6.91 -12.27 13.74
C ILE A 81 6.59 -13.26 12.64
N HIS A 82 6.42 -14.54 12.99
CA HIS A 82 6.15 -15.59 12.01
C HIS A 82 4.78 -16.22 12.28
N HIS A 83 4.01 -16.42 11.22
CA HIS A 83 2.76 -17.19 11.29
C HIS A 83 2.68 -18.19 10.15
N THR A 84 2.39 -19.45 10.49
CA THR A 84 2.41 -20.52 9.49
C THR A 84 1.30 -21.50 9.81
N THR A 85 0.52 -21.83 8.80
CA THR A 85 -0.57 -22.77 8.96
C THR A 85 -0.17 -24.15 8.46
N ILE A 86 -0.18 -25.13 9.35
CA ILE A 86 -0.10 -26.55 9.00
C ILE A 86 -1.49 -27.06 8.65
N ARG A 87 -1.62 -27.77 7.55
CA ARG A 87 -2.95 -28.18 7.10
C ARG A 87 -3.02 -29.70 6.89
N LYS A 88 -4.26 -30.16 6.72
CA LYS A 88 -4.58 -31.55 6.38
C LYS A 88 -4.09 -32.52 7.44
N LEU A 89 -4.25 -32.15 8.72
CA LEU A 89 -3.78 -33.00 9.81
C LEU A 89 -4.79 -34.09 10.12
N LYS A 90 -4.28 -35.25 10.54
CA LYS A 90 -5.12 -36.35 11.00
C LYS A 90 -5.70 -36.05 12.38
N TYR A 91 -6.97 -36.41 12.57
CA TYR A 91 -7.64 -36.23 13.85
C TYR A 91 -7.04 -37.15 14.92
N ASN A 92 -7.12 -36.69 16.17
CA ASN A 92 -6.77 -37.49 17.36
C ASN A 92 -5.38 -38.12 17.24
N THR A 93 -4.39 -37.29 16.93
CA THR A 93 -3.06 -37.76 16.55
C THR A 93 -2.03 -36.81 17.12
N LYS A 94 -0.94 -37.37 17.65
CA LYS A 94 0.14 -36.55 18.20
C LYS A 94 1.11 -36.14 17.10
N TYR A 95 1.41 -34.84 17.04
CA TYR A 95 2.32 -34.27 16.06
C TYR A 95 3.48 -33.59 16.78
N TYR A 96 4.65 -33.66 16.17
CA TYR A 96 5.80 -32.85 16.57
C TYR A 96 6.00 -31.74 15.55
N TYR A 97 6.51 -30.59 16.00
CA TYR A 97 6.84 -29.52 15.06
C TYR A 97 8.08 -28.79 15.54
N GLU A 98 8.82 -28.25 14.58
CA GLU A 98 10.10 -27.56 14.80
C GLU A 98 10.08 -26.22 14.10
N VAL A 99 10.53 -25.19 14.80
CA VAL A 99 10.64 -23.87 14.22
C VAL A 99 12.07 -23.41 14.41
N GLY A 100 12.46 -22.41 13.62
CA GLY A 100 13.84 -21.96 13.62
C GLY A 100 14.76 -22.82 12.77
N LEU A 101 14.31 -23.24 11.60
CA LEU A 101 15.01 -24.28 10.87
C LEU A 101 16.39 -23.84 10.40
N ARG A 102 16.66 -22.54 10.37
CA ARG A 102 17.91 -22.08 9.78
C ARG A 102 19.06 -21.94 10.78
N ASN A 103 18.81 -21.59 12.05
CA ASN A 103 19.95 -21.38 12.93
C ASN A 103 19.79 -22.16 14.25
N THR A 104 18.96 -21.71 15.18
CA THR A 104 18.66 -22.54 16.35
C THR A 104 17.24 -23.09 16.21
N THR A 105 17.11 -24.40 16.28
CA THR A 105 15.84 -25.10 16.10
C THR A 105 15.26 -25.51 17.44
N ARG A 106 13.97 -25.28 17.63
CA ARG A 106 13.27 -25.71 18.84
C ARG A 106 12.09 -26.61 18.49
N ARG A 107 11.87 -27.64 19.30
CA ARG A 107 10.87 -28.66 19.00
C ARG A 107 9.79 -28.70 20.06
N PHE A 108 8.55 -28.87 19.60
CA PHE A 108 7.41 -28.91 20.49
C PHE A 108 6.46 -29.97 19.94
N SER A 109 5.28 -30.07 20.54
CA SER A 109 4.33 -31.06 20.08
C SER A 109 2.93 -30.61 20.43
N PHE A 110 1.95 -31.20 19.76
CA PHE A 110 0.55 -31.01 20.10
C PHE A 110 -0.22 -32.26 19.70
N ILE A 111 -1.50 -32.28 20.05
CA ILE A 111 -2.40 -33.38 19.70
C ILE A 111 -3.65 -32.80 19.06
N THR A 112 -3.93 -33.19 17.82
CA THR A 112 -5.14 -32.71 17.18
C THR A 112 -6.36 -33.22 17.94
N PRO A 113 -7.48 -32.52 17.83
CA PRO A 113 -8.73 -32.99 18.45
C PRO A 113 -9.27 -34.18 17.70
N PRO A 114 -10.20 -34.92 18.30
CA PRO A 114 -11.01 -35.88 17.51
C PRO A 114 -11.92 -35.11 16.57
N GLN A 115 -12.44 -35.83 15.55
CA GLN A 115 -13.37 -35.24 14.59
C GLN A 115 -14.67 -34.82 15.28
N THR A 116 -15.27 -33.74 14.79
CA THR A 116 -16.47 -33.22 15.44
C THR A 116 -17.56 -34.29 15.43
N GLY A 117 -18.28 -34.39 16.54
CA GLY A 117 -19.30 -35.42 16.68
C GLY A 117 -20.09 -35.24 17.96
N LEU A 118 -21.13 -36.05 18.07
CA LEU A 118 -22.16 -35.83 19.08
C LEU A 118 -21.64 -36.10 20.50
N ASP A 119 -20.99 -37.24 20.71
CA ASP A 119 -20.62 -37.67 22.05
C ASP A 119 -19.11 -37.67 22.27
N VAL A 120 -18.40 -36.72 21.66
CA VAL A 120 -16.94 -36.68 21.71
C VAL A 120 -16.54 -35.85 22.93
N PRO A 121 -15.91 -36.45 23.93
CA PRO A 121 -15.50 -35.68 25.12
C PRO A 121 -14.32 -34.75 24.82
N TYR A 122 -14.25 -33.67 25.59
CA TYR A 122 -13.19 -32.69 25.42
C TYR A 122 -13.17 -31.79 26.64
N THR A 123 -11.98 -31.48 27.14
CA THR A 123 -11.83 -30.65 28.34
C THR A 123 -11.24 -29.32 27.95
N PHE A 124 -12.04 -28.24 28.09
CA PHE A 124 -11.61 -26.87 27.79
C PHE A 124 -11.22 -26.14 29.08
N GLY A 125 -10.04 -25.54 29.08
CA GLY A 125 -9.68 -24.64 30.16
C GLY A 125 -10.26 -23.25 29.93
N LEU A 126 -10.52 -22.54 31.03
CA LEU A 126 -11.08 -21.18 30.94
C LEU A 126 -10.21 -20.23 31.73
N ILE A 127 -9.63 -19.25 31.03
CA ILE A 127 -8.67 -18.30 31.59
C ILE A 127 -9.01 -16.92 31.05
N GLY A 128 -9.09 -15.92 31.93
CA GLY A 128 -9.39 -14.57 31.51
C GLY A 128 -8.54 -13.56 32.25
N ASP A 129 -8.17 -12.49 31.55
CA ASP A 129 -7.40 -11.38 32.14
C ASP A 129 -6.13 -11.88 32.87
N LEU A 130 -5.24 -12.52 32.10
CA LEU A 130 -4.12 -13.25 32.70
C LEU A 130 -3.02 -12.32 33.22
N GLY A 131 -2.52 -11.41 32.41
CA GLY A 131 -1.46 -10.55 32.91
C GLY A 131 -0.15 -11.31 33.10
N GLN A 132 0.76 -10.69 33.85
CA GLN A 132 2.08 -11.24 34.12
C GLN A 132 2.53 -10.82 35.52
N SER A 133 1.63 -10.91 36.49
CA SER A 133 1.97 -10.72 37.88
C SER A 133 2.34 -12.08 38.49
N PHE A 134 2.65 -12.10 39.79
CA PHE A 134 2.93 -13.38 40.42
C PHE A 134 1.69 -14.23 40.55
N ASP A 135 0.52 -13.59 40.69
CA ASP A 135 -0.75 -14.31 40.71
C ASP A 135 -0.99 -14.99 39.39
N SER A 136 -0.64 -14.31 38.28
CA SER A 136 -0.78 -14.92 36.96
C SER A 136 0.04 -16.21 36.86
N ASN A 137 1.25 -16.19 37.40
CA ASN A 137 2.09 -17.39 37.34
C ASN A 137 1.45 -18.54 38.13
N THR A 138 0.83 -18.23 39.28
CA THR A 138 0.19 -19.27 40.07
C THR A 138 -0.97 -19.88 39.32
N THR A 139 -1.86 -19.03 38.77
CA THR A 139 -2.98 -19.53 37.98
C THR A 139 -2.50 -20.45 36.87
N LEU A 140 -1.51 -20.00 36.09
CA LEU A 140 -0.95 -20.83 35.03
C LEU A 140 -0.44 -22.16 35.56
N SER A 141 0.25 -22.16 36.72
CA SER A 141 0.71 -23.41 37.31
C SER A 141 -0.47 -24.30 37.72
N HIS A 142 -1.51 -23.72 38.32
CA HIS A 142 -2.67 -24.52 38.69
C HIS A 142 -3.34 -25.14 37.47
N TYR A 143 -3.36 -24.41 36.36
CA TYR A 143 -3.96 -24.99 35.15
C TYR A 143 -3.16 -26.19 34.66
N GLU A 144 -1.85 -26.03 34.48
CA GLU A 144 -1.04 -27.10 33.91
C GLU A 144 -0.91 -28.29 34.84
N LEU A 145 -1.22 -28.11 36.12
CA LEU A 145 -1.10 -29.18 37.10
C LEU A 145 -2.44 -29.82 37.39
N SER A 146 -3.49 -29.39 36.69
CA SER A 146 -4.83 -29.79 37.05
C SER A 146 -5.06 -31.24 36.64
N PRO A 147 -5.56 -32.08 37.55
CA PRO A 147 -5.82 -33.47 37.17
C PRO A 147 -6.89 -33.63 36.11
N LYS A 148 -7.75 -32.62 35.91
CA LYS A 148 -8.75 -32.71 34.85
C LYS A 148 -8.12 -32.62 33.45
N LYS A 149 -6.89 -32.08 33.36
CA LYS A 149 -6.05 -31.97 32.17
C LYS A 149 -6.76 -31.32 30.99
N GLY A 150 -6.69 -30.00 30.91
CA GLY A 150 -7.34 -29.30 29.83
C GLY A 150 -6.56 -29.50 28.54
N GLN A 151 -7.31 -29.58 27.43
CA GLN A 151 -6.76 -29.84 26.11
C GLN A 151 -6.68 -28.59 25.24
N THR A 152 -7.36 -27.53 25.62
CA THR A 152 -7.46 -26.29 24.86
C THR A 152 -7.95 -25.22 25.81
N VAL A 153 -7.37 -24.01 25.73
CA VAL A 153 -7.76 -22.89 26.58
C VAL A 153 -8.70 -21.96 25.82
N LEU A 154 -9.86 -21.67 26.42
CA LEU A 154 -10.73 -20.58 25.93
C LEU A 154 -10.36 -19.30 26.65
N PHE A 155 -9.70 -18.38 25.94
CA PHE A 155 -9.16 -17.16 26.56
C PHE A 155 -10.08 -15.97 26.26
N VAL A 156 -10.59 -15.32 27.31
CA VAL A 156 -11.69 -14.35 27.16
C VAL A 156 -11.20 -12.91 27.21
N GLY A 157 -9.91 -12.67 26.98
CA GLY A 157 -9.40 -11.35 26.69
C GLY A 157 -8.60 -10.75 27.85
N ASP A 158 -7.89 -9.67 27.49
CA ASP A 158 -6.91 -8.95 28.30
C ASP A 158 -5.68 -9.84 28.50
N LEU A 159 -4.68 -9.68 27.61
CA LEU A 159 -3.56 -10.59 27.54
C LEU A 159 -2.36 -10.10 28.38
N SER A 160 -1.59 -9.17 27.84
CA SER A 160 -0.31 -8.87 28.43
C SER A 160 -0.39 -7.75 29.46
N TYR A 161 -1.42 -6.91 29.37
CA TYR A 161 -1.52 -5.67 30.14
C TYR A 161 -0.32 -4.76 29.90
N ALA A 162 0.29 -4.85 28.69
CA ALA A 162 1.39 -3.96 28.36
C ALA A 162 0.95 -2.51 28.28
N ASP A 163 -0.33 -2.25 28.00
CA ASP A 163 -0.78 -0.86 27.86
C ASP A 163 -0.83 -0.12 29.19
N ARG A 164 -0.45 -0.74 30.30
CA ARG A 164 -0.38 -0.03 31.57
CA ARG A 164 -0.37 -0.04 31.57
C ARG A 164 0.99 0.62 31.80
N TYR A 165 1.94 0.37 30.93
CA TYR A 165 3.30 0.86 30.97
C TYR A 165 3.45 2.14 30.16
N PRO A 166 4.47 2.96 30.44
CA PRO A 166 4.72 4.17 29.63
C PRO A 166 4.92 3.85 28.16
N ASN A 167 4.15 4.54 27.33
CA ASN A 167 4.08 4.31 25.88
C ASN A 167 3.67 2.90 25.53
N HIS A 168 2.95 2.23 26.43
CA HIS A 168 2.47 0.85 26.22
C HIS A 168 3.65 -0.12 26.05
N ASP A 169 4.75 0.14 26.76
CA ASP A 169 6.03 -0.54 26.55
C ASP A 169 5.87 -1.95 26.00
N ASN A 170 5.88 -2.06 24.67
CA ASN A 170 5.61 -3.33 24.02
C ASN A 170 6.64 -4.42 24.34
N VAL A 171 7.72 -4.10 25.06
CA VAL A 171 8.58 -5.15 25.58
C VAL A 171 7.79 -6.09 26.48
N ARG A 172 6.76 -5.55 27.15
CA ARG A 172 5.90 -6.37 27.98
C ARG A 172 4.93 -7.25 27.20
N TRP A 173 4.82 -7.07 25.88
CA TRP A 173 4.20 -8.12 25.06
C TRP A 173 5.16 -9.28 24.84
N ASP A 174 6.43 -8.97 24.61
CA ASP A 174 7.45 -10.00 24.39
C ASP A 174 7.63 -10.88 25.63
N THR A 175 7.79 -10.25 26.79
CA THR A 175 7.86 -11.01 28.04
C THR A 175 6.64 -11.91 28.22
N TRP A 176 5.43 -11.37 27.99
CA TRP A 176 4.23 -12.20 28.17
C TRP A 176 4.24 -13.39 27.20
N GLY A 177 4.71 -13.16 25.98
CA GLY A 177 4.78 -14.27 25.03
C GLY A 177 5.74 -15.36 25.50
N ARG A 178 6.85 -14.97 26.14
CA ARG A 178 7.80 -15.97 26.64
C ARG A 178 7.25 -16.68 27.88
N PHE A 179 6.45 -15.98 28.68
CA PHE A 179 5.85 -16.57 29.88
C PHE A 179 4.78 -17.61 29.52
N THR A 180 3.85 -17.28 28.63
CA THR A 180 2.79 -18.21 28.32
C THR A 180 3.24 -19.38 27.44
N GLU A 181 4.44 -19.30 26.84
CA GLU A 181 4.91 -20.35 25.93
C GLU A 181 4.83 -21.75 26.55
N ARG A 182 5.14 -21.86 27.84
CA ARG A 182 5.21 -23.19 28.43
C ARG A 182 3.87 -23.92 28.41
N SER A 183 2.77 -23.20 28.09
CA SER A 183 1.50 -23.84 27.81
C SER A 183 1.10 -23.71 26.35
N VAL A 184 1.05 -22.48 25.80
CA VAL A 184 0.41 -22.31 24.49
C VAL A 184 1.25 -22.85 23.34
N ALA A 185 2.49 -23.27 23.60
CA ALA A 185 3.23 -23.91 22.52
C ALA A 185 2.81 -25.36 22.30
N TYR A 186 2.16 -25.97 23.29
CA TYR A 186 1.74 -27.37 23.24
C TYR A 186 0.24 -27.60 23.12
N GLN A 187 -0.58 -26.58 23.37
CA GLN A 187 -2.01 -26.74 23.20
C GLN A 187 -2.58 -25.40 22.73
N PRO A 188 -3.57 -25.43 21.85
CA PRO A 188 -4.12 -24.17 21.33
C PRO A 188 -4.85 -23.38 22.40
N TRP A 189 -4.75 -22.06 22.31
CA TRP A 189 -5.58 -21.12 23.05
C TRP A 189 -6.43 -20.39 22.03
N ILE A 190 -7.72 -20.21 22.33
CA ILE A 190 -8.66 -19.56 21.42
C ILE A 190 -8.77 -18.12 21.89
N TRP A 191 -8.35 -17.17 21.05
CA TRP A 191 -8.14 -15.79 21.49
C TRP A 191 -9.42 -14.96 21.37
N THR A 192 -9.76 -14.26 22.47
CA THR A 192 -10.77 -13.20 22.50
C THR A 192 -10.08 -11.85 22.71
N ALA A 193 -10.61 -10.79 22.12
CA ALA A 193 -9.98 -9.47 22.21
C ALA A 193 -10.59 -8.67 23.35
N GLY A 194 -9.77 -8.30 24.33
CA GLY A 194 -10.23 -7.55 25.48
C GLY A 194 -10.00 -6.07 25.31
N ASN A 195 -10.41 -5.28 26.33
CA ASN A 195 -10.21 -3.83 26.24
C ASN A 195 -8.75 -3.43 26.41
N HIS A 196 -7.94 -4.24 27.10
CA HIS A 196 -6.51 -3.92 27.15
C HIS A 196 -5.78 -4.17 25.84
N GLU A 197 -6.42 -4.81 24.85
CA GLU A 197 -5.85 -4.94 23.50
C GLU A 197 -6.17 -3.77 22.57
N ILE A 198 -7.02 -2.82 22.98
CA ILE A 198 -7.44 -1.75 22.07
C ILE A 198 -6.25 -0.89 21.70
N GLU A 199 -5.50 -0.45 22.72
CA GLU A 199 -4.31 0.37 22.58
C GLU A 199 -4.55 1.54 21.63
N PHE A 200 -5.69 2.21 21.86
CA PHE A 200 -6.00 3.47 21.18
C PHE A 200 -5.27 4.59 21.92
N ALA A 201 -4.22 5.15 21.31
CA ALA A 201 -3.38 6.15 21.99
C ALA A 201 -3.01 7.28 21.02
N PRO A 202 -3.97 8.15 20.71
CA PRO A 202 -3.70 9.21 19.73
C PRO A 202 -2.68 10.21 20.21
N GLU A 203 -2.51 10.35 21.52
CA GLU A 203 -1.52 11.29 22.04
C GLU A 203 -0.12 10.94 21.54
N ILE A 204 0.14 9.67 21.19
CA ILE A 204 1.40 9.26 20.57
C ILE A 204 1.16 8.71 19.17
N ASN A 205 0.15 9.25 18.46
CA ASN A 205 -0.10 8.95 17.04
CA ASN A 205 -0.11 8.96 17.05
C ASN A 205 -0.31 7.46 16.79
N GLU A 206 -0.90 6.73 17.73
CA GLU A 206 -1.21 5.31 17.52
C GLU A 206 -2.72 5.17 17.60
N THR A 207 -3.36 5.23 16.45
CA THR A 207 -4.81 5.30 16.39
C THR A 207 -5.46 4.09 15.72
N GLU A 208 -4.67 3.10 15.27
CA GLU A 208 -5.28 1.88 14.74
C GLU A 208 -5.60 0.92 15.87
N PRO A 209 -6.87 0.68 16.18
CA PRO A 209 -7.20 -0.18 17.34
C PRO A 209 -6.73 -1.63 17.15
N PHE A 210 -6.25 -2.21 18.25
CA PHE A 210 -5.84 -3.62 18.33
C PHE A 210 -4.57 -3.94 17.54
N LYS A 211 -3.73 -2.94 17.20
CA LYS A 211 -2.60 -3.21 16.32
C LYS A 211 -1.60 -4.20 16.92
N PRO A 212 -1.05 -4.01 18.14
CA PRO A 212 -0.07 -5.01 18.64
C PRO A 212 -0.67 -6.41 18.76
N PHE A 213 -1.83 -6.52 19.40
CA PHE A 213 -2.51 -7.80 19.52
C PHE A 213 -2.62 -8.50 18.16
N SER A 214 -3.07 -7.76 17.15
CA SER A 214 -3.40 -8.39 15.87
C SER A 214 -2.15 -8.79 15.08
N TYR A 215 -1.02 -8.13 15.29
CA TYR A 215 0.20 -8.59 14.63
C TYR A 215 0.73 -9.87 15.28
N ARG A 216 0.61 -9.97 16.60
CA ARG A 216 1.16 -11.11 17.35
C ARG A 216 0.24 -12.33 17.40
N TYR A 217 -1.08 -12.16 17.48
CA TYR A 217 -1.99 -13.30 17.68
C TYR A 217 -2.95 -13.38 16.51
N HIS A 218 -2.72 -14.33 15.59
CA HIS A 218 -3.59 -14.56 14.44
C HIS A 218 -4.65 -15.59 14.78
N VAL A 219 -5.73 -15.57 14.01
CA VAL A 219 -6.91 -16.43 14.23
C VAL A 219 -7.46 -16.84 12.87
N PRO A 220 -8.16 -17.98 12.80
CA PRO A 220 -8.65 -18.48 11.49
C PRO A 220 -10.01 -17.92 11.06
N TYR A 221 -10.11 -16.59 10.91
CA TYR A 221 -11.45 -16.00 10.84
C TYR A 221 -12.12 -16.19 9.47
N GLU A 222 -11.36 -16.38 8.41
CA GLU A 222 -12.00 -16.60 7.11
C GLU A 222 -12.64 -17.97 6.98
N ALA A 223 -12.36 -18.90 7.91
CA ALA A 223 -12.93 -20.23 7.79
C ALA A 223 -14.41 -20.26 8.10
N SER A 224 -14.90 -19.27 8.85
CA SER A 224 -16.32 -19.08 9.13
C SER A 224 -16.87 -17.86 8.39
N GLN A 225 -16.13 -17.37 7.40
CA GLN A 225 -16.51 -16.21 6.56
C GLN A 225 -16.69 -14.93 7.37
N SER A 226 -16.02 -14.79 8.51
CA SER A 226 -15.86 -13.48 9.09
C SER A 226 -14.94 -12.64 8.21
N THR A 227 -15.08 -11.31 8.30
CA THR A 227 -14.20 -10.42 7.57
C THR A 227 -13.21 -9.72 8.49
N SER A 228 -13.10 -10.18 9.74
CA SER A 228 -12.28 -9.49 10.69
C SER A 228 -11.77 -10.49 11.70
N PRO A 229 -10.53 -10.39 12.15
CA PRO A 229 -10.02 -11.33 13.17
C PRO A 229 -10.69 -11.20 14.53
N PHE A 230 -11.54 -10.19 14.76
CA PHE A 230 -12.04 -9.95 16.10
C PHE A 230 -13.39 -10.60 16.37
N TRP A 231 -14.03 -11.15 15.34
CA TRP A 231 -15.10 -12.11 15.56
C TRP A 231 -14.95 -13.27 14.59
N TYR A 232 -15.25 -14.46 15.10
CA TYR A 232 -15.09 -15.69 14.33
C TYR A 232 -15.57 -16.88 15.16
N SER A 233 -15.46 -18.04 14.53
CA SER A 233 -16.12 -19.26 14.96
C SER A 233 -15.19 -20.43 14.69
N ILE A 234 -15.11 -21.35 15.63
CA ILE A 234 -14.43 -22.61 15.35
C ILE A 234 -15.19 -23.75 16.00
N LYS A 235 -15.00 -24.94 15.43
CA LYS A 235 -15.56 -26.18 15.95
C LYS A 235 -14.42 -27.12 16.33
N ARG A 236 -14.57 -27.75 17.49
CA ARG A 236 -13.55 -28.65 18.03
C ARG A 236 -14.27 -29.71 18.86
N ALA A 237 -14.08 -30.99 18.52
CA ALA A 237 -14.72 -32.10 19.25
C ALA A 237 -16.22 -31.87 19.19
N SER A 238 -16.93 -31.79 20.31
CA SER A 238 -18.38 -31.65 20.30
C SER A 238 -18.84 -30.23 20.58
N ALA A 239 -18.00 -29.23 20.28
CA ALA A 239 -18.25 -27.84 20.61
C ALA A 239 -18.27 -26.97 19.36
N HIS A 240 -19.16 -25.97 19.35
CA HIS A 240 -19.16 -24.88 18.39
C HIS A 240 -18.90 -23.61 19.17
N ILE A 241 -17.73 -23.02 19.03
CA ILE A 241 -17.34 -21.86 19.84
C ILE A 241 -17.46 -20.61 18.98
N ILE A 242 -18.21 -19.62 19.45
CA ILE A 242 -18.40 -18.35 18.77
C ILE A 242 -17.69 -17.27 19.57
N VAL A 243 -16.78 -16.54 18.92
CA VAL A 243 -15.97 -15.50 19.55
C VAL A 243 -16.47 -14.13 19.07
N LEU A 244 -16.68 -13.20 20.00
CA LEU A 244 -17.24 -11.88 19.70
C LEU A 244 -16.31 -10.76 20.15
N SER A 245 -16.51 -9.54 19.64
CA SER A 245 -15.66 -8.41 19.99
C SER A 245 -16.46 -7.32 20.70
N SER A 246 -16.25 -7.16 22.01
CA SER A 246 -16.98 -6.19 22.80
C SER A 246 -16.70 -4.75 22.38
N TYR A 247 -15.56 -4.50 21.71
CA TYR A 247 -15.09 -3.16 21.36
C TYR A 247 -15.04 -2.95 19.84
N SER A 248 -15.80 -3.75 19.08
CA SER A 248 -16.08 -3.43 17.68
C SER A 248 -17.54 -2.98 17.54
N ALA A 249 -17.90 -2.53 16.34
CA ALA A 249 -19.29 -2.19 16.14
C ALA A 249 -20.16 -3.46 16.20
N TYR A 250 -21.37 -3.30 16.70
CA TYR A 250 -22.36 -4.37 16.64
C TYR A 250 -23.76 -3.83 16.39
N GLY A 251 -23.89 -2.57 15.97
CA GLY A 251 -25.18 -2.08 15.52
C GLY A 251 -25.76 -2.91 14.39
N ARG A 252 -27.07 -2.84 14.24
CA ARG A 252 -27.77 -3.60 13.20
C ARG A 252 -27.30 -3.18 11.82
N GLY A 253 -26.83 -4.14 11.03
CA GLY A 253 -26.26 -3.89 9.72
C GLY A 253 -24.74 -3.94 9.66
N THR A 254 -24.05 -3.73 10.79
CA THR A 254 -22.58 -3.76 10.83
C THR A 254 -22.04 -5.16 10.50
N PRO A 255 -20.76 -5.24 10.09
CA PRO A 255 -20.15 -6.56 9.85
C PRO A 255 -20.34 -7.57 10.96
N GLN A 256 -20.04 -7.21 12.22
CA GLN A 256 -20.12 -8.19 13.28
C GLN A 256 -21.55 -8.65 13.50
N TYR A 257 -22.50 -7.71 13.47
CA TYR A 257 -23.91 -8.04 13.64
C TYR A 257 -24.40 -8.96 12.53
N THR A 258 -24.11 -8.61 11.28
CA THR A 258 -24.46 -9.42 10.12
C THR A 258 -23.88 -10.84 10.25
N TRP A 259 -22.60 -10.96 10.59
CA TRP A 259 -21.96 -12.27 10.68
C TRP A 259 -22.57 -13.13 11.78
N LEU A 260 -22.83 -12.55 12.95
CA LEU A 260 -23.37 -13.35 14.05
C LEU A 260 -24.78 -13.84 13.73
N LYS A 261 -25.61 -13.01 13.08
CA LYS A 261 -26.96 -13.44 12.73
C LYS A 261 -26.92 -14.63 11.78
N LYS A 262 -26.03 -14.58 10.78
CA LYS A 262 -25.90 -15.68 9.85
C LYS A 262 -25.28 -16.90 10.51
N GLU A 263 -24.32 -16.70 11.42
CA GLU A 263 -23.58 -17.84 11.96
C GLU A 263 -24.43 -18.65 12.92
N LEU A 264 -25.28 -17.99 13.72
CA LEU A 264 -26.16 -18.75 14.60
C LEU A 264 -27.06 -19.67 13.79
N ARG A 265 -27.43 -19.25 12.58
CA ARG A 265 -28.26 -20.09 11.71
C ARG A 265 -27.51 -21.28 11.15
N LYS A 266 -26.18 -21.19 11.04
CA LYS A 266 -25.38 -22.30 10.56
C LYS A 266 -25.09 -23.36 11.61
N VAL A 267 -25.35 -23.10 12.90
CA VAL A 267 -24.97 -24.05 13.94
C VAL A 267 -25.78 -25.34 13.78
N LYS A 268 -25.08 -26.46 13.70
CA LYS A 268 -25.71 -27.77 13.55
C LYS A 268 -25.50 -28.51 14.86
N ARG A 269 -26.49 -28.44 15.75
CA ARG A 269 -26.42 -29.10 17.05
C ARG A 269 -26.46 -30.64 16.94
N SER A 270 -26.82 -31.19 15.78
CA SER A 270 -26.65 -32.63 15.59
C SER A 270 -25.22 -33.01 15.27
N GLU A 271 -24.31 -32.05 15.16
CA GLU A 271 -22.91 -32.33 14.94
C GLU A 271 -22.04 -31.87 16.11
N THR A 272 -22.23 -30.63 16.55
CA THR A 272 -21.58 -30.08 17.73
C THR A 272 -22.71 -29.69 18.68
N PRO A 273 -23.04 -30.52 19.67
CA PRO A 273 -24.16 -30.18 20.55
C PRO A 273 -23.89 -29.05 21.55
N TRP A 274 -22.63 -28.66 21.80
CA TRP A 274 -22.34 -27.64 22.80
C TRP A 274 -22.09 -26.32 22.10
N LEU A 275 -22.98 -25.35 22.31
CA LEU A 275 -22.87 -24.02 21.76
C LEU A 275 -22.32 -23.08 22.85
N ILE A 276 -21.15 -22.51 22.60
CA ILE A 276 -20.39 -21.74 23.59
C ILE A 276 -20.00 -20.40 22.95
N VAL A 277 -20.25 -19.30 23.67
CA VAL A 277 -19.92 -17.96 23.20
C VAL A 277 -18.87 -17.35 24.12
N LEU A 278 -17.80 -16.82 23.54
CA LEU A 278 -16.79 -16.02 24.25
C LEU A 278 -16.93 -14.55 23.90
N MET A 279 -16.81 -13.70 24.92
CA MET A 279 -16.74 -12.24 24.79
C MET A 279 -16.02 -11.72 26.01
N HIS A 280 -15.50 -10.48 25.92
CA HIS A 280 -14.72 -9.96 27.05
C HIS A 280 -15.60 -9.42 28.18
N SER A 281 -16.56 -8.57 27.85
CA SER A 281 -17.35 -7.81 28.81
C SER A 281 -18.62 -8.59 29.16
N PRO A 282 -18.85 -8.89 30.43
CA PRO A 282 -19.98 -9.74 30.78
C PRO A 282 -21.30 -9.04 30.60
N LEU A 283 -22.31 -9.82 30.19
CA LEU A 283 -23.69 -9.33 30.09
C LEU A 283 -24.41 -9.35 31.43
N TYR A 284 -24.08 -10.31 32.28
CA TYR A 284 -24.58 -10.36 33.64
C TYR A 284 -23.40 -10.24 34.59
N ASN A 285 -23.52 -9.34 35.55
CA ASN A 285 -22.41 -8.98 36.43
C ASN A 285 -22.93 -8.20 37.63
N SER A 286 -22.70 -8.68 38.85
CA SER A 286 -23.17 -7.98 40.04
C SER A 286 -22.03 -7.44 40.91
N TYR A 287 -20.81 -7.37 40.39
CA TYR A 287 -19.76 -6.60 41.04
C TYR A 287 -19.90 -5.12 40.69
N ASN A 288 -19.41 -4.27 41.58
CA ASN A 288 -19.43 -2.83 41.33
C ASN A 288 -18.56 -2.46 40.14
N HIS A 289 -17.45 -3.15 39.98
CA HIS A 289 -16.48 -2.75 38.97
C HIS A 289 -16.98 -3.12 37.57
N HIS A 290 -17.05 -2.12 36.68
CA HIS A 290 -17.64 -2.27 35.35
C HIS A 290 -19.12 -2.69 35.40
N PHE A 291 -19.82 -2.44 36.51
CA PHE A 291 -21.24 -2.73 36.59
C PHE A 291 -22.00 -2.08 35.44
N MET A 292 -22.73 -2.91 34.68
CA MET A 292 -23.63 -2.54 33.57
C MET A 292 -22.91 -2.13 32.29
N GLU A 293 -21.59 -2.30 32.19
CA GLU A 293 -20.94 -2.02 30.91
C GLU A 293 -21.42 -2.94 29.80
N GLY A 294 -21.95 -4.11 30.14
CA GLY A 294 -22.45 -5.05 29.18
C GLY A 294 -23.83 -4.79 28.68
N GLU A 295 -24.53 -3.81 29.28
CA GLU A 295 -25.93 -3.57 28.93
C GLU A 295 -26.11 -3.36 27.43
N ALA A 296 -25.21 -2.61 26.80
CA ALA A 296 -25.36 -2.32 25.38
C ALA A 296 -25.37 -3.61 24.55
N MET A 297 -24.34 -4.44 24.67
CA MET A 297 -24.31 -5.68 23.89
C MET A 297 -25.50 -6.56 24.23
N ARG A 298 -25.92 -6.58 25.49
CA ARG A 298 -27.02 -7.45 25.89
C ARG A 298 -28.31 -7.12 25.15
N THR A 299 -28.68 -5.82 25.06
CA THR A 299 -29.90 -5.46 24.35
C THR A 299 -29.86 -5.90 22.90
N LYS A 300 -28.66 -6.01 22.32
CA LYS A 300 -28.51 -6.40 20.92
C LYS A 300 -28.58 -7.92 20.73
N PHE A 301 -27.92 -8.71 21.57
CA PHE A 301 -27.73 -10.12 21.27
C PHE A 301 -28.39 -11.11 22.26
N GLU A 302 -28.99 -10.65 23.35
CA GLU A 302 -29.43 -11.59 24.38
C GLU A 302 -30.59 -12.45 23.88
N ALA A 303 -31.58 -11.85 23.23
CA ALA A 303 -32.69 -12.64 22.70
C ALA A 303 -32.22 -13.69 21.69
N TRP A 304 -31.16 -13.41 20.91
CA TRP A 304 -30.62 -14.43 20.01
C TRP A 304 -30.04 -15.61 20.78
N PHE A 305 -29.31 -15.35 21.86
CA PHE A 305 -28.73 -16.42 22.66
C PHE A 305 -29.82 -17.29 23.28
N VAL A 306 -30.92 -16.69 23.71
CA VAL A 306 -32.02 -17.47 24.23
C VAL A 306 -32.65 -18.27 23.11
N LYS A 307 -32.83 -17.64 21.95
CA LYS A 307 -33.50 -18.29 20.83
C LYS A 307 -32.75 -19.53 20.36
N TYR A 308 -31.43 -19.45 20.17
CA TYR A 308 -30.66 -20.58 19.66
C TYR A 308 -30.12 -21.48 20.77
N LYS A 309 -30.63 -21.31 21.99
CA LYS A 309 -30.31 -22.18 23.11
C LYS A 309 -28.80 -22.33 23.28
N VAL A 310 -28.14 -21.18 23.37
CA VAL A 310 -26.74 -21.18 23.75
C VAL A 310 -26.61 -21.82 25.12
N ASP A 311 -25.65 -22.72 25.26
CA ASP A 311 -25.50 -23.41 26.54
C ASP A 311 -24.81 -22.52 27.58
N VAL A 312 -23.75 -21.80 27.20
CA VAL A 312 -22.96 -21.07 28.18
C VAL A 312 -22.28 -19.90 27.46
N VAL A 313 -22.17 -18.76 28.16
CA VAL A 313 -21.41 -17.58 27.70
C VAL A 313 -20.29 -17.32 28.71
N PHE A 314 -19.06 -17.24 28.22
CA PHE A 314 -17.89 -16.98 29.05
C PHE A 314 -17.43 -15.55 28.82
N ALA A 315 -17.14 -14.84 29.91
CA ALA A 315 -16.63 -13.47 29.84
C ALA A 315 -15.55 -13.28 30.89
N GLY A 316 -14.84 -12.15 30.76
CA GLY A 316 -13.81 -11.71 31.69
C GLY A 316 -14.03 -10.30 32.18
N HIS A 317 -13.00 -9.42 32.11
CA HIS A 317 -13.12 -7.99 32.40
C HIS A 317 -13.35 -7.71 33.91
N VAL A 318 -14.28 -8.39 34.57
CA VAL A 318 -14.34 -8.25 36.02
C VAL A 318 -13.28 -9.16 36.65
N HIS A 319 -12.46 -8.60 37.56
CA HIS A 319 -11.36 -9.39 38.13
C HIS A 319 -11.85 -10.20 39.33
N ALA A 320 -12.65 -11.23 39.02
CA ALA A 320 -13.27 -12.09 40.01
C ALA A 320 -14.03 -13.22 39.33
N TYR A 321 -14.73 -14.06 40.09
CA TYR A 321 -15.49 -15.18 39.56
C TYR A 321 -16.97 -14.96 39.87
N GLU A 322 -17.83 -15.23 38.88
CA GLU A 322 -19.27 -15.16 39.06
C GLU A 322 -19.95 -16.15 38.11
N ARG A 323 -20.96 -16.84 38.61
CA ARG A 323 -21.78 -17.76 37.84
C ARG A 323 -23.25 -17.40 38.05
N SER A 324 -23.97 -17.16 36.96
CA SER A 324 -25.37 -16.77 37.04
C SER A 324 -26.28 -17.99 37.01
N GLU A 325 -27.54 -17.75 37.38
CA GLU A 325 -28.57 -18.70 36.97
C GLU A 325 -28.83 -18.53 35.47
N ARG A 326 -29.59 -19.47 34.91
CA ARG A 326 -30.17 -19.28 33.59
C ARG A 326 -31.30 -18.28 33.71
N VAL A 327 -31.06 -17.06 33.24
CA VAL A 327 -32.00 -15.97 33.35
C VAL A 327 -32.06 -15.27 32.00
N SER A 328 -33.15 -14.54 31.79
CA SER A 328 -33.25 -13.66 30.64
C SER A 328 -33.93 -12.38 31.10
N ASN A 329 -33.83 -11.35 30.25
CA ASN A 329 -34.36 -10.01 30.49
C ASN A 329 -34.72 -9.41 29.12
N ILE A 330 -35.55 -10.12 28.37
CA ILE A 330 -35.78 -9.84 26.96
C ILE A 330 -37.20 -9.39 26.69
N ALA A 331 -37.96 -9.05 27.73
CA ALA A 331 -39.37 -8.68 27.63
C ALA A 331 -39.62 -7.17 27.73
N TYR A 332 -38.57 -6.36 27.78
CA TYR A 332 -38.72 -4.92 28.03
C TYR A 332 -39.23 -4.19 26.79
N LYS A 333 -40.10 -3.20 26.99
CA LYS A 333 -40.67 -2.44 25.86
C LYS A 333 -40.78 -0.94 26.16
N ILE A 334 -39.79 -0.39 26.88
CA ILE A 334 -39.71 1.04 27.21
C ILE A 334 -40.73 1.42 28.27
N THR A 335 -42.02 1.11 28.02
CA THR A 335 -43.09 1.60 28.88
C THR A 335 -43.86 0.52 29.63
N ASN A 336 -43.49 -0.76 29.50
CA ASN A 336 -44.25 -1.82 30.14
C ASN A 336 -43.67 -2.27 31.48
N GLY A 337 -42.64 -1.58 31.97
CA GLY A 337 -42.09 -1.90 33.27
C GLY A 337 -41.41 -3.25 33.42
N LEU A 338 -41.29 -4.04 32.35
CA LEU A 338 -40.76 -5.41 32.47
C LEU A 338 -39.25 -5.39 32.26
N CYS A 339 -38.50 -5.18 33.36
CA CYS A 339 -37.06 -4.96 33.26
C CYS A 339 -36.26 -5.67 34.35
N THR A 340 -36.85 -6.62 35.03
CA THR A 340 -36.18 -7.46 36.02
C THR A 340 -35.86 -8.81 35.41
N PRO A 341 -34.62 -9.29 35.47
CA PRO A 341 -34.35 -10.64 34.94
C PRO A 341 -35.24 -11.67 35.63
N VAL A 342 -35.68 -12.66 34.85
CA VAL A 342 -36.43 -13.79 35.39
C VAL A 342 -35.75 -15.10 35.03
N LYS A 343 -36.08 -16.13 35.82
CA LYS A 343 -35.64 -17.49 35.51
C LYS A 343 -36.10 -17.89 34.12
N ASP A 344 -35.19 -18.48 33.36
CA ASP A 344 -35.51 -18.87 31.99
C ASP A 344 -34.63 -20.07 31.64
N GLN A 345 -35.19 -21.27 31.76
CA GLN A 345 -34.46 -22.51 31.54
C GLN A 345 -34.08 -22.68 30.07
N SER A 346 -34.49 -21.74 29.23
CA SER A 346 -34.10 -21.73 27.83
C SER A 346 -32.87 -20.89 27.57
N ALA A 347 -32.31 -20.24 28.58
CA ALA A 347 -31.24 -19.28 28.41
C ALA A 347 -29.89 -19.85 28.81
N PRO A 348 -28.79 -19.31 28.28
CA PRO A 348 -27.46 -19.76 28.71
C PRO A 348 -27.18 -19.43 30.17
N VAL A 349 -26.12 -20.04 30.68
CA VAL A 349 -25.48 -19.63 31.94
C VAL A 349 -24.45 -18.57 31.59
N TYR A 350 -24.37 -17.53 32.43
CA TYR A 350 -23.40 -16.46 32.27
C TYR A 350 -22.34 -16.61 33.34
N ILE A 351 -21.10 -16.85 32.93
CA ILE A 351 -19.99 -17.04 33.87
C ILE A 351 -18.93 -15.95 33.63
N THR A 352 -18.56 -15.24 34.68
CA THR A 352 -17.41 -14.34 34.66
C THR A 352 -16.19 -15.06 35.22
N ILE A 353 -15.11 -15.05 34.47
CA ILE A 353 -13.93 -15.82 34.85
C ILE A 353 -12.67 -15.00 34.55
N GLY A 354 -12.72 -13.70 34.88
CA GLY A 354 -11.60 -12.81 34.63
C GLY A 354 -10.64 -12.69 35.80
N ASP A 355 -10.29 -13.82 36.43
CA ASP A 355 -9.58 -13.72 37.70
C ASP A 355 -8.27 -14.49 37.68
N ALA A 356 -7.63 -14.60 36.51
CA ALA A 356 -6.38 -15.36 36.44
C ALA A 356 -5.20 -14.62 37.04
N GLY A 357 -5.22 -13.28 37.10
CA GLY A 357 -4.16 -12.58 37.80
C GLY A 357 -4.01 -11.08 37.54
N ASN A 358 -4.21 -10.65 36.30
CA ASN A 358 -3.88 -9.31 35.82
C ASN A 358 -2.59 -8.80 36.45
N TYR A 359 -2.62 -7.63 37.07
CA TYR A 359 -1.41 -7.07 37.68
C TYR A 359 -1.43 -7.20 39.22
N GLY A 360 -2.18 -8.17 39.73
CA GLY A 360 -2.20 -8.48 41.15
C GLY A 360 -3.36 -7.91 41.95
N VAL A 361 -4.44 -7.50 41.30
CA VAL A 361 -5.55 -6.82 41.97
C VAL A 361 -6.86 -7.57 41.72
N ILE A 362 -7.61 -7.84 42.79
CA ILE A 362 -8.89 -8.55 42.74
C ILE A 362 -10.01 -7.53 42.92
N ASP A 363 -11.15 -7.77 42.25
CA ASP A 363 -12.33 -6.90 42.38
C ASP A 363 -13.25 -7.52 43.44
N SER A 364 -13.26 -6.96 44.64
CA SER A 364 -13.94 -7.60 45.75
C SER A 364 -15.22 -6.91 46.20
N ASN A 365 -15.58 -5.76 45.63
CA ASN A 365 -16.81 -5.08 46.03
C ASN A 365 -18.00 -5.55 45.20
N MET A 366 -19.01 -6.09 45.88
CA MET A 366 -20.18 -6.61 45.20
C MET A 366 -21.42 -5.86 45.66
N ILE A 367 -22.43 -5.91 44.81
CA ILE A 367 -23.76 -5.38 45.11
C ILE A 367 -24.49 -6.36 46.03
N GLN A 368 -25.04 -5.83 47.13
CA GLN A 368 -25.60 -6.62 48.19
C GLN A 368 -27.05 -6.24 48.40
N PRO A 369 -27.94 -7.20 48.68
CA PRO A 369 -27.63 -8.64 48.73
C PRO A 369 -27.43 -9.23 47.34
N GLN A 370 -26.81 -10.41 47.25
CA GLN A 370 -26.66 -11.12 45.99
C GLN A 370 -27.98 -11.14 45.24
N PRO A 371 -28.05 -10.64 44.01
CA PRO A 371 -29.31 -10.62 43.27
C PRO A 371 -29.73 -12.02 42.84
N GLU A 372 -31.03 -12.13 42.54
CA GLU A 372 -31.64 -13.43 42.26
C GLU A 372 -31.01 -14.08 41.05
N TYR A 373 -30.47 -13.29 40.12
CA TYR A 373 -29.93 -13.89 38.91
C TYR A 373 -28.55 -14.51 39.13
N SER A 374 -27.85 -14.10 40.17
CA SER A 374 -26.49 -14.55 40.45
C SER A 374 -26.55 -15.80 41.32
N ALA A 375 -25.91 -16.88 40.87
CA ALA A 375 -25.91 -18.12 41.63
C ALA A 375 -24.75 -18.18 42.62
N PHE A 376 -23.53 -17.92 42.15
CA PHE A 376 -22.34 -18.04 42.97
C PHE A 376 -21.36 -16.94 42.56
N ARG A 377 -20.75 -16.30 43.55
CA ARG A 377 -19.72 -15.32 43.22
C ARG A 377 -18.68 -15.32 44.32
N GLU A 378 -17.44 -15.05 43.94
CA GLU A 378 -16.36 -14.94 44.92
C GLU A 378 -15.20 -14.18 44.30
N ALA A 379 -14.58 -13.31 45.10
CA ALA A 379 -13.40 -12.54 44.71
C ALA A 379 -12.15 -13.31 45.14
N SER A 380 -11.68 -14.20 44.26
CA SER A 380 -10.44 -14.95 44.45
C SER A 380 -9.82 -15.20 43.09
N PHE A 381 -8.50 -15.31 43.05
CA PHE A 381 -7.83 -15.66 41.81
C PHE A 381 -8.06 -17.16 41.50
N GLY A 382 -8.14 -17.48 40.22
CA GLY A 382 -8.35 -18.86 39.83
C GLY A 382 -8.57 -18.97 38.33
N HIS A 383 -9.02 -20.17 37.92
CA HIS A 383 -9.32 -20.48 36.52
C HIS A 383 -10.46 -21.48 36.48
N GLY A 384 -10.99 -21.72 35.28
CA GLY A 384 -12.12 -22.65 35.17
C GLY A 384 -11.87 -23.82 34.24
N MET A 385 -12.70 -24.86 34.34
CA MET A 385 -12.60 -26.00 33.42
C MET A 385 -14.00 -26.37 32.96
N PHE A 386 -14.20 -26.53 31.66
CA PHE A 386 -15.50 -26.92 31.12
C PHE A 386 -15.30 -28.26 30.44
N ASP A 387 -15.73 -29.34 31.10
CA ASP A 387 -15.36 -30.71 30.77
C ASP A 387 -16.56 -31.45 30.15
N ILE A 388 -16.56 -31.56 28.82
CA ILE A 388 -17.67 -32.17 28.10
C ILE A 388 -17.57 -33.68 28.22
N LYS A 389 -18.68 -34.33 28.59
CA LYS A 389 -18.69 -35.78 28.71
C LYS A 389 -19.35 -36.45 27.51
N ASN A 390 -20.45 -35.89 27.01
CA ASN A 390 -21.20 -36.43 25.88
C ASN A 390 -22.22 -35.36 25.47
N ARG A 391 -23.22 -35.75 24.67
CA ARG A 391 -24.14 -34.74 24.17
C ARG A 391 -25.00 -34.13 25.27
N THR A 392 -25.21 -34.81 26.40
CA THR A 392 -26.14 -34.29 27.39
C THR A 392 -25.46 -33.67 28.59
N HIS A 393 -24.26 -34.10 28.97
CA HIS A 393 -23.64 -33.66 30.21
C HIS A 393 -22.29 -33.03 29.94
N ALA A 394 -22.07 -31.87 30.57
CA ALA A 394 -20.76 -31.27 30.71
C ALA A 394 -20.58 -30.88 32.17
N HIS A 395 -19.34 -30.82 32.61
CA HIS A 395 -19.07 -30.51 34.01
C HIS A 395 -18.17 -29.30 34.10
N PHE A 396 -18.63 -28.26 34.82
CA PHE A 396 -17.85 -27.06 35.06
C PHE A 396 -17.35 -27.02 36.50
N SER A 397 -16.08 -26.70 36.66
CA SER A 397 -15.46 -26.54 37.97
C SER A 397 -14.66 -25.25 37.97
N TRP A 398 -14.46 -24.70 39.15
CA TRP A 398 -13.66 -23.49 39.37
C TRP A 398 -12.62 -23.83 40.42
N ASN A 399 -11.36 -23.54 40.14
CA ASN A 399 -10.27 -23.84 41.06
C ASN A 399 -9.61 -22.55 41.54
N ARG A 400 -9.41 -22.42 42.85
CA ARG A 400 -8.86 -21.23 43.49
C ARG A 400 -7.35 -21.35 43.70
N ASN A 401 -6.64 -20.23 43.51
CA ASN A 401 -5.18 -20.23 43.67
C ASN A 401 -4.78 -20.60 45.10
N GLN A 402 -5.63 -20.32 46.08
CA GLN A 402 -5.30 -20.62 47.46
C GLN A 402 -5.70 -22.02 47.91
N ASP A 403 -6.22 -22.86 47.01
CA ASP A 403 -6.53 -24.27 47.30
C ASP A 403 -5.52 -25.17 46.60
N GLY A 404 -5.59 -26.47 46.90
CA GLY A 404 -4.78 -27.44 46.19
C GLY A 404 -5.16 -27.51 44.73
N VAL A 405 -4.25 -28.02 43.89
CA VAL A 405 -4.49 -28.04 42.44
C VAL A 405 -5.72 -28.89 42.11
N ALA A 406 -6.03 -29.86 42.96
CA ALA A 406 -7.16 -30.73 42.68
C ALA A 406 -8.46 -30.34 43.38
N VAL A 407 -8.49 -29.24 44.14
CA VAL A 407 -9.68 -28.85 44.92
C VAL A 407 -10.60 -27.97 44.09
N GLU A 408 -11.85 -28.41 43.90
CA GLU A 408 -12.86 -27.58 43.24
C GLU A 408 -13.64 -26.83 44.31
N ALA A 409 -13.66 -25.50 44.22
CA ALA A 409 -14.39 -24.67 45.18
C ALA A 409 -15.82 -24.38 44.72
N ASP A 410 -16.03 -24.30 43.42
CA ASP A 410 -17.36 -24.30 42.82
C ASP A 410 -17.36 -25.37 41.73
N SER A 411 -18.52 -25.95 41.49
CA SER A 411 -18.65 -26.97 40.46
C SER A 411 -20.14 -27.21 40.22
N VAL A 412 -20.49 -27.57 38.99
CA VAL A 412 -21.88 -27.74 38.63
C VAL A 412 -21.95 -28.54 37.33
N TRP A 413 -23.02 -29.32 37.18
CA TRP A 413 -23.28 -30.07 35.95
C TRP A 413 -24.14 -29.23 35.02
N PHE A 414 -23.74 -29.17 33.75
CA PHE A 414 -24.53 -28.54 32.69
C PHE A 414 -25.34 -29.61 32.00
N PHE A 415 -26.64 -29.35 31.82
CA PHE A 415 -27.50 -30.18 30.98
C PHE A 415 -27.74 -29.46 29.67
N ASN A 416 -27.36 -30.10 28.57
CA ASN A 416 -27.36 -29.48 27.25
C ASN A 416 -28.74 -28.91 26.87
N ARG A 417 -28.76 -27.65 26.46
CA ARG A 417 -30.03 -26.97 26.20
C ARG A 417 -30.78 -27.58 25.01
N HIS A 418 -30.07 -28.24 24.10
CA HIS A 418 -30.71 -28.79 22.92
C HIS A 418 -31.05 -30.28 23.11
N TRP A 419 -30.16 -31.07 23.71
CA TRP A 419 -30.36 -32.52 23.84
C TRP A 419 -30.96 -32.96 25.18
N TYR A 420 -31.13 -32.06 26.14
CA TYR A 420 -31.48 -32.56 27.47
C TYR A 420 -31.82 -31.41 28.41
N PRO A 421 -32.87 -30.66 28.14
CA PRO A 421 -33.08 -29.39 28.82
C PRO A 421 -33.88 -29.51 30.12
N VAL A 422 -33.37 -30.27 31.06
CA VAL A 422 -34.03 -30.39 32.36
C VAL A 422 -33.35 -29.41 33.32
N ASP A 423 -34.13 -28.89 34.27
CA ASP A 423 -33.64 -27.90 35.23
C ASP A 423 -32.31 -28.32 35.86
N ASP A 424 -31.23 -27.59 35.56
CA ASP A 424 -29.91 -27.83 36.13
C ASP A 424 -29.49 -26.70 37.07
N SER A 425 -30.42 -26.24 37.92
CA SER A 425 -30.14 -25.15 38.85
C SER A 425 -30.19 -25.62 40.31
N ASN B 2 -2.81 4.23 -41.80
CA ASN B 2 -3.44 3.40 -40.79
C ASN B 2 -3.85 2.07 -41.39
N ARG B 3 -2.93 1.10 -41.39
CA ARG B 3 -3.28 -0.24 -41.82
C ARG B 3 -3.70 -1.14 -40.64
N ASP B 4 -4.04 -0.54 -39.50
CA ASP B 4 -4.53 -1.34 -38.37
C ASP B 4 -5.92 -1.88 -38.67
N MET B 5 -6.17 -3.13 -38.27
CA MET B 5 -7.47 -3.73 -38.52
C MET B 5 -8.52 -2.94 -37.75
N PRO B 6 -9.70 -2.71 -38.33
CA PRO B 6 -10.73 -1.94 -37.63
C PRO B 6 -11.38 -2.73 -36.51
N LEU B 7 -12.06 -2.00 -35.61
CA LEU B 7 -12.53 -2.57 -34.36
C LEU B 7 -13.54 -3.70 -34.57
N ASP B 8 -14.31 -3.66 -35.65
CA ASP B 8 -15.34 -4.67 -35.87
C ASP B 8 -14.84 -5.85 -36.72
N SER B 9 -13.53 -6.08 -36.79
CA SER B 9 -13.00 -7.23 -37.53
C SER B 9 -13.31 -8.53 -36.82
N ASP B 10 -13.25 -9.63 -37.57
CA ASP B 10 -13.63 -10.92 -37.01
C ASP B 10 -12.65 -11.37 -35.93
N VAL B 11 -11.36 -11.05 -36.09
CA VAL B 11 -10.36 -11.46 -35.12
C VAL B 11 -10.57 -10.79 -33.78
N PHE B 12 -11.41 -9.75 -33.72
CA PHE B 12 -11.68 -9.00 -32.52
C PHE B 12 -13.04 -9.34 -31.89
N ARG B 13 -13.66 -10.44 -32.30
CA ARG B 13 -15.02 -10.69 -31.86
C ARG B 13 -15.05 -11.16 -30.41
N VAL B 14 -16.05 -10.69 -29.67
CA VAL B 14 -16.16 -10.99 -28.24
C VAL B 14 -16.74 -12.39 -28.08
N PRO B 15 -16.08 -13.28 -27.35
CA PRO B 15 -16.69 -14.58 -27.03
C PRO B 15 -18.08 -14.39 -26.44
N PRO B 16 -19.08 -15.11 -26.95
CA PRO B 16 -20.46 -14.90 -26.50
C PRO B 16 -20.73 -15.48 -25.12
N GLY B 17 -21.70 -14.88 -24.43
CA GLY B 17 -22.16 -15.40 -23.15
C GLY B 17 -21.82 -14.48 -21.99
N TYR B 18 -22.71 -14.46 -20.99
CA TYR B 18 -22.51 -13.54 -19.86
C TYR B 18 -21.17 -13.80 -19.19
N ASN B 19 -20.34 -12.75 -19.13
CA ASN B 19 -19.00 -12.83 -18.53
C ASN B 19 -18.15 -13.95 -19.11
N ALA B 20 -18.26 -14.17 -20.42
CA ALA B 20 -17.41 -15.16 -21.07
C ALA B 20 -15.95 -14.74 -21.00
N PRO B 21 -15.03 -15.64 -20.67
CA PRO B 21 -13.60 -15.27 -20.68
C PRO B 21 -13.14 -14.93 -22.09
N GLN B 22 -12.27 -13.93 -22.19
CA GLN B 22 -11.67 -13.53 -23.46
C GLN B 22 -10.19 -13.26 -23.26
N GLN B 23 -9.46 -13.03 -24.35
CA GLN B 23 -8.02 -12.76 -24.29
C GLN B 23 -7.28 -13.87 -23.53
N VAL B 24 -7.69 -15.12 -23.73
CA VAL B 24 -7.03 -16.24 -23.06
C VAL B 24 -5.63 -16.43 -23.64
N HIS B 25 -4.65 -16.62 -22.76
CA HIS B 25 -3.28 -16.90 -23.17
C HIS B 25 -2.56 -17.67 -22.06
N ILE B 26 -1.59 -18.50 -22.48
CA ILE B 26 -0.79 -19.28 -21.58
C ILE B 26 0.70 -19.04 -21.84
N THR B 27 1.49 -19.28 -20.81
CA THR B 27 2.94 -19.33 -20.97
C THR B 27 3.48 -20.34 -19.96
N GLN B 28 4.73 -20.74 -20.18
CA GLN B 28 5.37 -21.68 -19.25
C GLN B 28 5.45 -21.05 -17.86
N GLY B 29 5.11 -21.84 -16.85
CA GLY B 29 5.01 -21.32 -15.50
C GLY B 29 6.06 -21.78 -14.49
N ASP B 30 7.19 -22.32 -14.94
CA ASP B 30 8.22 -22.88 -14.06
C ASP B 30 9.53 -23.00 -14.85
N LEU B 31 10.58 -23.47 -14.18
CA LEU B 31 11.88 -23.50 -14.84
C LEU B 31 11.97 -24.58 -15.92
N VAL B 32 11.37 -25.75 -15.70
CA VAL B 32 11.68 -26.92 -16.53
C VAL B 32 10.53 -27.37 -17.44
N GLY B 33 9.30 -26.92 -17.22
CA GLY B 33 8.16 -27.24 -18.08
C GLY B 33 7.00 -27.98 -17.42
N ARG B 34 7.02 -28.19 -16.11
CA ARG B 34 5.94 -28.89 -15.40
CA ARG B 34 5.91 -28.90 -15.48
C ARG B 34 4.77 -27.97 -15.06
N ALA B 35 4.84 -26.69 -15.38
CA ALA B 35 3.79 -25.75 -14.99
C ALA B 35 3.38 -24.87 -16.17
N MET B 36 2.21 -24.25 -16.03
CA MET B 36 1.66 -23.39 -17.06
C MET B 36 0.85 -22.28 -16.37
N ILE B 37 1.07 -21.04 -16.76
CA ILE B 37 0.28 -19.92 -16.24
C ILE B 37 -0.88 -19.67 -17.21
N ILE B 38 -2.10 -19.77 -16.69
CA ILE B 38 -3.32 -19.52 -17.46
C ILE B 38 -3.77 -18.09 -17.17
N SER B 39 -3.91 -17.29 -18.22
CA SER B 39 -4.30 -15.89 -18.09
C SER B 39 -5.50 -15.59 -18.99
N TRP B 40 -6.43 -14.74 -18.51
CA TRP B 40 -7.61 -14.35 -19.28
C TRP B 40 -8.26 -13.15 -18.61
N VAL B 41 -9.21 -12.53 -19.33
CA VAL B 41 -9.92 -11.34 -18.86
C VAL B 41 -11.43 -11.56 -18.92
N THR B 42 -12.14 -11.17 -17.87
CA THR B 42 -13.59 -11.13 -17.85
C THR B 42 -14.07 -9.68 -17.79
N MET B 43 -15.08 -9.35 -18.59
CA MET B 43 -15.48 -7.97 -18.83
C MET B 43 -16.74 -7.55 -18.11
N ASP B 44 -17.58 -8.48 -17.65
CA ASP B 44 -18.85 -8.08 -17.06
C ASP B 44 -18.81 -8.01 -15.55
N GLU B 45 -18.06 -8.90 -14.90
CA GLU B 45 -17.87 -8.87 -13.45
C GLU B 45 -16.61 -9.67 -13.12
N PRO B 46 -16.14 -9.63 -11.87
CA PRO B 46 -14.86 -10.29 -11.56
C PRO B 46 -14.83 -11.77 -11.90
N GLY B 47 -15.82 -12.55 -11.47
CA GLY B 47 -15.84 -13.98 -11.75
C GLY B 47 -14.75 -14.75 -11.00
N SER B 48 -14.63 -16.02 -11.37
CA SER B 48 -13.74 -16.95 -10.67
C SER B 48 -12.34 -17.01 -11.28
N SER B 49 -11.33 -17.11 -10.42
CA SER B 49 -9.96 -17.32 -10.89
C SER B 49 -9.57 -18.78 -10.94
N ALA B 50 -10.54 -19.69 -10.87
CA ALA B 50 -10.28 -21.12 -10.83
C ALA B 50 -10.17 -21.67 -12.24
N VAL B 51 -9.22 -22.60 -12.44
CA VAL B 51 -9.04 -23.31 -13.70
C VAL B 51 -9.29 -24.79 -13.45
N ARG B 52 -10.23 -25.37 -14.19
CA ARG B 52 -10.41 -26.82 -14.18
C ARG B 52 -9.52 -27.45 -15.24
N TYR B 53 -8.88 -28.57 -14.91
CA TYR B 53 -7.97 -29.18 -15.89
C TYR B 53 -7.83 -30.67 -15.64
N TRP B 54 -7.59 -31.41 -16.72
CA TRP B 54 -7.46 -32.86 -16.70
C TRP B 54 -6.69 -33.31 -17.94
N SER B 55 -5.94 -34.41 -17.80
CA SER B 55 -5.13 -34.91 -18.88
C SER B 55 -5.95 -35.79 -19.83
N GLU B 56 -5.59 -35.76 -21.11
CA GLU B 56 -6.42 -36.39 -22.14
C GLU B 56 -6.56 -37.89 -21.90
N LYS B 57 -5.50 -38.53 -21.44
CA LYS B 57 -5.52 -39.98 -21.32
C LYS B 57 -6.20 -40.40 -20.02
N ASN B 58 -5.64 -39.99 -18.88
CA ASN B 58 -6.26 -40.26 -17.58
C ASN B 58 -7.62 -39.56 -17.47
N GLY B 59 -7.62 -38.30 -17.05
CA GLY B 59 -8.83 -37.51 -17.05
C GLY B 59 -9.43 -37.17 -15.70
N ARG B 60 -8.66 -37.22 -14.61
CA ARG B 60 -9.15 -36.80 -13.31
C ARG B 60 -9.11 -35.27 -13.23
N LYS B 61 -10.28 -34.66 -13.01
CA LYS B 61 -10.43 -33.23 -13.18
C LYS B 61 -10.03 -32.52 -11.90
N ARG B 62 -9.14 -31.54 -12.03
CA ARG B 62 -8.61 -30.80 -10.90
C ARG B 62 -8.94 -29.32 -11.04
N ILE B 63 -8.88 -28.61 -9.93
CA ILE B 63 -9.06 -27.16 -9.92
C ILE B 63 -7.80 -26.52 -9.39
N ALA B 64 -7.35 -25.46 -10.05
CA ALA B 64 -6.30 -24.60 -9.52
C ALA B 64 -6.87 -23.20 -9.37
N LYS B 65 -6.43 -22.48 -8.35
CA LYS B 65 -6.95 -21.16 -8.03
C LYS B 65 -5.87 -20.11 -8.22
N GLY B 66 -6.22 -19.01 -8.89
CA GLY B 66 -5.28 -17.94 -9.08
C GLY B 66 -5.73 -16.63 -8.46
N LYS B 67 -5.31 -15.51 -9.03
CA LYS B 67 -5.59 -14.19 -8.51
C LYS B 67 -6.16 -13.34 -9.62
N MET B 68 -6.88 -12.29 -9.23
CA MET B 68 -7.50 -11.34 -10.14
C MET B 68 -6.97 -9.95 -9.83
N SER B 69 -6.79 -9.14 -10.87
CA SER B 69 -6.34 -7.77 -10.62
C SER B 69 -6.95 -6.84 -11.67
N THR B 70 -6.83 -5.54 -11.39
CA THR B 70 -7.31 -4.49 -12.27
C THR B 70 -6.33 -3.32 -12.25
N TYR B 71 -6.42 -2.47 -13.27
CA TYR B 71 -5.56 -1.30 -13.33
C TYR B 71 -6.30 -0.21 -14.08
N ARG B 72 -5.83 1.02 -13.89
CA ARG B 72 -6.27 2.19 -14.64
C ARG B 72 -5.09 2.79 -15.39
N PHE B 73 -5.37 3.33 -16.57
CA PHE B 73 -4.37 4.08 -17.34
C PHE B 73 -5.08 5.31 -17.89
N PHE B 74 -4.79 6.48 -17.32
CA PHE B 74 -5.44 7.74 -17.72
C PHE B 74 -6.93 7.55 -17.48
N ASN B 75 -7.78 7.62 -18.51
CA ASN B 75 -9.21 7.53 -18.31
C ASN B 75 -9.77 6.18 -18.76
N TYR B 76 -8.89 5.25 -19.12
CA TYR B 76 -9.26 3.86 -19.35
C TYR B 76 -9.26 3.10 -18.04
N SER B 77 -10.31 2.30 -17.82
CA SER B 77 -10.37 1.35 -16.71
C SER B 77 -10.47 -0.06 -17.27
N SER B 78 -9.61 -0.96 -16.79
CA SER B 78 -9.58 -2.32 -17.33
C SER B 78 -10.73 -3.15 -16.80
N GLY B 79 -10.93 -4.31 -17.41
CA GLY B 79 -11.75 -5.35 -16.86
C GLY B 79 -10.94 -6.15 -15.87
N PHE B 80 -11.32 -7.39 -15.65
CA PHE B 80 -10.81 -8.16 -14.55
C PHE B 80 -9.83 -9.19 -15.08
N ILE B 81 -8.58 -9.09 -14.63
CA ILE B 81 -7.47 -9.84 -15.21
C ILE B 81 -7.18 -11.00 -14.28
N HIS B 82 -7.16 -12.23 -14.83
CA HIS B 82 -6.94 -13.43 -14.04
C HIS B 82 -5.61 -14.06 -14.42
N HIS B 83 -4.85 -14.50 -13.41
CA HIS B 83 -3.60 -15.24 -13.59
C HIS B 83 -3.60 -16.41 -12.62
N THR B 84 -3.39 -17.61 -13.16
CA THR B 84 -3.58 -18.85 -12.42
C THR B 84 -2.50 -19.84 -12.84
N THR B 85 -1.77 -20.39 -11.89
CA THR B 85 -0.65 -21.27 -12.19
C THR B 85 -1.06 -22.72 -11.90
N ILE B 86 -0.95 -23.57 -12.91
CA ILE B 86 -1.16 -25.01 -12.79
C ILE B 86 0.20 -25.68 -12.66
N ARG B 87 0.42 -26.47 -11.61
CA ARG B 87 1.74 -27.05 -11.35
C ARG B 87 1.70 -28.58 -11.35
N LYS B 88 2.89 -29.17 -11.24
CA LYS B 88 3.02 -30.63 -11.11
C LYS B 88 2.34 -31.33 -12.29
N LEU B 89 2.67 -30.89 -13.48
CA LEU B 89 2.13 -31.56 -14.66
C LEU B 89 3.04 -32.71 -15.08
N LYS B 90 2.51 -33.58 -15.94
CA LYS B 90 3.27 -34.67 -16.52
C LYS B 90 3.80 -34.26 -17.89
N TYR B 91 5.02 -34.69 -18.20
CA TYR B 91 5.69 -34.33 -19.44
C TYR B 91 4.98 -34.95 -20.63
N ASN B 92 5.14 -34.31 -21.79
CA ASN B 92 4.67 -34.83 -23.06
C ASN B 92 3.22 -35.32 -23.01
N THR B 93 2.36 -34.56 -22.34
CA THR B 93 0.98 -34.98 -22.09
C THR B 93 0.02 -33.88 -22.50
N LYS B 94 -1.03 -34.25 -23.23
CA LYS B 94 -2.07 -33.30 -23.59
C LYS B 94 -3.01 -33.10 -22.41
N TYR B 95 -3.29 -31.85 -22.07
CA TYR B 95 -4.20 -31.49 -20.97
C TYR B 95 -5.32 -30.63 -21.53
N TYR B 96 -6.52 -30.80 -21.01
CA TYR B 96 -7.62 -29.88 -21.29
C TYR B 96 -7.75 -28.92 -20.12
N TYR B 97 -8.30 -27.74 -20.38
CA TYR B 97 -8.56 -26.81 -19.29
C TYR B 97 -9.70 -25.89 -19.65
N GLU B 98 -10.42 -25.48 -18.62
CA GLU B 98 -11.59 -24.64 -18.77
C GLU B 98 -11.48 -23.46 -17.84
N VAL B 99 -12.02 -22.34 -18.29
CA VAL B 99 -12.03 -21.09 -17.54
C VAL B 99 -13.45 -20.55 -17.60
N GLY B 100 -13.76 -19.64 -16.67
CA GLY B 100 -15.08 -19.08 -16.59
C GLY B 100 -16.05 -19.98 -15.86
N LEU B 101 -15.63 -20.56 -14.73
CA LEU B 101 -16.40 -21.64 -14.14
C LEU B 101 -17.71 -21.16 -13.52
N ARG B 102 -17.86 -19.87 -13.23
CA ARG B 102 -19.08 -19.38 -12.58
C ARG B 102 -20.22 -19.16 -13.57
N ASN B 103 -19.93 -18.68 -14.77
CA ASN B 103 -21.03 -18.34 -15.66
C ASN B 103 -20.88 -18.98 -17.04
N THR B 104 -20.03 -18.43 -17.90
CA THR B 104 -19.81 -19.01 -19.22
C THR B 104 -18.43 -19.68 -19.25
N THR B 105 -18.41 -21.00 -19.38
CA THR B 105 -17.16 -21.75 -19.46
C THR B 105 -16.69 -21.87 -20.91
N ARG B 106 -15.37 -21.74 -21.10
CA ARG B 106 -14.71 -22.00 -22.38
C ARG B 106 -13.56 -22.98 -22.13
N ARG B 107 -13.36 -23.91 -23.06
CA ARG B 107 -12.40 -24.99 -22.89
C ARG B 107 -11.30 -24.90 -23.95
N PHE B 108 -10.08 -25.22 -23.55
CA PHE B 108 -8.92 -25.14 -24.43
C PHE B 108 -8.02 -26.32 -24.08
N SER B 109 -6.82 -26.36 -24.67
CA SER B 109 -5.88 -27.43 -24.37
C SER B 109 -4.48 -27.03 -24.78
N PHE B 110 -3.51 -27.79 -24.27
CA PHE B 110 -2.09 -27.62 -24.58
C PHE B 110 -1.40 -28.95 -24.35
N ILE B 111 -0.13 -29.04 -24.80
CA ILE B 111 0.69 -30.24 -24.71
C ILE B 111 1.98 -29.87 -23.99
N THR B 112 2.19 -30.44 -22.80
CA THR B 112 3.41 -30.16 -22.05
C THR B 112 4.64 -30.60 -22.85
N PRO B 113 5.77 -29.93 -22.67
CA PRO B 113 7.00 -30.33 -23.38
C PRO B 113 7.47 -31.69 -22.90
N PRO B 114 8.37 -32.34 -23.63
CA PRO B 114 9.08 -33.50 -23.06
C PRO B 114 9.98 -33.04 -21.94
N GLN B 115 10.49 -34.01 -21.20
CA GLN B 115 11.44 -33.71 -20.14
C GLN B 115 12.75 -33.22 -20.73
N THR B 116 13.36 -32.23 -20.07
CA THR B 116 14.58 -31.64 -20.61
C THR B 116 15.64 -32.72 -20.76
N GLY B 117 16.42 -32.62 -21.82
CA GLY B 117 17.32 -33.71 -22.17
C GLY B 117 18.13 -33.36 -23.39
N LEU B 118 19.18 -34.15 -23.61
CA LEU B 118 20.24 -33.80 -24.54
C LEU B 118 19.75 -33.75 -25.99
N ASP B 119 18.95 -34.73 -26.41
CA ASP B 119 18.60 -34.87 -27.82
C ASP B 119 17.12 -34.63 -28.10
N VAL B 120 16.39 -34.05 -27.15
CA VAL B 120 14.95 -33.81 -27.29
C VAL B 120 14.69 -32.86 -28.47
N PRO B 121 13.99 -33.31 -29.52
CA PRO B 121 13.63 -32.40 -30.60
C PRO B 121 12.53 -31.44 -30.15
N TYR B 122 12.49 -30.28 -30.81
CA TYR B 122 11.47 -29.30 -30.48
C TYR B 122 11.50 -28.20 -31.53
N THR B 123 10.36 -27.53 -31.67
CA THR B 123 10.18 -26.55 -32.73
C THR B 123 9.69 -25.25 -32.12
N PHE B 124 10.48 -24.19 -32.28
CA PHE B 124 10.13 -22.87 -31.80
C PHE B 124 9.79 -21.95 -32.97
N GLY B 125 8.67 -21.25 -32.86
CA GLY B 125 8.42 -20.16 -33.78
C GLY B 125 9.11 -18.90 -33.27
N LEU B 126 9.54 -18.06 -34.20
CA LEU B 126 10.08 -16.74 -33.89
C LEU B 126 9.14 -15.68 -34.47
N ILE B 127 8.63 -14.80 -33.61
CA ILE B 127 7.72 -13.73 -34.02
C ILE B 127 8.13 -12.46 -33.26
N GLY B 128 8.18 -11.35 -33.97
CA GLY B 128 8.51 -10.09 -33.33
C GLY B 128 7.72 -8.95 -33.92
N ASP B 129 7.32 -8.01 -33.06
CA ASP B 129 6.70 -6.76 -33.51
C ASP B 129 5.38 -7.04 -34.25
N LEU B 130 4.54 -7.87 -33.63
CA LEU B 130 3.34 -8.34 -34.32
C LEU B 130 2.35 -7.22 -34.58
N GLY B 131 1.98 -6.48 -33.54
CA GLY B 131 0.93 -5.49 -33.76
C GLY B 131 -0.38 -6.16 -34.18
N GLN B 132 -1.23 -5.39 -34.85
CA GLN B 132 -2.57 -5.86 -35.22
C GLN B 132 -3.01 -5.26 -36.55
N SER B 133 -2.09 -5.22 -37.51
CA SER B 133 -2.44 -4.82 -38.86
C SER B 133 -2.86 -6.04 -39.67
N PHE B 134 -3.33 -5.81 -40.91
CA PHE B 134 -3.64 -6.94 -41.78
C PHE B 134 -2.40 -7.80 -42.00
N ASP B 135 -1.24 -7.16 -42.18
CA ASP B 135 0.02 -7.90 -42.26
C ASP B 135 0.21 -8.78 -41.03
N SER B 136 -0.12 -8.26 -39.83
CA SER B 136 -0.06 -9.08 -38.63
C SER B 136 -0.87 -10.37 -38.79
N ASN B 137 -2.12 -10.26 -39.27
CA ASN B 137 -2.99 -11.42 -39.40
C ASN B 137 -2.41 -12.49 -40.31
N THR B 138 -1.83 -12.07 -41.45
CA THR B 138 -1.24 -13.02 -42.39
C THR B 138 -0.09 -13.80 -41.77
N THR B 139 0.79 -13.13 -41.01
CA THR B 139 1.93 -13.82 -40.41
C THR B 139 1.47 -14.89 -39.44
N LEU B 140 0.56 -14.52 -38.54
CA LEU B 140 0.00 -15.48 -37.59
C LEU B 140 -0.67 -16.63 -38.34
N SER B 141 -1.39 -16.32 -39.44
N SER B 141 -1.37 -16.33 -39.45
CA SER B 141 -1.93 -17.37 -40.29
CA SER B 141 -1.93 -17.37 -40.29
C SER B 141 -0.82 -18.27 -40.82
C SER B 141 -0.84 -18.27 -40.85
N HIS B 142 0.25 -17.68 -41.35
CA HIS B 142 1.35 -18.46 -41.88
C HIS B 142 1.98 -19.32 -40.82
N TYR B 143 2.11 -18.80 -39.59
CA TYR B 143 2.71 -19.57 -38.52
C TYR B 143 1.85 -20.78 -38.17
N GLU B 144 0.55 -20.55 -37.97
CA GLU B 144 -0.32 -21.65 -37.53
C GLU B 144 -0.49 -22.72 -38.60
N LEU B 145 -0.29 -22.37 -39.88
CA LEU B 145 -0.38 -23.32 -40.99
C LEU B 145 0.97 -23.96 -41.36
N SER B 146 2.05 -23.65 -40.67
CA SER B 146 3.37 -24.09 -41.13
C SER B 146 3.48 -25.60 -41.04
N PRO B 147 3.94 -26.28 -42.10
CA PRO B 147 4.21 -27.72 -42.00
C PRO B 147 5.10 -28.11 -40.83
N LYS B 148 5.99 -27.22 -40.37
CA LYS B 148 6.97 -27.56 -39.34
C LYS B 148 6.33 -27.69 -37.96
N LYS B 149 5.15 -27.10 -37.78
CA LYS B 149 4.34 -27.30 -36.59
C LYS B 149 5.00 -26.73 -35.35
N GLY B 150 4.87 -25.41 -35.16
CA GLY B 150 5.48 -24.80 -34.00
C GLY B 150 4.79 -25.25 -32.72
N GLN B 151 5.60 -25.56 -31.71
CA GLN B 151 5.08 -25.95 -30.40
C GLN B 151 5.21 -24.88 -29.34
N THR B 152 5.97 -23.81 -29.59
CA THR B 152 6.11 -22.69 -28.67
C THR B 152 6.61 -21.48 -29.45
N VAL B 153 6.02 -20.32 -29.22
CA VAL B 153 6.44 -19.07 -29.85
C VAL B 153 7.42 -18.35 -28.93
N LEU B 154 8.59 -17.99 -29.46
CA LEU B 154 9.50 -17.05 -28.81
C LEU B 154 9.21 -15.65 -29.35
N PHE B 155 8.84 -14.72 -28.47
CA PHE B 155 8.33 -13.42 -28.89
C PHE B 155 9.26 -12.31 -28.41
N VAL B 156 9.85 -11.57 -29.35
CA VAL B 156 10.96 -10.66 -29.05
C VAL B 156 10.50 -9.22 -28.77
N GLY B 157 9.21 -9.00 -28.57
CA GLY B 157 8.81 -7.73 -28.03
C GLY B 157 8.01 -6.88 -29.03
N ASP B 158 7.32 -5.87 -28.48
CA ASP B 158 6.41 -4.97 -29.18
C ASP B 158 5.16 -5.75 -29.55
N LEU B 159 4.16 -5.73 -28.66
CA LEU B 159 3.04 -6.64 -28.78
C LEU B 159 1.87 -5.99 -29.50
N SER B 160 1.18 -5.05 -28.82
CA SER B 160 -0.07 -4.47 -29.29
C SER B 160 0.10 -3.19 -30.09
N TYR B 161 1.14 -2.41 -29.84
CA TYR B 161 1.28 -1.06 -30.41
C TYR B 161 0.12 -0.18 -29.99
N ALA B 162 -0.48 -0.49 -28.84
CA ALA B 162 -1.55 0.35 -28.33
C ALA B 162 -1.05 1.77 -28.05
N ASP B 163 0.24 1.93 -27.79
CA ASP B 163 0.72 3.25 -27.41
C ASP B 163 0.80 4.22 -28.60
N ARG B 164 0.50 3.78 -29.82
CA ARG B 164 0.42 4.71 -30.94
C ARG B 164 -0.92 5.43 -30.99
N TYR B 165 -1.91 4.95 -30.24
CA TYR B 165 -3.23 5.58 -30.20
C TYR B 165 -3.26 6.73 -29.19
N PRO B 166 -4.24 7.62 -29.30
CA PRO B 166 -4.35 8.73 -28.33
C PRO B 166 -4.53 8.22 -26.92
N ASN B 167 -3.77 8.77 -25.99
CA ASN B 167 -3.78 8.35 -24.59
C ASN B 167 -3.48 6.85 -24.45
N HIS B 168 -2.83 6.27 -25.47
CA HIS B 168 -2.43 4.86 -25.49
C HIS B 168 -3.65 3.94 -25.46
N ASP B 169 -4.76 4.36 -26.10
CA ASP B 169 -6.08 3.73 -25.98
C ASP B 169 -6.00 2.25 -25.63
N ASN B 170 -6.08 1.91 -24.34
CA ASN B 170 -5.78 0.55 -23.90
C ASN B 170 -6.79 -0.46 -24.45
N VAL B 171 -7.89 0.01 -25.03
CA VAL B 171 -8.77 -0.89 -25.76
C VAL B 171 -7.98 -1.72 -26.77
N ARG B 172 -6.92 -1.13 -27.34
CA ARG B 172 -6.09 -1.82 -28.32
C ARG B 172 -5.20 -2.88 -27.71
N TRP B 173 -5.04 -2.90 -26.40
CA TRP B 173 -4.56 -4.12 -25.76
C TRP B 173 -5.64 -5.21 -25.76
N ASP B 174 -6.91 -4.84 -25.57
CA ASP B 174 -7.96 -5.85 -25.43
C ASP B 174 -8.18 -6.59 -26.75
N THR B 175 -8.34 -5.85 -27.85
CA THR B 175 -8.45 -6.46 -29.17
C THR B 175 -7.26 -7.40 -29.48
N TRP B 176 -6.03 -6.91 -29.31
CA TRP B 176 -4.85 -7.76 -29.56
C TRP B 176 -4.91 -9.07 -28.79
N GLY B 177 -5.41 -9.03 -27.55
CA GLY B 177 -5.59 -10.26 -26.81
C GLY B 177 -6.57 -11.20 -27.49
N ARG B 178 -7.72 -10.67 -27.92
CA ARG B 178 -8.68 -11.53 -28.59
C ARG B 178 -8.17 -12.05 -29.92
N PHE B 179 -7.35 -11.25 -30.62
CA PHE B 179 -6.83 -11.63 -31.93
C PHE B 179 -5.81 -12.76 -31.80
N THR B 180 -4.85 -12.64 -30.86
CA THR B 180 -3.82 -13.64 -30.71
C THR B 180 -4.30 -14.91 -30.00
N GLU B 181 -5.49 -14.87 -29.38
CA GLU B 181 -5.99 -16.02 -28.62
C GLU B 181 -5.93 -17.32 -29.42
N ARG B 182 -6.21 -17.27 -30.72
CA ARG B 182 -6.32 -18.49 -31.51
C ARG B 182 -5.01 -19.28 -31.57
N SER B 183 -3.88 -18.68 -31.20
CA SER B 183 -2.63 -19.41 -31.05
C SER B 183 -2.22 -19.57 -29.59
N VAL B 184 -2.16 -18.46 -28.84
CA VAL B 184 -1.54 -18.46 -27.51
C VAL B 184 -2.41 -19.10 -26.42
N ALA B 185 -3.69 -19.37 -26.67
CA ALA B 185 -4.47 -20.16 -25.73
C ALA B 185 -4.14 -21.64 -25.82
N TYR B 186 -3.42 -22.07 -26.86
CA TYR B 186 -3.14 -23.49 -27.05
C TYR B 186 -1.66 -23.85 -26.94
N GLN B 187 -0.75 -22.88 -26.95
CA GLN B 187 0.67 -23.18 -26.82
C GLN B 187 1.30 -21.95 -26.21
N PRO B 188 2.32 -22.12 -25.37
CA PRO B 188 2.89 -20.95 -24.68
C PRO B 188 3.59 -20.04 -25.67
N TRP B 189 3.41 -18.74 -25.46
CA TRP B 189 4.30 -17.73 -26.03
C TRP B 189 5.24 -17.26 -24.93
N ILE B 190 6.54 -17.11 -25.24
CA ILE B 190 7.55 -16.65 -24.27
C ILE B 190 7.83 -15.15 -24.49
N TRP B 191 7.64 -14.34 -23.45
CA TRP B 191 7.42 -12.90 -23.60
C TRP B 191 8.69 -12.07 -23.37
N THR B 192 9.03 -11.21 -24.33
CA THR B 192 10.09 -10.22 -24.18
C THR B 192 9.49 -8.82 -24.22
N ALA B 193 10.09 -7.87 -23.49
CA ALA B 193 9.54 -6.54 -23.34
C ALA B 193 10.26 -5.56 -24.27
N GLY B 194 9.52 -4.98 -25.21
CA GLY B 194 10.09 -4.06 -26.18
C GLY B 194 9.69 -2.63 -25.86
N ASN B 195 10.14 -1.71 -26.70
CA ASN B 195 10.02 -0.30 -26.37
C ASN B 195 8.59 0.22 -26.45
N HIS B 196 7.68 -0.50 -27.10
CA HIS B 196 6.28 -0.06 -27.09
C HIS B 196 5.54 -0.52 -25.83
N GLU B 197 6.15 -1.38 -25.01
CA GLU B 197 5.58 -1.74 -23.71
C GLU B 197 5.96 -0.76 -22.61
N ILE B 198 6.97 0.09 -22.83
CA ILE B 198 7.40 1.02 -21.80
C ILE B 198 6.23 1.89 -21.35
N GLU B 199 5.56 2.52 -22.32
CA GLU B 199 4.36 3.33 -22.07
C GLU B 199 4.62 4.37 -20.98
N PHE B 200 5.75 5.08 -21.13
CA PHE B 200 6.08 6.21 -20.28
C PHE B 200 5.43 7.46 -20.87
N ALA B 201 4.45 8.00 -20.17
CA ALA B 201 3.68 9.14 -20.68
C ALA B 201 3.39 10.11 -19.55
N PRO B 202 4.42 10.84 -19.07
CA PRO B 202 4.21 11.80 -17.98
C PRO B 202 3.16 12.85 -18.27
N GLU B 203 2.97 13.19 -19.55
CA GLU B 203 2.02 14.24 -19.91
C GLU B 203 0.61 13.89 -19.44
N ILE B 204 0.28 12.60 -19.32
CA ILE B 204 -1.01 12.18 -18.76
C ILE B 204 -0.81 11.44 -17.44
N ASN B 205 0.27 11.78 -16.73
CA ASN B 205 0.58 11.26 -15.40
C ASN B 205 0.45 9.72 -15.34
N GLU B 206 1.17 9.08 -16.24
CA GLU B 206 1.41 7.64 -16.19
C GLU B 206 2.92 7.50 -16.31
N THR B 207 3.60 7.41 -15.16
CA THR B 207 5.05 7.42 -15.07
C THR B 207 5.64 6.08 -14.66
N GLU B 208 4.84 5.01 -14.63
CA GLU B 208 5.31 3.69 -14.21
C GLU B 208 5.62 2.83 -15.44
N PRO B 209 6.89 2.67 -15.84
CA PRO B 209 7.21 1.93 -17.08
C PRO B 209 6.66 0.51 -17.07
N PHE B 210 6.09 0.11 -18.20
CA PHE B 210 5.54 -1.23 -18.49
C PHE B 210 4.24 -1.55 -17.76
N LYS B 211 3.53 -0.57 -17.18
CA LYS B 211 2.33 -0.92 -16.40
C LYS B 211 1.29 -1.78 -17.14
N PRO B 212 0.71 -1.36 -18.28
CA PRO B 212 -0.26 -2.26 -18.95
C PRO B 212 0.31 -3.64 -19.29
N PHE B 213 1.48 -3.67 -19.94
CA PHE B 213 2.12 -4.94 -20.28
C PHE B 213 2.23 -5.86 -19.07
N SER B 214 2.83 -5.39 -17.97
CA SER B 214 3.10 -6.28 -16.85
C SER B 214 1.83 -6.73 -16.11
N TYR B 215 0.72 -5.97 -16.17
CA TYR B 215 -0.53 -6.43 -15.57
C TYR B 215 -1.13 -7.58 -16.36
N ARG B 216 -1.03 -7.52 -17.68
CA ARG B 216 -1.66 -8.47 -18.60
C ARG B 216 -0.82 -9.73 -18.88
N TYR B 217 0.52 -9.66 -18.85
CA TYR B 217 1.38 -10.80 -19.20
C TYR B 217 2.38 -11.07 -18.09
N HIS B 218 2.10 -12.11 -17.31
CA HIS B 218 3.00 -12.57 -16.28
C HIS B 218 3.95 -13.62 -16.84
N VAL B 219 5.12 -13.72 -16.19
CA VAL B 219 6.19 -14.63 -16.60
C VAL B 219 6.70 -15.30 -15.34
N PRO B 220 7.28 -16.52 -15.46
CA PRO B 220 7.72 -17.26 -14.27
C PRO B 220 9.10 -16.83 -13.77
N TYR B 221 9.22 -15.56 -13.38
CA TYR B 221 10.57 -14.98 -13.23
C TYR B 221 11.22 -15.39 -11.91
N GLU B 222 10.45 -15.51 -10.83
CA GLU B 222 11.06 -15.96 -9.58
C GLU B 222 11.68 -17.36 -9.70
N ALA B 223 11.30 -18.15 -10.71
CA ALA B 223 11.82 -19.50 -10.85
C ALA B 223 13.30 -19.54 -11.22
N SER B 224 13.87 -18.44 -11.71
CA SER B 224 15.29 -18.42 -12.00
C SER B 224 16.02 -17.41 -11.12
N GLN B 225 15.45 -17.17 -9.93
CA GLN B 225 15.96 -16.24 -8.91
C GLN B 225 16.06 -14.80 -9.40
N SER B 226 15.34 -14.43 -10.45
CA SER B 226 15.27 -13.03 -10.85
C SER B 226 14.34 -12.26 -9.91
N THR B 227 14.58 -10.96 -9.80
CA THR B 227 13.70 -10.08 -9.02
C THR B 227 12.83 -9.20 -9.90
N SER B 228 12.84 -9.38 -11.22
CA SER B 228 11.92 -8.59 -12.04
C SER B 228 11.34 -9.44 -13.15
N PRO B 229 10.07 -9.22 -13.52
CA PRO B 229 9.49 -9.94 -14.66
C PRO B 229 10.15 -9.61 -15.98
N PHE B 230 10.96 -8.55 -16.05
CA PHE B 230 11.47 -8.11 -17.35
C PHE B 230 12.74 -8.83 -17.78
N TRP B 231 13.36 -9.62 -16.90
CA TRP B 231 14.41 -10.53 -17.31
C TRP B 231 14.28 -11.82 -16.50
N TYR B 232 14.49 -12.96 -17.17
CA TYR B 232 14.30 -14.28 -16.59
C TYR B 232 14.78 -15.33 -17.59
N SER B 233 14.71 -16.58 -17.15
CA SER B 233 15.27 -17.73 -17.84
C SER B 233 14.26 -18.87 -17.74
N ILE B 234 14.16 -19.69 -18.79
CA ILE B 234 13.38 -20.93 -18.73
C ILE B 234 14.14 -22.01 -19.49
N LYS B 235 13.92 -23.26 -19.11
CA LYS B 235 14.37 -24.42 -19.87
C LYS B 235 13.16 -25.14 -20.44
N ARG B 236 13.29 -25.65 -21.67
CA ARG B 236 12.17 -26.30 -22.34
C ARG B 236 12.76 -27.25 -23.36
N ALA B 237 12.57 -28.55 -23.17
CA ALA B 237 13.16 -29.58 -24.03
C ALA B 237 14.67 -29.53 -23.95
N SER B 238 15.36 -29.29 -25.06
CA SER B 238 16.81 -29.23 -25.04
C SER B 238 17.37 -27.79 -25.11
N ALA B 239 16.54 -26.79 -24.84
CA ALA B 239 16.99 -25.40 -24.96
C ALA B 239 17.01 -24.74 -23.59
N HIS B 240 17.94 -23.82 -23.43
CA HIS B 240 18.02 -22.94 -22.26
C HIS B 240 17.89 -21.53 -22.80
N ILE B 241 16.81 -20.84 -22.41
CA ILE B 241 16.43 -19.57 -23.02
C ILE B 241 16.57 -18.46 -21.97
N ILE B 242 17.31 -17.42 -22.33
CA ILE B 242 17.52 -16.25 -21.48
C ILE B 242 16.79 -15.07 -22.10
N VAL B 243 15.96 -14.41 -21.31
CA VAL B 243 15.19 -13.25 -21.78
C VAL B 243 15.71 -12.01 -21.05
N LEU B 244 16.11 -10.99 -21.81
CA LEU B 244 16.69 -9.75 -21.28
C LEU B 244 15.82 -8.54 -21.59
N SER B 245 16.13 -7.41 -20.94
CA SER B 245 15.33 -6.19 -21.05
C SER B 245 16.19 -5.02 -21.54
N SER B 246 16.07 -4.70 -22.83
CA SER B 246 16.83 -3.57 -23.37
C SER B 246 16.50 -2.24 -22.69
N TYR B 247 15.30 -2.08 -22.14
CA TYR B 247 14.89 -0.78 -21.58
C TYR B 247 14.83 -0.79 -20.06
N SER B 248 15.58 -1.71 -19.44
CA SER B 248 15.87 -1.70 -18.01
C SER B 248 17.35 -1.42 -17.80
N ALA B 249 17.73 -1.13 -16.56
CA ALA B 249 19.14 -0.89 -16.25
C ALA B 249 19.99 -2.15 -16.48
N TYR B 250 21.26 -1.93 -16.87
CA TYR B 250 22.19 -3.03 -17.01
C TYR B 250 23.62 -2.54 -16.79
N GLY B 251 23.81 -1.45 -16.05
CA GLY B 251 25.12 -1.10 -15.56
C GLY B 251 25.69 -2.15 -14.62
N ARG B 252 27.00 -2.12 -14.46
CA ARG B 252 27.68 -3.03 -13.54
CA ARG B 252 27.68 -3.03 -13.54
C ARG B 252 27.14 -2.85 -12.14
N GLY B 253 26.64 -3.96 -11.53
CA GLY B 253 26.05 -3.93 -10.21
C GLY B 253 24.54 -3.77 -10.16
N THR B 254 23.87 -3.50 -11.30
CA THR B 254 22.43 -3.42 -11.31
C THR B 254 21.81 -4.81 -11.12
N PRO B 255 20.52 -4.87 -10.79
CA PRO B 255 19.89 -6.20 -10.71
C PRO B 255 20.04 -7.02 -11.99
N GLN B 256 19.74 -6.43 -13.16
CA GLN B 256 19.78 -7.23 -14.38
C GLN B 256 21.19 -7.70 -14.69
N TYR B 257 22.18 -6.81 -14.56
CA TYR B 257 23.57 -7.18 -14.78
C TYR B 257 23.98 -8.34 -13.89
N THR B 258 23.79 -8.16 -12.58
CA THR B 258 24.06 -9.21 -11.58
C THR B 258 23.34 -10.51 -11.91
N TRP B 259 22.09 -10.44 -12.37
CA TRP B 259 21.35 -11.69 -12.61
C TRP B 259 21.88 -12.43 -13.83
N LEU B 260 22.13 -11.71 -14.94
CA LEU B 260 22.68 -12.38 -16.12
C LEU B 260 24.00 -13.05 -15.79
N LYS B 261 24.85 -12.38 -15.00
CA LYS B 261 26.15 -12.94 -14.63
C LYS B 261 26.02 -14.30 -13.94
N LYS B 262 25.21 -14.36 -12.87
CA LYS B 262 25.02 -15.63 -12.18
C LYS B 262 24.29 -16.65 -13.04
N GLU B 263 23.37 -16.19 -13.89
CA GLU B 263 22.58 -17.12 -14.72
C GLU B 263 23.43 -17.81 -15.78
N LEU B 264 24.40 -17.09 -16.37
CA LEU B 264 25.27 -17.73 -17.36
C LEU B 264 26.14 -18.80 -16.72
N ARG B 265 26.48 -18.66 -15.44
CA ARG B 265 27.26 -19.69 -14.79
C ARG B 265 26.45 -20.96 -14.59
N LYS B 266 25.15 -20.81 -14.32
CA LYS B 266 24.30 -21.97 -14.06
C LYS B 266 24.02 -22.80 -15.31
N VAL B 267 24.27 -22.27 -16.51
CA VAL B 267 23.97 -23.02 -17.73
C VAL B 267 24.82 -24.28 -17.80
N LYS B 268 24.17 -25.43 -18.02
CA LYS B 268 24.87 -26.72 -18.17
C LYS B 268 24.57 -27.25 -19.57
N ARG B 269 25.50 -27.04 -20.52
CA ARG B 269 25.29 -27.48 -21.89
C ARG B 269 25.26 -29.01 -22.02
N SER B 270 25.62 -29.75 -20.97
CA SER B 270 25.50 -31.21 -21.00
C SER B 270 24.10 -31.68 -20.67
N GLU B 271 23.22 -30.77 -20.23
CA GLU B 271 21.83 -31.06 -19.95
C GLU B 271 20.88 -30.40 -20.93
N THR B 272 21.10 -29.12 -21.23
CA THR B 272 20.39 -28.41 -22.29
C THR B 272 21.43 -27.87 -23.28
N PRO B 273 21.60 -28.51 -24.45
CA PRO B 273 22.69 -28.08 -25.34
C PRO B 273 22.45 -26.74 -26.02
N TRP B 274 21.22 -26.30 -26.22
CA TRP B 274 20.95 -25.10 -26.99
C TRP B 274 20.82 -23.90 -26.07
N LEU B 275 21.69 -22.91 -26.24
CA LEU B 275 21.68 -21.71 -25.41
C LEU B 275 21.14 -20.58 -26.28
N ILE B 276 19.96 -20.06 -25.91
CA ILE B 276 19.23 -19.07 -26.71
C ILE B 276 18.99 -17.82 -25.88
N VAL B 277 19.24 -16.65 -26.48
CA VAL B 277 19.03 -15.35 -25.85
C VAL B 277 17.99 -14.57 -26.66
N LEU B 278 17.03 -13.96 -25.95
CA LEU B 278 16.06 -13.06 -26.56
C LEU B 278 16.19 -11.69 -25.92
N MET B 279 16.14 -10.65 -26.76
CA MET B 279 16.18 -9.24 -26.39
C MET B 279 15.43 -8.48 -27.46
N HIS B 280 15.01 -7.25 -27.15
CA HIS B 280 14.26 -6.51 -28.16
C HIS B 280 15.14 -5.79 -29.17
N SER B 281 16.10 -4.92 -28.69
CA SER B 281 16.94 -4.12 -29.60
C SER B 281 18.15 -4.95 -30.04
N PRO B 282 18.37 -5.10 -31.36
CA PRO B 282 19.42 -6.02 -31.85
C PRO B 282 20.82 -5.45 -31.68
N LEU B 283 21.75 -6.32 -31.28
CA LEU B 283 23.14 -5.89 -31.12
C LEU B 283 23.84 -5.68 -32.46
N TYR B 284 23.39 -6.34 -33.51
CA TYR B 284 24.01 -6.27 -34.83
C TYR B 284 22.90 -5.97 -35.82
N ASN B 285 23.04 -4.87 -36.55
CA ASN B 285 21.91 -4.36 -37.33
C ASN B 285 22.46 -3.38 -38.37
N SER B 286 22.40 -3.76 -39.63
CA SER B 286 22.85 -2.91 -40.71
C SER B 286 21.71 -2.21 -41.43
N TYR B 287 20.49 -2.25 -40.89
CA TYR B 287 19.42 -1.42 -41.37
C TYR B 287 19.55 -0.01 -40.79
N ASN B 288 18.89 0.93 -41.45
CA ASN B 288 19.09 2.31 -41.07
C ASN B 288 18.20 2.73 -39.91
N HIS B 289 16.95 2.28 -39.90
CA HIS B 289 16.07 2.45 -38.74
C HIS B 289 16.68 1.81 -37.50
N HIS B 290 16.89 2.62 -36.46
CA HIS B 290 17.50 2.19 -35.20
C HIS B 290 18.94 1.71 -35.39
N PHE B 291 19.64 2.21 -36.40
CA PHE B 291 21.05 1.86 -36.57
C PHE B 291 21.84 2.25 -35.33
N MET B 292 22.47 1.25 -34.70
CA MET B 292 23.42 1.42 -33.58
C MET B 292 22.76 1.66 -32.22
N GLU B 293 21.46 1.41 -32.06
CA GLU B 293 20.87 1.56 -30.74
C GLU B 293 21.34 0.46 -29.81
N GLY B 294 21.62 -0.73 -30.35
CA GLY B 294 22.12 -1.85 -29.59
C GLY B 294 23.53 -1.72 -29.09
N GLU B 295 24.24 -0.63 -29.40
CA GLU B 295 25.65 -0.52 -29.04
C GLU B 295 25.87 -0.53 -27.52
N ALA B 296 25.03 0.15 -26.73
CA ALA B 296 25.27 0.21 -25.29
C ALA B 296 25.23 -1.19 -24.66
N MET B 297 24.16 -1.94 -24.90
CA MET B 297 24.08 -3.29 -24.36
C MET B 297 25.17 -4.21 -24.93
N ARG B 298 25.56 -3.99 -26.19
CA ARG B 298 26.65 -4.78 -26.76
C ARG B 298 27.94 -4.61 -25.96
N THR B 299 28.29 -3.36 -25.61
CA THR B 299 29.54 -3.13 -24.88
C THR B 299 29.52 -3.82 -23.53
N LYS B 300 28.33 -4.00 -22.95
CA LYS B 300 28.21 -4.70 -21.68
C LYS B 300 28.27 -6.21 -21.84
N PHE B 301 27.48 -6.77 -22.76
CA PHE B 301 27.15 -8.19 -22.73
C PHE B 301 27.77 -9.03 -23.85
N GLU B 302 28.27 -8.42 -24.93
CA GLU B 302 28.74 -9.20 -26.06
C GLU B 302 29.84 -10.17 -25.67
N ALA B 303 30.85 -9.66 -24.96
CA ALA B 303 31.93 -10.52 -24.52
C ALA B 303 31.39 -11.70 -23.72
N TRP B 304 30.39 -11.47 -22.86
CA TRP B 304 29.81 -12.57 -22.10
C TRP B 304 29.17 -13.60 -23.02
N PHE B 305 28.56 -13.16 -24.12
CA PHE B 305 27.96 -14.09 -25.08
C PHE B 305 29.03 -14.93 -25.77
N VAL B 306 30.15 -14.31 -26.14
CA VAL B 306 31.21 -15.09 -26.80
C VAL B 306 31.82 -16.08 -25.82
N LYS B 307 32.07 -15.65 -24.58
CA LYS B 307 32.65 -16.53 -23.57
C LYS B 307 31.82 -17.78 -23.38
N TYR B 308 30.50 -17.65 -23.30
CA TYR B 308 29.63 -18.77 -22.98
C TYR B 308 29.12 -19.50 -24.21
N LYS B 309 29.53 -19.09 -25.40
CA LYS B 309 29.23 -19.79 -26.62
C LYS B 309 27.72 -19.94 -26.80
N VAL B 310 27.01 -18.82 -26.58
CA VAL B 310 25.60 -18.75 -26.97
C VAL B 310 25.43 -19.15 -28.44
N ASP B 311 24.41 -19.99 -28.70
CA ASP B 311 24.17 -20.43 -30.08
C ASP B 311 23.61 -19.30 -30.93
N VAL B 312 22.54 -18.63 -30.47
CA VAL B 312 21.83 -17.67 -31.30
C VAL B 312 21.22 -16.60 -30.39
N VAL B 313 21.21 -15.36 -30.87
CA VAL B 313 20.54 -14.22 -30.23
C VAL B 313 19.46 -13.71 -31.19
N PHE B 314 18.21 -13.69 -30.73
CA PHE B 314 17.08 -13.19 -31.50
C PHE B 314 16.67 -11.82 -30.99
N ALA B 315 16.36 -10.92 -31.93
CA ALA B 315 15.93 -9.58 -31.58
C ALA B 315 14.91 -9.13 -32.61
N GLY B 316 14.25 -8.01 -32.30
CA GLY B 316 13.24 -7.41 -33.14
C GLY B 316 13.51 -5.95 -33.40
N HIS B 317 12.52 -5.08 -33.13
CA HIS B 317 12.68 -3.62 -33.18
C HIS B 317 12.79 -3.12 -34.61
N VAL B 318 13.67 -3.70 -35.39
CA VAL B 318 13.82 -3.33 -36.79
C VAL B 318 12.80 -4.12 -37.58
N HIS B 319 11.93 -3.40 -38.30
CA HIS B 319 10.81 -4.03 -38.99
C HIS B 319 11.25 -4.65 -40.31
N ALA B 320 12.09 -5.69 -40.19
CA ALA B 320 12.63 -6.42 -41.35
C ALA B 320 13.33 -7.66 -40.85
N TYR B 321 14.01 -8.38 -41.74
CA TYR B 321 14.70 -9.61 -41.40
C TYR B 321 16.20 -9.48 -41.67
N GLU B 322 17.01 -10.01 -40.75
CA GLU B 322 18.45 -10.04 -40.95
C GLU B 322 19.08 -11.19 -40.16
N ARG B 323 20.11 -11.80 -40.75
CA ARG B 323 20.87 -12.87 -40.13
C ARG B 323 22.36 -12.58 -40.30
N SER B 324 23.08 -12.54 -39.17
CA SER B 324 24.49 -12.18 -39.20
C SER B 324 25.37 -13.43 -39.41
N GLU B 325 26.66 -13.18 -39.70
CA GLU B 325 27.69 -14.19 -39.57
C GLU B 325 28.11 -14.30 -38.11
N ARG B 326 28.68 -15.46 -37.74
CA ARG B 326 29.26 -15.56 -36.41
C ARG B 326 30.42 -14.58 -36.34
N VAL B 327 30.26 -13.48 -35.60
CA VAL B 327 31.27 -12.41 -35.50
C VAL B 327 31.32 -11.85 -34.08
N SER B 328 32.43 -11.18 -33.77
CA SER B 328 32.60 -10.53 -32.47
C SER B 328 33.38 -9.23 -32.65
N ASN B 329 33.17 -8.32 -31.69
CA ASN B 329 33.76 -6.98 -31.72
C ASN B 329 34.18 -6.56 -30.29
N ILE B 330 35.05 -7.36 -29.67
CA ILE B 330 35.30 -7.30 -28.22
C ILE B 330 36.76 -6.95 -27.89
N ALA B 331 37.55 -6.47 -28.85
CA ALA B 331 38.96 -6.16 -28.65
C ALA B 331 39.27 -4.66 -28.56
N TYR B 332 38.26 -3.80 -28.55
CA TYR B 332 38.45 -2.36 -28.57
C TYR B 332 38.97 -1.87 -27.22
N LYS B 333 40.00 -1.02 -27.24
CA LYS B 333 40.48 -0.45 -25.98
C LYS B 333 40.63 1.06 -26.09
N ILE B 334 39.67 1.72 -26.74
CA ILE B 334 39.60 3.17 -26.93
C ILE B 334 40.68 3.67 -27.92
N THR B 335 41.95 3.33 -27.70
CA THR B 335 43.02 3.89 -28.52
C THR B 335 43.73 2.89 -29.42
N ASN B 336 43.42 1.59 -29.34
CA ASN B 336 44.13 0.56 -30.11
C ASN B 336 43.57 0.38 -31.52
N GLY B 337 42.52 1.10 -31.89
CA GLY B 337 41.98 1.01 -33.22
C GLY B 337 41.27 -0.28 -33.58
N LEU B 338 41.09 -1.22 -32.65
CA LEU B 338 40.44 -2.49 -33.00
C LEU B 338 38.93 -2.37 -32.80
N CYS B 339 38.26 -1.77 -33.80
CA CYS B 339 36.82 -1.53 -33.69
C CYS B 339 36.02 -2.20 -34.81
N THR B 340 36.61 -3.14 -35.54
CA THR B 340 35.89 -3.77 -36.64
C THR B 340 35.45 -5.20 -36.30
N PRO B 341 34.22 -5.60 -36.62
CA PRO B 341 33.82 -6.99 -36.35
C PRO B 341 34.65 -7.95 -37.18
N VAL B 342 35.08 -9.03 -36.52
CA VAL B 342 35.83 -10.11 -37.18
C VAL B 342 35.06 -11.42 -36.99
N LYS B 343 35.40 -12.37 -37.85
CA LYS B 343 34.81 -13.71 -37.81
C LYS B 343 35.23 -14.40 -36.54
N ASP B 344 34.28 -15.05 -35.85
CA ASP B 344 34.55 -15.70 -34.57
C ASP B 344 33.59 -16.88 -34.41
N GLN B 345 34.11 -18.07 -34.67
CA GLN B 345 33.32 -19.28 -34.56
C GLN B 345 32.82 -19.54 -33.14
N SER B 346 33.33 -18.81 -32.15
CA SER B 346 32.84 -18.88 -30.78
C SER B 346 31.61 -17.99 -30.52
N ALA B 347 31.25 -17.10 -31.45
CA ALA B 347 30.19 -16.12 -31.25
C ALA B 347 28.82 -16.66 -31.69
N PRO B 348 27.74 -16.13 -31.12
CA PRO B 348 26.40 -16.49 -31.62
C PRO B 348 26.14 -15.90 -32.99
N VAL B 349 25.14 -16.47 -33.65
CA VAL B 349 24.51 -15.81 -34.78
C VAL B 349 23.47 -14.83 -34.27
N TYR B 350 23.46 -13.64 -34.84
CA TYR B 350 22.53 -12.59 -34.46
C TYR B 350 21.45 -12.50 -35.53
N ILE B 351 20.20 -12.63 -35.12
CA ILE B 351 19.09 -12.67 -36.08
C ILE B 351 18.06 -11.62 -35.68
N THR B 352 17.78 -10.68 -36.59
CA THR B 352 16.69 -9.74 -36.40
C THR B 352 15.44 -10.29 -37.09
N ILE B 353 14.33 -10.34 -36.35
CA ILE B 353 13.11 -10.97 -36.87
C ILE B 353 11.86 -10.16 -36.48
N GLY B 354 11.98 -8.83 -36.55
CA GLY B 354 10.92 -7.95 -36.10
C GLY B 354 9.95 -7.58 -37.19
N ASP B 355 9.62 -8.53 -38.07
CA ASP B 355 8.93 -8.24 -39.32
C ASP B 355 7.54 -8.88 -39.37
N ALA B 356 6.91 -9.13 -38.23
CA ALA B 356 5.65 -9.85 -38.25
C ALA B 356 4.49 -8.97 -38.71
N GLY B 357 4.65 -7.65 -38.75
CA GLY B 357 3.57 -6.86 -39.30
C GLY B 357 3.34 -5.47 -38.74
N ASN B 358 3.71 -5.24 -37.48
CA ASN B 358 3.41 -4.01 -36.75
C ASN B 358 2.12 -3.35 -37.24
N TYR B 359 2.17 -2.04 -37.53
CA TYR B 359 1.04 -1.30 -38.05
C TYR B 359 1.09 -1.19 -39.58
N GLY B 360 1.85 -2.05 -40.24
CA GLY B 360 1.83 -2.19 -41.68
C GLY B 360 3.02 -1.62 -42.41
N VAL B 361 4.04 -1.15 -41.69
CA VAL B 361 5.20 -0.49 -42.29
C VAL B 361 6.40 -1.42 -42.22
N ILE B 362 7.19 -1.44 -43.29
CA ILE B 362 8.40 -2.24 -43.39
C ILE B 362 9.59 -1.28 -43.41
N ASP B 363 10.71 -1.71 -42.82
CA ASP B 363 11.94 -0.92 -42.84
C ASP B 363 12.81 -1.40 -44.01
N SER B 364 12.85 -0.60 -45.08
CA SER B 364 13.56 -0.97 -46.30
C SER B 364 14.85 -0.20 -46.55
N ASN B 365 15.15 0.81 -45.75
CA ASN B 365 16.39 1.57 -45.88
C ASN B 365 17.52 0.75 -45.26
N MET B 366 18.47 0.29 -46.09
CA MET B 366 19.62 -0.48 -45.64
C MET B 366 20.90 0.27 -45.95
N ILE B 367 21.91 0.03 -45.15
CA ILE B 367 23.22 0.64 -45.38
C ILE B 367 23.93 -0.16 -46.46
N GLN B 368 24.62 0.53 -47.37
CA GLN B 368 25.16 -0.14 -48.54
C GLN B 368 26.63 0.18 -48.73
N PRO B 369 27.42 -0.81 -49.19
CA PRO B 369 26.99 -2.18 -49.49
C PRO B 369 26.81 -3.00 -48.22
N GLN B 370 26.26 -4.20 -48.34
CA GLN B 370 26.05 -5.06 -47.19
C GLN B 370 27.36 -5.30 -46.42
N PRO B 371 27.43 -5.01 -45.13
CA PRO B 371 28.67 -5.24 -44.39
C PRO B 371 29.04 -6.72 -44.31
N GLU B 372 30.32 -6.98 -44.08
CA GLU B 372 30.75 -8.37 -44.05
C GLU B 372 30.22 -9.11 -42.81
N TYR B 373 29.73 -8.40 -41.79
CA TYR B 373 29.17 -9.08 -40.62
C TYR B 373 27.74 -9.58 -40.85
N SER B 374 27.12 -9.21 -41.97
CA SER B 374 25.72 -9.53 -42.25
C SER B 374 25.64 -10.61 -43.33
N ALA B 375 25.03 -11.75 -43.01
CA ALA B 375 24.96 -12.84 -43.97
C ALA B 375 23.81 -12.68 -44.95
N PHE B 376 22.61 -12.36 -44.46
CA PHE B 376 21.43 -12.26 -45.30
C PHE B 376 20.50 -11.22 -44.70
N ARG B 377 19.86 -10.41 -45.55
CA ARG B 377 18.88 -9.46 -45.05
C ARG B 377 17.85 -9.17 -46.13
N GLU B 378 16.63 -8.83 -45.71
CA GLU B 378 15.56 -8.54 -46.66
C GLU B 378 14.44 -7.80 -45.94
N ALA B 379 13.80 -6.87 -46.65
CA ALA B 379 12.66 -6.13 -46.11
C ALA B 379 11.34 -6.73 -46.59
N SER B 380 10.91 -7.79 -45.89
CA SER B 380 9.62 -8.43 -46.14
C SER B 380 9.02 -8.90 -44.81
N PHE B 381 7.69 -8.90 -44.75
CA PHE B 381 6.98 -9.44 -43.60
C PHE B 381 7.14 -10.96 -43.52
N GLY B 382 7.06 -11.49 -42.31
CA GLY B 382 7.13 -12.93 -42.14
C GLY B 382 7.58 -13.29 -40.74
N HIS B 383 7.98 -14.55 -40.58
CA HIS B 383 8.27 -15.13 -39.28
C HIS B 383 9.36 -16.18 -39.42
N GLY B 384 9.86 -16.68 -38.28
CA GLY B 384 10.94 -17.64 -38.27
C GLY B 384 10.56 -18.91 -37.53
N MET B 385 11.39 -19.95 -37.73
N MET B 385 11.38 -19.96 -37.74
CA MET B 385 11.28 -21.21 -37.01
CA MET B 385 11.25 -21.19 -36.99
C MET B 385 12.67 -21.69 -36.64
C MET B 385 12.66 -21.69 -36.64
N PHE B 386 12.87 -22.01 -35.37
CA PHE B 386 14.13 -22.59 -34.91
C PHE B 386 13.81 -24.03 -34.51
N ASP B 387 14.21 -24.96 -35.36
CA ASP B 387 13.75 -26.35 -35.33
C ASP B 387 14.87 -27.27 -34.85
N ILE B 388 14.79 -27.69 -33.58
CA ILE B 388 15.85 -28.45 -32.93
C ILE B 388 15.65 -29.94 -33.19
N LYS B 389 16.70 -30.61 -33.67
CA LYS B 389 16.66 -32.02 -34.05
C LYS B 389 17.34 -32.91 -33.02
N ASN B 390 18.53 -32.55 -32.58
CA ASN B 390 19.26 -33.31 -31.57
C ASN B 390 20.30 -32.36 -30.98
N ARG B 391 21.27 -32.93 -30.26
CA ARG B 391 22.23 -32.08 -29.55
C ARG B 391 23.18 -31.37 -30.50
N THR B 392 23.28 -31.78 -31.76
CA THR B 392 24.22 -31.14 -32.66
C THR B 392 23.58 -30.22 -33.68
N HIS B 393 22.35 -30.50 -34.11
CA HIS B 393 21.76 -29.85 -35.27
C HIS B 393 20.47 -29.13 -34.92
N ALA B 394 20.32 -27.91 -35.42
CA ALA B 394 19.06 -27.17 -35.41
C ALA B 394 18.95 -26.44 -36.73
N HIS B 395 17.76 -26.44 -37.30
CA HIS B 395 17.49 -25.83 -38.60
C HIS B 395 16.67 -24.57 -38.39
N PHE B 396 17.20 -23.43 -38.82
CA PHE B 396 16.46 -22.17 -38.81
C PHE B 396 15.94 -21.84 -40.21
N SER B 397 14.70 -21.36 -40.29
CA SER B 397 14.11 -21.00 -41.56
C SER B 397 13.24 -19.76 -41.43
N TRP B 398 13.14 -19.00 -42.53
CA TRP B 398 12.39 -17.76 -42.57
C TRP B 398 11.34 -17.90 -43.66
N ASN B 399 10.07 -17.70 -43.30
CA ASN B 399 8.96 -17.78 -44.24
C ASN B 399 8.40 -16.39 -44.48
N ARG B 400 8.26 -16.00 -45.74
CA ARG B 400 7.75 -14.68 -46.09
C ARG B 400 6.23 -14.71 -46.20
N ASN B 401 5.61 -13.56 -45.90
CA ASN B 401 4.16 -13.49 -46.03
C ASN B 401 3.70 -13.63 -47.48
N GLN B 402 4.53 -13.21 -48.44
CA GLN B 402 4.13 -13.25 -49.85
C GLN B 402 4.38 -14.60 -50.52
N ASP B 403 4.77 -15.62 -49.77
CA ASP B 403 5.07 -16.96 -50.29
C ASP B 403 4.06 -17.97 -49.76
N GLY B 404 4.13 -19.19 -50.31
CA GLY B 404 3.38 -20.29 -49.73
C GLY B 404 3.85 -20.61 -48.33
N VAL B 405 2.95 -21.20 -47.53
CA VAL B 405 3.26 -21.39 -46.11
C VAL B 405 4.36 -22.43 -45.90
N ALA B 406 4.62 -23.28 -46.90
CA ALA B 406 5.67 -24.29 -46.81
C ALA B 406 7.00 -23.84 -47.44
N VAL B 407 7.12 -22.59 -47.86
CA VAL B 407 8.31 -22.09 -48.55
C VAL B 407 9.25 -21.41 -47.57
N GLU B 408 10.52 -21.79 -47.60
CA GLU B 408 11.57 -21.11 -46.83
C GLU B 408 12.37 -20.20 -47.75
N ALA B 409 12.31 -18.89 -47.52
CA ALA B 409 13.10 -17.96 -48.31
C ALA B 409 14.55 -17.87 -47.83
N ASP B 410 14.82 -18.18 -46.56
CA ASP B 410 16.19 -18.31 -46.08
C ASP B 410 16.19 -19.44 -45.07
N SER B 411 17.30 -20.17 -44.99
CA SER B 411 17.32 -21.43 -44.26
C SER B 411 18.77 -21.84 -44.04
N VAL B 412 19.12 -22.13 -42.78
CA VAL B 412 20.48 -22.45 -42.38
C VAL B 412 20.48 -23.51 -41.30
N TRP B 413 21.48 -24.39 -41.35
CA TRP B 413 21.70 -25.39 -40.31
C TRP B 413 22.68 -24.85 -39.27
N PHE B 414 22.24 -24.75 -38.02
CA PHE B 414 23.15 -24.39 -36.94
C PHE B 414 23.87 -25.66 -36.48
N PHE B 415 25.18 -25.58 -36.32
CA PHE B 415 25.92 -26.62 -35.61
C PHE B 415 26.14 -26.15 -34.18
N ASN B 416 25.75 -26.98 -33.21
CA ASN B 416 25.78 -26.58 -31.81
C ASN B 416 27.18 -26.13 -31.38
N ARG B 417 27.25 -24.98 -30.72
CA ARG B 417 28.55 -24.47 -30.30
C ARG B 417 29.24 -25.35 -29.25
N HIS B 418 28.49 -26.13 -28.46
CA HIS B 418 29.16 -26.94 -27.46
C HIS B 418 29.41 -28.37 -27.91
N TRP B 419 28.52 -28.94 -28.74
CA TRP B 419 28.58 -30.34 -29.14
C TRP B 419 29.09 -30.58 -30.55
N TYR B 420 29.05 -29.57 -31.43
CA TYR B 420 29.51 -29.70 -32.81
C TYR B 420 30.20 -28.41 -33.24
N PRO B 421 31.27 -28.02 -32.54
CA PRO B 421 31.79 -26.65 -32.71
C PRO B 421 32.55 -26.46 -34.02
N VAL B 422 31.84 -26.57 -35.13
CA VAL B 422 32.45 -26.50 -36.45
C VAL B 422 31.83 -25.33 -37.19
N ASP B 423 32.62 -24.70 -38.06
CA ASP B 423 32.12 -23.64 -38.91
C ASP B 423 30.83 -24.08 -39.59
N ASP B 424 29.78 -23.28 -39.44
CA ASP B 424 28.47 -23.60 -39.98
C ASP B 424 27.94 -22.42 -40.78
N SER B 425 28.84 -21.70 -41.45
CA SER B 425 28.45 -20.53 -42.23
C SER B 425 27.95 -20.93 -43.62
N THR B 426 27.01 -20.12 -44.14
CA THR B 426 26.53 -20.26 -45.52
C THR B 426 27.61 -19.84 -46.51
N ARG C 3 -40.88 3.51 -7.55
CA ARG C 3 -41.16 4.95 -7.44
C ARG C 3 -39.90 5.82 -7.54
N ASP C 4 -38.76 5.19 -7.81
CA ASP C 4 -37.53 5.94 -8.04
C ASP C 4 -37.63 6.70 -9.36
N MET C 5 -37.06 7.90 -9.39
CA MET C 5 -37.11 8.69 -10.62
C MET C 5 -36.28 8.01 -11.70
N PRO C 6 -36.80 7.87 -12.91
CA PRO C 6 -36.06 7.12 -13.95
C PRO C 6 -34.85 7.89 -14.46
N LEU C 7 -33.91 7.12 -15.03
CA LEU C 7 -32.59 7.65 -15.37
C LEU C 7 -32.65 8.88 -16.25
N ASP C 8 -33.68 8.99 -17.09
CA ASP C 8 -33.76 10.11 -18.01
C ASP C 8 -34.52 11.30 -17.44
N SER C 9 -34.74 11.35 -16.11
CA SER C 9 -35.43 12.49 -15.52
C SER C 9 -34.54 13.72 -15.52
N ASP C 10 -35.20 14.89 -15.48
CA ASP C 10 -34.49 16.16 -15.68
C ASP C 10 -33.53 16.46 -14.55
N VAL C 11 -33.84 16.01 -13.33
CA VAL C 11 -32.93 16.23 -12.21
C VAL C 11 -31.62 15.46 -12.37
N PHE C 12 -31.58 14.47 -13.26
CA PHE C 12 -30.40 13.66 -13.52
C PHE C 12 -29.62 14.11 -14.76
N ARG C 13 -30.01 15.20 -15.40
CA ARG C 13 -29.37 15.60 -16.65
C ARG C 13 -27.91 15.96 -16.43
N VAL C 14 -27.08 15.65 -17.42
CA VAL C 14 -25.62 15.74 -17.32
C VAL C 14 -25.16 17.10 -17.82
N PRO C 15 -24.40 17.86 -17.05
CA PRO C 15 -23.93 19.19 -17.50
C PRO C 15 -23.06 19.08 -18.75
N PRO C 16 -23.33 19.90 -19.75
CA PRO C 16 -22.70 19.69 -21.07
C PRO C 16 -21.28 20.26 -21.14
N GLY C 17 -20.61 19.88 -22.21
CA GLY C 17 -19.23 20.26 -22.41
C GLY C 17 -18.29 19.13 -22.01
N TYR C 18 -17.16 19.06 -22.69
CA TYR C 18 -16.19 18.02 -22.41
C TYR C 18 -15.75 18.08 -20.95
N ASN C 19 -15.82 16.92 -20.27
CA ASN C 19 -15.37 16.76 -18.88
C ASN C 19 -15.92 17.83 -17.95
N ALA C 20 -17.16 18.26 -18.19
CA ALA C 20 -17.76 19.26 -17.31
C ALA C 20 -17.88 18.70 -15.89
N PRO C 21 -17.50 19.45 -14.87
CA PRO C 21 -17.73 18.98 -13.48
C PRO C 21 -19.20 18.70 -13.25
N GLN C 22 -19.49 17.58 -12.58
CA GLN C 22 -20.84 17.28 -12.11
C GLN C 22 -20.79 16.85 -10.65
N GLN C 23 -21.98 16.72 -10.06
CA GLN C 23 -22.17 16.31 -8.67
C GLN C 23 -21.43 17.24 -7.71
N VAL C 24 -21.60 18.55 -7.91
CA VAL C 24 -20.85 19.51 -7.10
C VAL C 24 -21.54 19.62 -5.74
N HIS C 25 -20.75 19.53 -4.65
CA HIS C 25 -21.28 19.68 -3.31
C HIS C 25 -20.21 20.29 -2.41
N ILE C 26 -20.64 21.07 -1.42
CA ILE C 26 -19.76 21.74 -0.46
C ILE C 26 -20.22 21.37 0.95
N THR C 27 -19.29 21.50 1.90
CA THR C 27 -19.59 21.42 3.33
C THR C 27 -18.55 22.23 4.11
N GLN C 28 -18.87 22.51 5.36
CA GLN C 28 -17.95 23.24 6.23
C GLN C 28 -16.59 22.53 6.32
N GLY C 29 -15.51 23.29 6.11
CA GLY C 29 -14.19 22.68 5.98
C GLY C 29 -13.27 22.79 7.18
N ASP C 30 -13.74 23.46 8.24
CA ASP C 30 -12.95 23.73 9.44
C ASP C 30 -13.88 23.68 10.65
N LEU C 31 -13.34 24.05 11.81
CA LEU C 31 -14.10 24.00 13.06
C LEU C 31 -15.12 25.13 13.20
N VAL C 32 -14.82 26.34 12.73
CA VAL C 32 -15.59 27.52 13.12
C VAL C 32 -16.32 28.21 11.97
N GLY C 33 -16.01 27.89 10.71
CA GLY C 33 -16.76 28.48 9.62
C GLY C 33 -15.96 29.17 8.54
N ARG C 34 -14.64 29.29 8.72
CA ARG C 34 -13.76 30.04 7.84
C ARG C 34 -13.17 29.18 6.70
N ALA C 35 -13.68 27.97 6.47
CA ALA C 35 -13.21 27.13 5.37
C ALA C 35 -14.39 26.35 4.82
N MET C 36 -14.23 25.88 3.58
CA MET C 36 -15.25 25.10 2.88
C MET C 36 -14.58 24.00 2.08
N ILE C 37 -15.16 22.80 2.10
CA ILE C 37 -14.70 21.68 1.29
C ILE C 37 -15.52 21.66 0.01
N ILE C 38 -14.83 21.74 -1.13
CA ILE C 38 -15.45 21.76 -2.45
C ILE C 38 -15.19 20.40 -3.09
N SER C 39 -16.25 19.80 -3.63
CA SER C 39 -16.21 18.44 -4.13
C SER C 39 -16.98 18.34 -5.44
N TRP C 40 -16.50 17.49 -6.34
CA TRP C 40 -17.16 17.32 -7.62
C TRP C 40 -16.51 16.15 -8.34
N VAL C 41 -17.16 15.74 -9.44
CA VAL C 41 -16.76 14.55 -10.19
C VAL C 41 -16.70 14.91 -11.67
N THR C 42 -15.61 14.52 -12.31
CA THR C 42 -15.46 14.58 -13.76
C THR C 42 -15.44 13.17 -14.31
N MET C 43 -16.01 13.00 -15.50
CA MET C 43 -16.20 11.67 -16.07
C MET C 43 -15.39 11.40 -17.32
N ASP C 44 -14.99 12.41 -18.08
CA ASP C 44 -14.28 12.13 -19.33
C ASP C 44 -12.79 11.87 -19.11
N GLU C 45 -12.17 12.60 -18.19
CA GLU C 45 -10.74 12.43 -17.90
C GLU C 45 -10.44 13.06 -16.54
N PRO C 46 -9.32 12.67 -15.89
CA PRO C 46 -9.07 13.13 -14.51
C PRO C 46 -9.20 14.62 -14.26
N GLY C 47 -8.75 15.46 -15.18
CA GLY C 47 -8.93 16.88 -14.98
C GLY C 47 -8.06 17.44 -13.86
N SER C 48 -8.31 18.71 -13.57
CA SER C 48 -7.58 19.45 -12.56
C SER C 48 -8.37 19.51 -11.25
N SER C 49 -7.66 19.51 -10.11
CA SER C 49 -8.27 19.62 -8.79
C SER C 49 -8.28 21.06 -8.25
N ALA C 50 -8.02 22.04 -9.09
CA ALA C 50 -7.96 23.43 -8.65
C ALA C 50 -9.35 24.04 -8.57
N VAL C 51 -9.54 24.92 -7.58
CA VAL C 51 -10.74 25.75 -7.47
C VAL C 51 -10.29 27.21 -7.47
N ARG C 52 -11.00 28.03 -8.26
CA ARG C 52 -10.74 29.46 -8.30
C ARG C 52 -11.90 30.16 -7.62
N TYR C 53 -11.59 31.00 -6.63
CA TYR C 53 -12.62 31.61 -5.83
C TYR C 53 -12.28 33.06 -5.53
N TRP C 54 -13.33 33.84 -5.26
CA TRP C 54 -13.20 35.26 -4.92
C TRP C 54 -14.51 35.70 -4.28
N SER C 55 -14.40 36.75 -3.49
CA SER C 55 -15.56 37.32 -2.82
C SER C 55 -16.23 38.39 -3.69
N GLU C 56 -17.47 38.71 -3.33
CA GLU C 56 -18.12 39.89 -3.92
C GLU C 56 -17.34 41.15 -3.56
N LYS C 57 -16.85 41.23 -2.32
CA LYS C 57 -16.12 42.38 -1.79
C LYS C 57 -14.79 42.59 -2.50
N ASN C 58 -13.86 41.65 -2.31
CA ASN C 58 -12.48 41.85 -2.76
C ASN C 58 -12.39 41.84 -4.28
N GLY C 59 -13.02 40.86 -4.93
CA GLY C 59 -12.76 40.59 -6.32
C GLY C 59 -11.45 39.90 -6.59
N ARG C 60 -10.56 39.78 -5.60
CA ARG C 60 -9.26 39.14 -5.79
C ARG C 60 -9.45 37.64 -5.98
N LYS C 61 -8.96 37.10 -7.09
CA LYS C 61 -9.15 35.69 -7.42
C LYS C 61 -7.96 34.86 -6.95
N ARG C 62 -8.20 33.96 -6.00
CA ARG C 62 -7.19 33.05 -5.50
C ARG C 62 -7.47 31.64 -6.00
N ILE C 63 -6.47 30.76 -5.86
CA ILE C 63 -6.51 29.39 -6.35
C ILE C 63 -6.19 28.44 -5.20
N ALA C 64 -7.07 27.47 -4.97
CA ALA C 64 -6.82 26.38 -4.04
C ALA C 64 -6.66 25.09 -4.83
N LYS C 65 -5.84 24.18 -4.30
CA LYS C 65 -5.52 22.92 -4.97
C LYS C 65 -5.79 21.77 -4.02
N GLY C 66 -6.54 20.77 -4.48
CA GLY C 66 -6.95 19.62 -3.69
C GLY C 66 -6.46 18.29 -4.25
N LYS C 67 -7.22 17.20 -4.08
CA LYS C 67 -6.73 15.88 -4.44
C LYS C 67 -7.81 15.10 -5.18
N MET C 68 -7.38 14.14 -5.98
CA MET C 68 -8.24 13.37 -6.86
C MET C 68 -8.14 11.89 -6.49
N SER C 69 -9.28 11.22 -6.42
CA SER C 69 -9.29 9.81 -6.04
C SER C 69 -10.33 9.08 -6.88
N THR C 70 -10.18 7.75 -6.95
CA THR C 70 -11.13 6.89 -7.64
C THR C 70 -11.41 5.66 -6.79
N TYR C 71 -12.48 4.94 -7.13
CA TYR C 71 -12.75 3.66 -6.49
C TYR C 71 -13.48 2.78 -7.48
N ARG C 72 -13.37 1.47 -7.25
CA ARG C 72 -14.21 0.47 -7.90
C ARG C 72 -15.14 -0.15 -6.85
N PHE C 73 -16.30 -0.63 -7.31
CA PHE C 73 -17.21 -1.42 -6.47
C PHE C 73 -17.78 -2.54 -7.35
N PHE C 74 -17.42 -3.79 -7.04
CA PHE C 74 -17.82 -4.91 -7.89
C PHE C 74 -17.47 -4.60 -9.35
N ASN C 75 -18.44 -4.59 -10.28
CA ASN C 75 -18.13 -4.34 -11.68
C ASN C 75 -18.27 -2.86 -12.07
N TYR C 76 -18.41 -1.96 -11.11
CA TYR C 76 -18.49 -0.51 -11.34
C TYR C 76 -17.12 0.15 -11.15
N SER C 77 -16.84 1.17 -11.97
CA SER C 77 -15.62 1.97 -11.89
C SER C 77 -16.01 3.44 -11.84
N SER C 78 -15.62 4.14 -10.78
CA SER C 78 -16.08 5.52 -10.59
C SER C 78 -15.42 6.46 -11.61
N GLY C 79 -15.98 7.66 -11.67
CA GLY C 79 -15.29 8.77 -12.30
C GLY C 79 -14.16 9.26 -11.42
N PHE C 80 -13.73 10.49 -11.66
CA PHE C 80 -12.61 11.06 -10.93
C PHE C 80 -13.14 12.05 -9.91
N ILE C 81 -12.99 11.70 -8.64
CA ILE C 81 -13.55 12.47 -7.53
C ILE C 81 -12.51 13.46 -7.00
N HIS C 82 -12.90 14.73 -6.91
CA HIS C 82 -12.03 15.80 -6.44
C HIS C 82 -12.56 16.37 -5.12
N HIS C 83 -11.64 16.68 -4.20
CA HIS C 83 -11.94 17.35 -2.92
C HIS C 83 -10.87 18.41 -2.68
N THR C 84 -11.31 19.66 -2.47
CA THR C 84 -10.38 20.78 -2.32
C THR C 84 -10.93 21.70 -1.26
N THR C 85 -10.06 22.15 -0.36
CA THR C 85 -10.50 22.97 0.77
C THR C 85 -9.98 24.39 0.58
N ILE C 86 -10.90 25.34 0.44
CA ILE C 86 -10.58 26.76 0.48
CA ILE C 86 -10.53 26.74 0.48
C ILE C 86 -10.54 27.20 1.93
N ARG C 87 -9.54 28.00 2.30
CA ARG C 87 -9.35 28.34 3.72
C ARG C 87 -9.17 29.84 3.90
N LYS C 88 -9.19 30.25 5.18
CA LYS C 88 -8.95 31.63 5.62
C LYS C 88 -9.94 32.60 5.00
N LEU C 89 -11.18 32.15 4.80
CA LEU C 89 -12.21 32.99 4.24
C LEU C 89 -12.68 34.00 5.27
N LYS C 90 -13.51 34.95 4.84
CA LYS C 90 -14.01 35.98 5.73
C LYS C 90 -15.45 35.70 6.11
N TYR C 91 -15.80 36.04 7.34
CA TYR C 91 -17.12 35.73 7.83
C TYR C 91 -18.17 36.56 7.11
N ASN C 92 -19.36 36.00 6.99
CA ASN C 92 -20.54 36.74 6.55
C ASN C 92 -20.36 37.36 5.15
N THR C 93 -19.74 36.61 4.24
CA THR C 93 -19.31 37.14 2.95
C THR C 93 -19.71 36.20 1.81
N LYS C 94 -20.18 36.77 0.70
CA LYS C 94 -20.49 35.98 -0.48
C LYS C 94 -19.23 35.73 -1.31
N TYR C 95 -19.00 34.47 -1.68
CA TYR C 95 -17.88 34.04 -2.51
C TYR C 95 -18.37 33.38 -3.78
N TYR C 96 -17.61 33.58 -4.86
CA TYR C 96 -17.77 32.78 -6.06
C TYR C 96 -16.66 31.77 -6.11
N TYR C 97 -16.94 30.61 -6.71
CA TYR C 97 -15.91 29.61 -6.94
C TYR C 97 -16.21 28.91 -8.26
N GLU C 98 -15.14 28.48 -8.94
CA GLU C 98 -15.25 27.79 -10.21
C GLU C 98 -14.46 26.48 -10.21
N VAL C 99 -15.04 25.44 -10.81
CA VAL C 99 -14.38 24.14 -10.95
C VAL C 99 -14.38 23.75 -12.43
N GLY C 100 -13.47 22.86 -12.78
CA GLY C 100 -13.32 22.47 -14.18
C GLY C 100 -12.41 23.38 -14.97
N LEU C 101 -11.28 23.77 -14.39
CA LEU C 101 -10.47 24.86 -14.93
C LEU C 101 -9.70 24.45 -16.19
N ARG C 102 -9.63 23.15 -16.49
CA ARG C 102 -8.89 22.72 -17.66
C ARG C 102 -9.74 22.75 -18.93
N ASN C 103 -11.02 22.34 -18.86
CA ASN C 103 -11.80 22.22 -20.09
C ASN C 103 -13.12 22.98 -20.05
N THR C 104 -14.05 22.53 -19.22
CA THR C 104 -15.36 23.19 -19.10
C THR C 104 -15.49 23.71 -17.68
N THR C 105 -15.49 25.02 -17.54
CA THR C 105 -15.60 25.68 -16.24
C THR C 105 -17.05 25.92 -15.88
N ARG C 106 -17.42 25.62 -14.63
CA ARG C 106 -18.73 25.96 -14.11
C ARG C 106 -18.55 26.77 -12.84
N ARG C 107 -19.47 27.73 -12.61
CA ARG C 107 -19.35 28.69 -11.53
C ARG C 107 -20.53 28.58 -10.56
N PHE C 108 -20.24 28.67 -9.26
CA PHE C 108 -21.27 28.62 -8.22
C PHE C 108 -20.96 29.71 -7.21
N SER C 109 -21.63 29.67 -6.06
CA SER C 109 -21.34 30.64 -5.01
C SER C 109 -21.84 30.10 -3.67
N PHE C 110 -21.31 30.66 -2.58
CA PHE C 110 -21.84 30.38 -1.26
C PHE C 110 -21.67 31.61 -0.37
N ILE C 111 -22.32 31.57 0.78
CA ILE C 111 -22.27 32.65 1.78
C ILE C 111 -21.77 32.06 3.10
N THR C 112 -20.58 32.49 3.53
CA THR C 112 -20.03 32.07 4.80
C THR C 112 -20.96 32.45 5.96
N PRO C 113 -20.87 31.76 7.09
CA PRO C 113 -21.70 32.12 8.24
C PRO C 113 -21.10 33.28 9.00
N PRO C 114 -21.85 33.88 9.91
CA PRO C 114 -21.25 34.86 10.83
C PRO C 114 -20.27 34.18 11.77
N GLN C 115 -19.38 35.00 12.33
CA GLN C 115 -18.49 34.51 13.38
C GLN C 115 -19.30 33.94 14.54
N THR C 116 -18.80 32.88 15.16
CA THR C 116 -19.56 32.24 16.22
C THR C 116 -19.70 33.20 17.39
N GLY C 117 -20.85 33.17 18.03
CA GLY C 117 -21.19 34.11 19.09
C GLY C 117 -22.47 33.69 19.77
N LEU C 118 -22.71 34.33 20.92
CA LEU C 118 -23.77 33.89 21.82
C LEU C 118 -25.17 34.11 21.21
N ASP C 119 -25.37 35.23 20.53
CA ASP C 119 -26.70 35.59 20.03
C ASP C 119 -26.70 35.72 18.52
N VAL C 120 -26.04 34.81 17.81
CA VAL C 120 -25.94 34.88 16.35
C VAL C 120 -27.08 34.07 15.76
N PRO C 121 -28.07 34.70 15.14
CA PRO C 121 -29.18 33.93 14.55
C PRO C 121 -28.71 33.12 13.33
N TYR C 122 -29.45 32.05 13.04
CA TYR C 122 -29.12 31.14 11.95
C TYR C 122 -30.25 30.13 11.77
N THR C 123 -30.47 29.71 10.53
CA THR C 123 -31.57 28.83 10.14
C THR C 123 -31.01 27.54 9.52
N PHE C 124 -31.33 26.40 10.12
CA PHE C 124 -30.86 25.09 9.68
C PHE C 124 -32.02 24.31 9.09
N GLY C 125 -31.82 23.77 7.90
CA GLY C 125 -32.73 22.77 7.40
C GLY C 125 -32.41 21.40 7.96
N LEU C 126 -33.45 20.57 8.11
CA LEU C 126 -33.32 19.21 8.61
C LEU C 126 -33.90 18.24 7.62
N ILE C 127 -33.06 17.35 7.09
CA ILE C 127 -33.46 16.38 6.10
C ILE C 127 -32.84 15.03 6.48
N GLY C 128 -33.63 13.97 6.39
CA GLY C 128 -33.10 12.63 6.54
C GLY C 128 -33.72 11.71 5.51
N ASP C 129 -32.95 10.69 5.13
CA ASP C 129 -33.47 9.57 4.35
C ASP C 129 -34.05 10.07 3.03
N LEU C 130 -33.26 10.87 2.30
CA LEU C 130 -33.76 11.60 1.15
C LEU C 130 -34.10 10.67 -0.01
N GLY C 131 -33.11 9.89 -0.48
CA GLY C 131 -33.29 9.08 -1.66
C GLY C 131 -33.49 9.92 -2.93
N GLN C 132 -34.04 9.25 -3.95
CA GLN C 132 -34.21 9.84 -5.27
C GLN C 132 -35.53 9.40 -5.89
N SER C 133 -36.55 9.21 -5.07
CA SER C 133 -37.88 9.01 -5.61
C SER C 133 -38.53 10.37 -5.92
N PHE C 134 -39.76 10.33 -6.45
CA PHE C 134 -40.50 11.55 -6.70
C PHE C 134 -40.80 12.29 -5.39
N ASP C 135 -41.07 11.54 -4.33
CA ASP C 135 -41.28 12.18 -3.03
C ASP C 135 -40.03 12.93 -2.58
N SER C 136 -38.85 12.37 -2.89
CA SER C 136 -37.60 13.06 -2.62
C SER C 136 -37.58 14.42 -3.30
N ASN C 137 -37.96 14.47 -4.58
CA ASN C 137 -37.90 15.72 -5.32
C ASN C 137 -38.86 16.77 -4.73
N THR C 138 -40.06 16.37 -4.33
CA THR C 138 -41.00 17.33 -3.74
C THR C 138 -40.41 17.95 -2.47
N THR C 139 -39.83 17.11 -1.60
CA THR C 139 -39.25 17.61 -0.35
C THR C 139 -38.18 18.66 -0.63
N LEU C 140 -37.24 18.34 -1.51
CA LEU C 140 -36.18 19.29 -1.85
C LEU C 140 -36.77 20.60 -2.37
N SER C 141 -37.77 20.53 -3.27
CA SER C 141 -38.44 21.75 -3.71
C SER C 141 -39.04 22.51 -2.54
N HIS C 142 -39.73 21.79 -1.62
CA HIS C 142 -40.35 22.48 -0.50
C HIS C 142 -39.29 23.17 0.39
N TYR C 143 -38.15 22.52 0.61
CA TYR C 143 -37.09 23.15 1.37
C TYR C 143 -36.54 24.39 0.64
N GLU C 144 -36.37 24.28 -0.68
CA GLU C 144 -35.82 25.38 -1.46
C GLU C 144 -36.70 26.61 -1.41
N LEU C 145 -38.01 26.42 -1.40
CA LEU C 145 -38.97 27.51 -1.41
C LEU C 145 -39.41 27.94 -0.01
N SER C 146 -38.80 27.40 1.04
CA SER C 146 -39.21 27.78 2.38
C SER C 146 -39.06 29.28 2.58
N PRO C 147 -40.12 29.98 3.00
CA PRO C 147 -39.97 31.41 3.32
C PRO C 147 -38.96 31.69 4.41
N LYS C 148 -38.65 30.72 5.27
CA LYS C 148 -37.67 30.91 6.34
C LYS C 148 -36.22 30.90 5.86
N LYS C 149 -35.96 30.46 4.63
CA LYS C 149 -34.63 30.56 4.02
C LYS C 149 -33.57 29.78 4.80
N GLY C 150 -33.52 28.47 4.61
CA GLY C 150 -32.46 27.68 5.22
C GLY C 150 -31.10 28.10 4.72
N GLN C 151 -30.13 28.13 5.62
CA GLN C 151 -28.76 28.46 5.25
C GLN C 151 -27.80 27.28 5.26
N THR C 152 -28.10 26.22 6.02
CA THR C 152 -27.32 24.99 6.02
C THR C 152 -28.29 23.84 6.25
N VAL C 153 -28.00 22.70 5.66
CA VAL C 153 -28.79 21.49 5.91
C VAL C 153 -28.03 20.58 6.87
N LEU C 154 -28.67 20.18 7.96
CA LEU C 154 -28.17 19.08 8.76
C LEU C 154 -28.76 17.78 8.22
N PHE C 155 -27.92 16.92 7.66
CA PHE C 155 -28.39 15.69 7.03
C PHE C 155 -28.12 14.51 7.96
N VAL C 156 -29.19 13.78 8.31
CA VAL C 156 -29.15 12.79 9.38
C VAL C 156 -28.99 11.37 8.84
N GLY C 157 -28.58 11.22 7.60
CA GLY C 157 -28.19 9.90 7.18
C GLY C 157 -29.13 9.31 6.16
N ASP C 158 -28.60 8.33 5.42
CA ASP C 158 -29.23 7.61 4.31
C ASP C 158 -29.43 8.55 3.13
N LEU C 159 -28.49 8.48 2.17
CA LEU C 159 -28.41 9.46 1.11
C LEU C 159 -29.12 8.95 -0.15
N SER C 160 -28.49 8.02 -0.88
CA SER C 160 -28.88 7.70 -2.24
C SER C 160 -29.72 6.44 -2.37
N TYR C 161 -29.66 5.53 -1.38
CA TYR C 161 -30.34 4.23 -1.43
C TYR C 161 -29.90 3.44 -2.66
N ALA C 162 -28.68 3.71 -3.11
CA ALA C 162 -28.09 2.96 -4.21
C ALA C 162 -27.90 1.50 -3.88
N ASP C 163 -27.87 1.12 -2.59
CA ASP C 163 -27.64 -0.27 -2.24
C ASP C 163 -28.89 -1.13 -2.39
N ARG C 164 -30.06 -0.52 -2.58
CA ARG C 164 -31.25 -1.29 -2.95
C ARG C 164 -31.14 -1.85 -4.36
N TYR C 165 -30.26 -1.31 -5.19
CA TYR C 165 -30.15 -1.76 -6.56
C TYR C 165 -29.24 -2.97 -6.64
N PRO C 166 -29.36 -3.76 -7.72
CA PRO C 166 -28.51 -4.97 -7.86
C PRO C 166 -27.03 -4.63 -7.95
N ASN C 167 -26.22 -5.33 -7.15
CA ASN C 167 -24.80 -5.00 -6.94
C ASN C 167 -24.62 -3.56 -6.47
N HIS C 168 -25.61 -3.06 -5.72
CA HIS C 168 -25.62 -1.69 -5.17
C HIS C 168 -25.42 -0.66 -6.26
N ASP C 169 -25.81 -0.98 -7.49
CA ASP C 169 -25.51 -0.18 -8.67
C ASP C 169 -25.13 1.26 -8.36
N ASN C 170 -23.84 1.58 -8.50
CA ASN C 170 -23.33 2.86 -8.02
C ASN C 170 -23.61 4.02 -8.96
N VAL C 171 -24.07 3.76 -10.19
CA VAL C 171 -24.61 4.83 -11.03
C VAL C 171 -25.67 5.62 -10.28
N ARG C 172 -26.38 4.98 -9.35
CA ARG C 172 -27.40 5.65 -8.54
C ARG C 172 -26.79 6.55 -7.47
N TRP C 173 -25.53 6.33 -7.11
CA TRP C 173 -24.81 7.36 -6.37
C TRP C 173 -24.64 8.59 -7.24
N ASP C 174 -24.31 8.39 -8.52
CA ASP C 174 -24.01 9.50 -9.41
C ASP C 174 -25.25 10.35 -9.69
N THR C 175 -26.37 9.69 -10.00
CA THR C 175 -27.62 10.43 -10.22
C THR C 175 -28.02 11.20 -8.96
N TRP C 176 -27.86 10.61 -7.79
CA TRP C 176 -28.14 11.36 -6.56
C TRP C 176 -27.23 12.57 -6.43
N GLY C 177 -25.96 12.42 -6.80
CA GLY C 177 -25.05 13.57 -6.78
C GLY C 177 -25.49 14.71 -7.69
N ARG C 178 -26.01 14.37 -8.88
CA ARG C 178 -26.51 15.39 -9.79
C ARG C 178 -27.85 15.94 -9.34
N PHE C 179 -28.66 15.12 -8.69
CA PHE C 179 -29.98 15.55 -8.22
C PHE C 179 -29.87 16.63 -7.15
N THR C 180 -29.03 16.42 -6.13
CA THR C 180 -28.93 17.31 -4.98
C THR C 180 -28.10 18.56 -5.23
N GLU C 181 -27.30 18.58 -6.31
CA GLU C 181 -26.42 19.72 -6.59
C GLU C 181 -27.13 21.07 -6.52
N ARG C 182 -28.36 21.17 -7.05
CA ARG C 182 -29.03 22.47 -7.10
C ARG C 182 -29.23 23.08 -5.72
N SER C 183 -29.06 22.31 -4.65
CA SER C 183 -29.05 22.82 -3.29
C SER C 183 -27.65 22.82 -2.68
N VAL C 184 -26.92 21.69 -2.72
CA VAL C 184 -25.71 21.55 -1.92
C VAL C 184 -24.47 22.12 -2.59
N ALA C 185 -24.57 22.58 -3.83
CA ALA C 185 -23.45 23.31 -4.41
C ALA C 185 -23.40 24.75 -3.95
N TYR C 186 -24.47 25.24 -3.30
CA TYR C 186 -24.60 26.64 -2.92
C TYR C 186 -24.68 26.87 -1.42
N GLN C 187 -24.92 25.82 -0.63
CA GLN C 187 -24.87 25.91 0.83
C GLN C 187 -24.38 24.58 1.36
N PRO C 188 -23.68 24.57 2.50
CA PRO C 188 -23.15 23.30 3.03
C PRO C 188 -24.25 22.40 3.59
N TRP C 189 -24.13 21.10 3.32
CA TRP C 189 -24.89 20.06 3.99
C TRP C 189 -23.94 19.33 4.95
N ILE C 190 -24.39 19.08 6.18
CA ILE C 190 -23.54 18.43 7.18
C ILE C 190 -23.89 16.94 7.21
N TRP C 191 -22.92 16.09 6.86
CA TRP C 191 -23.20 14.69 6.55
C TRP C 191 -23.14 13.80 7.80
N THR C 192 -24.19 13.00 7.99
CA THR C 192 -24.23 11.91 8.97
C THR C 192 -24.30 10.59 8.20
N ALA C 193 -23.61 9.55 8.70
CA ALA C 193 -23.63 8.21 8.09
C ALA C 193 -24.82 7.40 8.61
N GLY C 194 -25.60 6.83 7.69
CA GLY C 194 -26.69 5.94 8.02
C GLY C 194 -26.44 4.50 7.60
N ASN C 195 -27.46 3.67 7.86
CA ASN C 195 -27.29 2.25 7.57
C ASN C 195 -27.23 1.97 6.07
N HIS C 196 -27.79 2.84 5.23
CA HIS C 196 -27.64 2.59 3.81
C HIS C 196 -26.28 3.01 3.25
N GLU C 197 -25.44 3.65 4.05
CA GLU C 197 -24.10 3.95 3.63
C GLU C 197 -23.13 2.80 3.92
N ILE C 198 -23.53 1.83 4.74
CA ILE C 198 -22.61 0.77 5.19
C ILE C 198 -22.08 -0.02 4.00
N GLU C 199 -23.00 -0.54 3.18
CA GLU C 199 -22.69 -1.23 1.92
C GLU C 199 -21.72 -2.37 2.16
N PHE C 200 -21.99 -3.10 3.22
CA PHE C 200 -21.28 -4.33 3.55
C PHE C 200 -21.88 -5.45 2.74
N ALA C 201 -21.15 -5.94 1.74
CA ALA C 201 -21.66 -6.95 0.81
C ALA C 201 -20.59 -8.00 0.53
N PRO C 202 -20.35 -8.91 1.48
CA PRO C 202 -19.35 -9.96 1.26
C PRO C 202 -19.72 -10.90 0.12
N GLU C 203 -21.01 -11.05 -0.15
CA GLU C 203 -21.52 -11.82 -1.28
C GLU C 203 -20.85 -11.44 -2.61
N ILE C 204 -20.42 -10.18 -2.77
CA ILE C 204 -19.70 -9.73 -3.96
C ILE C 204 -18.36 -9.14 -3.54
N ASN C 205 -17.77 -9.67 -2.46
CA ASN C 205 -16.41 -9.37 -2.03
C ASN C 205 -16.18 -7.86 -1.85
N GLU C 206 -17.17 -7.19 -1.26
CA GLU C 206 -17.12 -5.76 -0.95
C GLU C 206 -17.34 -5.67 0.54
N THR C 207 -16.24 -5.61 1.30
CA THR C 207 -16.33 -5.73 2.75
C THR C 207 -15.78 -4.51 3.49
N GLU C 208 -15.47 -3.43 2.78
CA GLU C 208 -15.04 -2.19 3.44
C GLU C 208 -16.27 -1.35 3.80
N PRO C 209 -16.62 -1.20 5.07
CA PRO C 209 -17.81 -0.41 5.43
C PRO C 209 -17.68 1.05 5.00
N PHE C 210 -18.78 1.60 4.51
CA PHE C 210 -18.94 3.01 4.17
C PHE C 210 -18.15 3.44 2.94
N LYS C 211 -17.58 2.52 2.16
CA LYS C 211 -16.57 2.90 1.18
C LYS C 211 -17.06 3.88 0.12
N PRO C 212 -18.14 3.61 -0.64
CA PRO C 212 -18.58 4.61 -1.63
C PRO C 212 -18.89 5.97 -1.00
N PHE C 213 -19.61 5.99 0.12
CA PHE C 213 -19.91 7.24 0.81
C PHE C 213 -18.63 7.97 1.22
N SER C 214 -17.64 7.24 1.73
CA SER C 214 -16.45 7.88 2.25
C SER C 214 -15.62 8.47 1.12
N TYR C 215 -15.66 7.87 -0.06
CA TYR C 215 -14.97 8.41 -1.22
C TYR C 215 -15.66 9.65 -1.77
N ARG C 216 -16.99 9.71 -1.71
CA ARG C 216 -17.73 10.77 -2.36
C ARG C 216 -18.02 11.96 -1.44
N TYR C 217 -18.09 11.74 -0.14
CA TYR C 217 -18.45 12.81 0.79
C TYR C 217 -17.39 12.88 1.90
N HIS C 218 -16.59 13.95 1.88
CA HIS C 218 -15.58 14.21 2.91
C HIS C 218 -16.11 15.19 3.95
N VAL C 219 -15.52 15.12 5.13
CA VAL C 219 -15.96 15.95 6.24
C VAL C 219 -14.73 16.42 7.00
N PRO C 220 -14.82 17.55 7.74
CA PRO C 220 -13.66 18.13 8.43
C PRO C 220 -13.30 17.48 9.77
N TYR C 221 -13.16 16.14 9.76
CA TYR C 221 -13.18 15.43 11.04
C TYR C 221 -11.93 15.68 11.88
N GLU C 222 -10.80 15.99 11.26
CA GLU C 222 -9.61 16.28 12.06
C GLU C 222 -9.71 17.59 12.84
N ALA C 223 -10.59 18.51 12.43
CA ALA C 223 -10.70 19.80 13.10
C ALA C 223 -11.14 19.66 14.55
N SER C 224 -11.94 18.63 14.86
CA SER C 224 -12.31 18.29 16.23
C SER C 224 -11.44 17.16 16.82
N GLN C 225 -10.29 16.90 16.20
CA GLN C 225 -9.33 15.88 16.64
C GLN C 225 -9.92 14.48 16.65
N SER C 226 -10.99 14.25 15.90
CA SER C 226 -11.49 12.90 15.68
C SER C 226 -10.51 12.16 14.78
N THR C 227 -10.48 10.83 14.93
CA THR C 227 -9.65 10.00 14.06
C THR C 227 -10.45 9.26 12.98
N SER C 228 -11.72 9.61 12.77
CA SER C 228 -12.49 8.97 11.70
C SER C 228 -13.50 9.96 11.16
N PRO C 229 -13.82 9.91 9.87
CA PRO C 229 -14.86 10.79 9.31
C PRO C 229 -16.26 10.52 9.81
N PHE C 230 -16.50 9.41 10.48
CA PHE C 230 -17.87 9.03 10.82
C PHE C 230 -18.37 9.69 12.10
N TRP C 231 -17.49 10.27 12.92
CA TRP C 231 -17.91 11.10 14.04
C TRP C 231 -17.02 12.33 14.11
N TYR C 232 -17.62 13.50 14.37
CA TYR C 232 -16.88 14.76 14.40
C TYR C 232 -17.83 15.85 14.91
N SER C 233 -17.30 17.05 15.10
CA SER C 233 -18.13 18.19 15.42
C SER C 233 -17.71 19.42 14.61
N ILE C 234 -18.62 20.39 14.53
CA ILE C 234 -18.36 21.70 13.95
C ILE C 234 -19.12 22.73 14.77
N LYS C 235 -18.67 23.97 14.66
CA LYS C 235 -19.36 25.11 15.23
C LYS C 235 -19.73 26.08 14.12
N ARG C 236 -20.93 26.64 14.19
CA ARG C 236 -21.44 27.51 13.12
C ARG C 236 -22.44 28.47 13.72
N ALA C 237 -22.17 29.77 13.61
CA ALA C 237 -23.01 30.81 14.22
C ALA C 237 -23.09 30.49 15.71
N SER C 238 -24.27 30.29 16.28
CA SER C 238 -24.38 29.98 17.70
C SER C 238 -24.62 28.50 17.98
N ALA C 239 -24.29 27.59 17.06
CA ALA C 239 -24.59 26.19 17.29
C ALA C 239 -23.30 25.38 17.33
N HIS C 240 -23.21 24.52 18.34
CA HIS C 240 -22.20 23.47 18.41
C HIS C 240 -22.90 22.17 18.03
N ILE C 241 -22.42 21.53 16.94
CA ILE C 241 -23.07 20.38 16.33
C ILE C 241 -22.16 19.16 16.45
N ILE C 242 -22.70 18.06 16.97
CA ILE C 242 -21.94 16.86 17.29
C ILE C 242 -22.53 15.73 16.48
N VAL C 243 -21.74 15.16 15.58
CA VAL C 243 -22.22 14.17 14.62
C VAL C 243 -21.70 12.80 15.05
N LEU C 244 -22.59 11.83 15.15
CA LEU C 244 -22.26 10.51 15.66
C LEU C 244 -22.58 9.44 14.63
N SER C 245 -21.99 8.26 14.83
CA SER C 245 -22.11 7.14 13.90
C SER C 245 -22.73 5.96 14.63
N SER C 246 -24.01 5.70 14.33
CA SER C 246 -24.75 4.60 14.92
C SER C 246 -24.15 3.25 14.59
N TYR C 247 -23.42 3.14 13.46
CA TYR C 247 -22.95 1.87 12.94
C TYR C 247 -21.43 1.72 13.01
N SER C 248 -20.76 2.52 13.84
CA SER C 248 -19.39 2.33 14.29
C SER C 248 -19.40 1.87 15.76
N ALA C 249 -18.22 1.48 16.25
CA ALA C 249 -18.10 1.01 17.63
C ALA C 249 -18.28 2.15 18.62
N TYR C 250 -18.98 1.89 19.73
CA TYR C 250 -19.11 2.90 20.77
C TYR C 250 -19.05 2.30 22.18
N GLY C 251 -18.45 1.14 22.34
CA GLY C 251 -18.20 0.62 23.66
C GLY C 251 -17.22 1.50 24.44
N ARG C 252 -17.20 1.30 25.75
CA ARG C 252 -16.23 1.94 26.62
C ARG C 252 -14.82 1.66 26.12
N GLY C 253 -14.04 2.73 25.89
CA GLY C 253 -12.65 2.63 25.48
C GLY C 253 -12.39 2.75 23.98
N THR C 254 -13.43 2.62 23.14
CA THR C 254 -13.27 2.72 21.70
C THR C 254 -13.03 4.16 21.28
N PRO C 255 -12.50 4.38 20.06
CA PRO C 255 -12.32 5.75 19.56
C PRO C 255 -13.54 6.66 19.65
N GLN C 256 -14.71 6.21 19.19
CA GLN C 256 -15.88 7.09 19.16
C GLN C 256 -16.32 7.46 20.58
N TYR C 257 -16.33 6.48 21.49
CA TYR C 257 -16.70 6.74 22.89
C TYR C 257 -15.70 7.70 23.54
N THR C 258 -14.41 7.40 23.42
CA THR C 258 -13.36 8.26 23.96
C THR C 258 -13.45 9.68 23.38
N TRP C 259 -13.68 9.80 22.06
CA TRP C 259 -13.76 11.11 21.41
C TRP C 259 -14.96 11.93 21.92
N LEU C 260 -16.12 11.28 22.11
CA LEU C 260 -17.32 12.04 22.51
C LEU C 260 -17.18 12.56 23.93
N LYS C 261 -16.67 11.72 24.85
CA LYS C 261 -16.54 12.15 26.23
C LYS C 261 -15.63 13.36 26.34
N LYS C 262 -14.60 13.41 25.51
CA LYS C 262 -13.71 14.57 25.53
C LYS C 262 -14.35 15.77 24.83
N GLU C 263 -15.09 15.52 23.75
CA GLU C 263 -15.67 16.61 22.98
C GLU C 263 -16.72 17.37 23.80
N LEU C 264 -17.52 16.67 24.61
CA LEU C 264 -18.53 17.38 25.39
C LEU C 264 -17.88 18.34 26.38
N ARG C 265 -16.66 18.02 26.83
CA ARG C 265 -15.99 18.88 27.80
C ARG C 265 -15.49 20.17 27.17
N LYS C 266 -15.28 20.20 25.86
CA LYS C 266 -14.90 21.43 25.17
C LYS C 266 -16.07 22.36 24.87
N VAL C 267 -17.31 21.91 25.01
CA VAL C 267 -18.43 22.75 24.62
C VAL C 267 -18.50 23.95 25.55
N LYS C 268 -18.63 25.15 24.96
CA LYS C 268 -18.77 26.40 25.72
C LYS C 268 -20.11 27.03 25.36
N ARG C 269 -21.06 26.99 26.31
CA ARG C 269 -22.42 27.46 26.02
C ARG C 269 -22.51 28.99 25.93
N SER C 270 -21.53 29.73 26.40
CA SER C 270 -21.57 31.18 26.25
C SER C 270 -20.87 31.65 24.99
N GLU C 271 -20.35 30.72 24.20
CA GLU C 271 -19.96 31.00 22.83
C GLU C 271 -20.92 30.38 21.81
N THR C 272 -21.36 29.14 22.01
CA THR C 272 -22.33 28.48 21.13
C THR C 272 -23.43 27.85 21.98
N PRO C 273 -24.48 28.60 22.30
CA PRO C 273 -25.44 28.09 23.30
C PRO C 273 -26.33 26.94 22.81
N TRP C 274 -26.46 26.76 21.50
CA TRP C 274 -27.30 25.68 20.97
C TRP C 274 -26.43 24.45 20.75
N LEU C 275 -26.65 23.43 21.58
CA LEU C 275 -25.91 22.17 21.51
C LEU C 275 -26.82 21.15 20.82
N ILE C 276 -26.43 20.71 19.62
CA ILE C 276 -27.23 19.85 18.77
C ILE C 276 -26.43 18.59 18.51
N VAL C 277 -27.10 17.43 18.62
CA VAL C 277 -26.48 16.16 18.29
C VAL C 277 -27.24 15.55 17.11
N LEU C 278 -26.50 14.96 16.16
CA LEU C 278 -27.06 14.20 15.04
C LEU C 278 -26.60 12.75 15.07
N MET C 279 -27.51 11.85 14.73
CA MET C 279 -27.20 10.44 14.59
C MET C 279 -28.22 9.89 13.62
N HIS C 280 -27.96 8.70 13.08
CA HIS C 280 -28.96 8.17 12.15
C HIS C 280 -30.11 7.51 12.90
N SER C 281 -29.82 6.65 13.87
CA SER C 281 -30.82 5.80 14.48
C SER C 281 -31.39 6.43 15.75
N PRO C 282 -32.71 6.60 15.86
CA PRO C 282 -33.26 7.37 17.00
C PRO C 282 -33.18 6.63 18.32
N LEU C 283 -32.72 7.34 19.35
CA LEU C 283 -32.79 6.81 20.71
C LEU C 283 -34.22 6.71 21.22
N TYR C 284 -35.12 7.54 20.71
CA TYR C 284 -36.51 7.57 21.18
C TYR C 284 -37.40 7.41 19.96
N ASN C 285 -38.23 6.37 19.95
CA ASN C 285 -38.97 6.00 18.74
C ASN C 285 -40.16 5.13 19.12
N SER C 286 -41.37 5.63 18.89
CA SER C 286 -42.60 4.89 19.15
C SER C 286 -43.25 4.30 17.89
N TYR C 287 -42.53 4.25 16.77
CA TYR C 287 -43.02 3.53 15.60
C TYR C 287 -42.60 2.06 15.69
N ASN C 288 -43.38 1.19 15.03
CA ASN C 288 -43.04 -0.21 14.99
C ASN C 288 -41.73 -0.47 14.24
N HIS C 289 -41.57 0.13 13.06
CA HIS C 289 -40.36 -0.09 12.29
C HIS C 289 -39.12 0.42 13.04
N HIS C 290 -38.13 -0.45 13.25
CA HIS C 290 -36.89 -0.17 13.97
C HIS C 290 -37.10 0.13 15.46
N PHE C 291 -38.22 -0.32 16.04
CA PHE C 291 -38.49 -0.10 17.46
C PHE C 291 -37.38 -0.67 18.32
N MET C 292 -36.84 0.18 19.21
CA MET C 292 -35.83 -0.15 20.20
C MET C 292 -34.47 -0.52 19.60
N GLU C 293 -34.21 -0.17 18.34
CA GLU C 293 -32.84 -0.41 17.83
C GLU C 293 -31.83 0.52 18.49
N GLY C 294 -32.25 1.73 18.85
CA GLY C 294 -31.39 2.69 19.51
C GLY C 294 -31.08 2.41 20.96
N GLU C 295 -31.58 1.32 21.53
CA GLU C 295 -31.36 1.06 22.94
C GLU C 295 -29.86 0.96 23.28
N ALA C 296 -29.06 0.35 22.39
CA ALA C 296 -27.64 0.17 22.71
C ALA C 296 -26.92 1.51 22.85
N MET C 297 -26.95 2.34 21.81
CA MET C 297 -26.35 3.66 21.93
C MET C 297 -26.94 4.44 23.10
N ARG C 298 -28.26 4.30 23.32
CA ARG C 298 -28.90 5.01 24.42
C ARG C 298 -28.29 4.64 25.77
N THR C 299 -28.00 3.35 26.00
CA THR C 299 -27.39 2.98 27.28
C THR C 299 -26.01 3.61 27.45
N LYS C 300 -25.30 3.85 26.36
CA LYS C 300 -23.97 4.45 26.49
C LYS C 300 -24.04 5.96 26.66
N PHE C 301 -24.90 6.65 25.88
CA PHE C 301 -24.74 8.10 25.77
C PHE C 301 -25.84 8.95 26.40
N GLU C 302 -27.04 8.40 26.64
CA GLU C 302 -28.17 9.22 27.08
C GLU C 302 -27.81 10.04 28.33
N ALA C 303 -27.14 9.41 29.29
CA ALA C 303 -26.81 10.13 30.53
C ALA C 303 -25.87 11.29 30.26
N TRP C 304 -24.88 11.10 29.37
CA TRP C 304 -24.02 12.21 28.94
C TRP C 304 -24.85 13.37 28.37
N PHE C 305 -25.80 13.05 27.48
CA PHE C 305 -26.63 14.09 26.88
C PHE C 305 -27.37 14.92 27.93
N VAL C 306 -27.86 14.26 28.99
CA VAL C 306 -28.53 14.99 30.05
C VAL C 306 -27.52 15.76 30.90
N LYS C 307 -26.39 15.14 31.22
CA LYS C 307 -25.40 15.83 32.05
C LYS C 307 -24.98 17.13 31.41
N TYR C 308 -24.86 17.16 30.08
CA TYR C 308 -24.39 18.36 29.41
C TYR C 308 -25.52 19.21 28.86
N LYS C 309 -26.77 18.89 29.20
CA LYS C 309 -27.95 19.67 28.83
C LYS C 309 -28.04 19.92 27.32
N VAL C 310 -27.81 18.86 26.53
CA VAL C 310 -28.04 18.93 25.09
C VAL C 310 -29.45 19.46 24.82
N ASP C 311 -29.57 20.30 23.79
CA ASP C 311 -30.85 20.95 23.49
C ASP C 311 -31.77 20.04 22.68
N VAL C 312 -31.27 19.45 21.59
CA VAL C 312 -32.11 18.62 20.72
C VAL C 312 -31.23 17.55 20.09
N VAL C 313 -31.82 16.38 19.82
CA VAL C 313 -31.15 15.31 19.09
C VAL C 313 -31.99 14.96 17.89
N PHE C 314 -31.41 15.07 16.69
CA PHE C 314 -32.10 14.77 15.43
C PHE C 314 -31.64 13.41 14.94
N ALA C 315 -32.59 12.58 14.52
CA ALA C 315 -32.29 11.28 13.94
C ALA C 315 -33.22 11.02 12.76
N GLY C 316 -32.85 10.02 11.96
CA GLY C 316 -33.64 9.63 10.81
C GLY C 316 -34.11 8.19 10.89
N HIS C 317 -33.80 7.43 9.84
CA HIS C 317 -33.88 5.98 9.82
C HIS C 317 -35.32 5.47 9.80
N VAL C 318 -36.18 6.00 10.66
CA VAL C 318 -37.61 5.71 10.59
C VAL C 318 -38.24 6.66 9.57
N HIS C 319 -39.02 6.11 8.64
CA HIS C 319 -39.55 6.91 7.53
C HIS C 319 -40.84 7.61 7.95
N ALA C 320 -40.67 8.58 8.86
CA ALA C 320 -41.80 9.29 9.47
C ALA C 320 -41.32 10.45 10.36
N TYR C 321 -42.24 11.13 11.02
CA TYR C 321 -41.90 12.28 11.85
C TYR C 321 -42.39 12.06 13.28
N GLU C 322 -41.54 12.41 14.25
CA GLU C 322 -41.88 12.29 15.65
C GLU C 322 -41.05 13.31 16.43
N ARG C 323 -41.67 13.89 17.47
CA ARG C 323 -41.06 14.86 18.37
C ARG C 323 -41.34 14.41 19.80
N SER C 324 -40.29 14.17 20.55
CA SER C 324 -40.41 13.68 21.92
C SER C 324 -40.65 14.82 22.90
N GLU C 325 -41.20 14.49 24.06
CA GLU C 325 -41.08 15.40 25.19
C GLU C 325 -39.64 15.38 25.69
N ARG C 326 -39.33 16.33 26.58
CA ARG C 326 -38.06 16.36 27.31
C ARG C 326 -38.10 15.28 28.39
N VAL C 327 -37.49 14.12 28.10
CA VAL C 327 -37.49 12.99 29.02
C VAL C 327 -36.10 12.37 29.11
N SER C 328 -35.90 11.61 30.17
CA SER C 328 -34.71 10.83 30.38
C SER C 328 -35.13 9.47 30.94
N ASN C 329 -34.27 8.46 30.74
CA ASN C 329 -34.52 7.08 31.19
C ASN C 329 -33.20 6.49 31.73
N ILE C 330 -32.59 7.18 32.68
CA ILE C 330 -31.19 6.98 33.03
C ILE C 330 -30.99 6.48 34.45
N ALA C 331 -32.05 6.08 35.14
CA ALA C 331 -31.91 5.72 36.54
C ALA C 331 -31.91 4.21 36.78
N TYR C 332 -31.96 3.40 35.73
CA TYR C 332 -32.07 1.95 35.85
C TYR C 332 -30.79 1.35 36.41
N LYS C 333 -30.92 0.35 37.30
CA LYS C 333 -29.76 -0.38 37.84
C LYS C 333 -30.02 -1.88 37.95
N ILE C 334 -30.72 -2.48 36.98
CA ILE C 334 -31.03 -3.93 36.92
C ILE C 334 -32.05 -4.36 37.97
N THR C 335 -31.73 -4.17 39.26
CA THR C 335 -32.63 -4.66 40.31
C THR C 335 -33.54 -3.59 40.90
N ASN C 336 -33.40 -2.33 40.53
CA ASN C 336 -34.23 -1.30 41.15
C ASN C 336 -35.53 -1.04 40.40
N GLY C 337 -35.75 -1.66 39.25
CA GLY C 337 -37.02 -1.51 38.54
C GLY C 337 -37.31 -0.13 37.99
N LEU C 338 -36.30 0.75 37.89
CA LEU C 338 -36.49 2.13 37.43
C LEU C 338 -36.20 2.21 35.93
N CYS C 339 -37.17 1.77 35.11
CA CYS C 339 -36.98 1.63 33.67
C CYS C 339 -38.01 2.40 32.85
N THR C 340 -38.70 3.36 33.45
CA THR C 340 -39.70 4.15 32.74
C THR C 340 -39.19 5.55 32.49
N PRO C 341 -39.36 6.09 31.28
CA PRO C 341 -38.89 7.46 31.03
C PRO C 341 -39.68 8.44 31.89
N VAL C 342 -39.00 9.50 32.34
CA VAL C 342 -39.62 10.53 33.18
C VAL C 342 -39.29 11.90 32.63
N LYS C 343 -40.17 12.86 32.90
CA LYS C 343 -39.94 14.24 32.49
C LYS C 343 -38.65 14.75 33.11
N ASP C 344 -37.82 15.41 32.29
CA ASP C 344 -36.53 15.87 32.78
C ASP C 344 -36.12 17.16 32.06
N GLN C 345 -36.18 18.29 32.76
CA GLN C 345 -35.94 19.57 32.11
C GLN C 345 -34.46 19.81 31.79
N SER C 346 -33.55 18.96 32.27
CA SER C 346 -32.17 19.00 31.80
C SER C 346 -31.97 18.20 30.52
N ALA C 347 -33.00 17.49 30.04
CA ALA C 347 -32.84 16.55 28.96
C ALA C 347 -33.12 17.20 27.60
N PRO C 348 -32.59 16.64 26.52
CA PRO C 348 -32.92 17.14 25.18
C PRO C 348 -34.31 16.71 24.74
N VAL C 349 -34.75 17.28 23.62
CA VAL C 349 -35.92 16.81 22.88
C VAL C 349 -35.41 15.92 21.75
N TYR C 350 -36.05 14.78 21.54
CA TYR C 350 -35.68 13.83 20.49
C TYR C 350 -36.63 13.97 19.31
N ILE C 351 -36.08 14.25 18.13
CA ILE C 351 -36.89 14.47 16.94
C ILE C 351 -36.47 13.44 15.90
N THR C 352 -37.41 12.64 15.43
CA THR C 352 -37.19 11.79 14.27
C THR C 352 -37.65 12.54 13.03
N ILE C 353 -36.82 12.57 12.00
CA ILE C 353 -37.13 13.34 10.79
C ILE C 353 -36.56 12.63 9.56
N GLY C 354 -36.75 11.31 9.51
CA GLY C 354 -36.28 10.53 8.38
C GLY C 354 -37.36 10.33 7.33
N ASP C 355 -38.11 11.37 7.02
CA ASP C 355 -39.28 11.23 6.18
C ASP C 355 -39.21 12.05 4.90
N ALA C 356 -38.02 12.25 4.33
CA ALA C 356 -37.94 13.10 3.15
C ALA C 356 -38.23 12.39 1.83
N GLY C 357 -38.47 11.07 1.83
CA GLY C 357 -38.91 10.43 0.60
C GLY C 357 -38.37 9.04 0.27
N ASN C 358 -37.13 8.77 0.69
CA ASN C 358 -36.44 7.50 0.45
C ASN C 358 -36.76 6.98 -0.95
N TYR C 359 -37.29 5.76 -1.09
CA TYR C 359 -37.75 5.23 -2.38
C TYR C 359 -39.27 5.24 -2.50
N GLY C 360 -39.95 6.00 -1.66
CA GLY C 360 -41.37 6.28 -1.81
C GLY C 360 -42.29 5.61 -0.81
N VAL C 361 -41.77 5.15 0.33
CA VAL C 361 -42.54 4.41 1.32
C VAL C 361 -42.52 5.15 2.65
N ILE C 362 -43.65 5.18 3.32
CA ILE C 362 -43.77 5.79 4.63
C ILE C 362 -43.84 4.66 5.64
N ASP C 363 -43.49 4.95 6.88
CA ASP C 363 -43.64 3.99 7.99
C ASP C 363 -44.85 4.45 8.80
N SER C 364 -45.99 3.79 8.60
CA SER C 364 -47.20 4.24 9.24
C SER C 364 -47.60 3.44 10.48
N ASN C 365 -47.05 2.26 10.72
CA ASN C 365 -47.43 1.49 11.92
C ASN C 365 -46.81 2.08 13.18
N MET C 366 -47.63 2.32 14.18
CA MET C 366 -47.19 2.96 15.42
C MET C 366 -47.51 2.07 16.61
N ILE C 367 -46.68 2.17 17.65
CA ILE C 367 -46.96 1.52 18.91
C ILE C 367 -48.16 2.21 19.57
N GLN C 368 -49.15 1.41 19.97
CA GLN C 368 -50.33 1.95 20.61
C GLN C 368 -50.39 1.55 22.08
N PRO C 369 -50.82 2.45 22.97
CA PRO C 369 -51.10 3.83 22.58
C PRO C 369 -49.81 4.66 22.47
N GLN C 370 -49.95 5.89 22.01
CA GLN C 370 -48.84 6.81 22.07
C GLN C 370 -48.32 6.90 23.51
N PRO C 371 -47.05 6.58 23.78
CA PRO C 371 -46.54 6.69 25.15
C PRO C 371 -46.41 8.15 25.57
N GLU C 372 -46.28 8.34 26.90
CA GLU C 372 -46.20 9.70 27.45
C GLU C 372 -45.01 10.46 26.85
N TYR C 373 -43.89 9.76 26.61
CA TYR C 373 -42.68 10.43 26.14
C TYR C 373 -42.79 10.99 24.73
N SER C 374 -43.86 10.69 23.99
CA SER C 374 -44.02 11.13 22.61
C SER C 374 -44.97 12.32 22.56
N ALA C 375 -44.49 13.44 21.98
CA ALA C 375 -45.36 14.62 21.91
C ALA C 375 -46.26 14.59 20.67
N PHE C 376 -45.70 14.22 19.52
CA PHE C 376 -46.39 14.38 18.25
C PHE C 376 -45.74 13.40 17.28
N ARG C 377 -46.56 12.75 16.46
CA ARG C 377 -46.03 11.82 15.47
C ARG C 377 -46.99 11.74 14.30
N GLU C 378 -46.46 11.60 13.07
CA GLU C 378 -47.30 11.45 11.89
C GLU C 378 -46.51 10.87 10.73
N ALA C 379 -47.15 9.98 9.97
CA ALA C 379 -46.51 9.32 8.84
C ALA C 379 -46.80 10.12 7.56
N SER C 380 -46.00 11.17 7.35
CA SER C 380 -46.07 11.98 6.14
C SER C 380 -44.65 12.33 5.72
N PHE C 381 -44.47 12.48 4.41
CA PHE C 381 -43.22 13.01 3.88
C PHE C 381 -43.08 14.50 4.18
N GLY C 382 -41.84 14.93 4.42
CA GLY C 382 -41.54 16.34 4.57
C GLY C 382 -40.13 16.59 5.09
N HIS C 383 -39.94 17.78 5.66
CA HIS C 383 -38.64 18.23 6.15
C HIS C 383 -38.86 19.18 7.33
N GLY C 384 -37.79 19.44 8.08
CA GLY C 384 -37.85 20.32 9.22
C GLY C 384 -37.00 21.58 9.03
N MET C 385 -37.21 22.55 9.92
CA MET C 385 -36.44 23.78 9.95
C MET C 385 -36.21 24.16 11.42
N PHE C 386 -34.95 24.41 11.76
CA PHE C 386 -34.58 24.75 13.12
C PHE C 386 -34.00 26.17 13.08
N ASP C 387 -34.83 27.15 13.49
CA ASP C 387 -34.61 28.59 13.28
C ASP C 387 -34.19 29.28 14.57
N ILE C 388 -32.89 29.52 14.74
CA ILE C 388 -32.34 30.11 15.97
C ILE C 388 -32.55 31.62 15.91
N LYS C 389 -33.34 32.15 16.85
CA LYS C 389 -33.48 33.60 16.96
C LYS C 389 -32.35 34.21 17.79
N ASN C 390 -32.00 33.58 18.93
CA ASN C 390 -31.00 34.12 19.84
C ASN C 390 -30.63 33.09 20.89
N ARG C 391 -30.04 33.53 22.00
CA ARG C 391 -29.47 32.60 22.96
C ARG C 391 -30.52 31.90 23.83
N THR C 392 -31.75 32.41 23.89
CA THR C 392 -32.82 31.78 24.65
C THR C 392 -33.81 31.00 23.79
N HIS C 393 -34.03 31.41 22.54
CA HIS C 393 -35.15 30.96 21.73
C HIS C 393 -34.71 30.42 20.37
N ALA C 394 -35.31 29.30 19.98
CA ALA C 394 -35.16 28.76 18.64
C ALA C 394 -36.51 28.17 18.26
N HIS C 395 -36.87 28.29 16.99
CA HIS C 395 -38.19 27.87 16.53
C HIS C 395 -38.06 26.68 15.58
N PHE C 396 -38.67 25.56 15.94
CA PHE C 396 -38.70 24.38 15.09
C PHE C 396 -40.06 24.23 14.42
N SER C 397 -40.05 23.88 13.14
CA SER C 397 -41.28 23.69 12.40
C SER C 397 -41.13 22.55 11.41
N TRP C 398 -42.22 21.83 11.18
CA TRP C 398 -42.25 20.66 10.31
C TRP C 398 -43.22 20.91 9.15
N ASN C 399 -42.71 20.86 7.92
CA ASN C 399 -43.49 21.11 6.71
C ASN C 399 -43.77 19.79 5.98
N ARG C 400 -45.04 19.55 5.67
CA ARG C 400 -45.48 18.36 4.95
C ARG C 400 -45.56 18.63 3.45
N ASN C 401 -45.25 17.58 2.65
CA ASN C 401 -45.26 17.71 1.19
C ASN C 401 -46.66 17.93 0.64
N GLN C 402 -47.68 17.38 1.30
CA GLN C 402 -49.04 17.60 0.83
C GLN C 402 -49.57 19.00 1.16
N ASP C 403 -48.82 19.81 1.89
CA ASP C 403 -49.24 21.15 2.29
C ASP C 403 -48.53 22.19 1.43
N GLY C 404 -48.93 23.46 1.58
CA GLY C 404 -48.19 24.55 0.97
C GLY C 404 -46.81 24.73 1.56
N VAL C 405 -45.91 25.37 0.81
CA VAL C 405 -44.53 25.47 1.25
C VAL C 405 -44.36 26.37 2.48
N ALA C 406 -45.40 27.11 2.87
CA ALA C 406 -45.37 28.00 4.02
C ALA C 406 -46.16 27.47 5.21
N VAL C 407 -46.84 26.34 5.06
CA VAL C 407 -47.64 25.76 6.13
C VAL C 407 -46.72 24.98 7.08
N GLU C 408 -47.06 25.01 8.36
CA GLU C 408 -46.35 24.26 9.39
C GLU C 408 -47.38 23.37 10.09
N ALA C 409 -47.27 22.06 9.92
CA ALA C 409 -48.20 21.15 10.58
C ALA C 409 -47.84 20.90 12.04
N ASP C 410 -46.57 21.00 12.38
CA ASP C 410 -46.12 20.96 13.75
C ASP C 410 -45.17 22.14 13.93
N SER C 411 -45.13 22.69 15.13
CA SER C 411 -44.23 23.81 15.36
C SER C 411 -44.15 24.00 16.86
N VAL C 412 -42.96 24.37 17.33
CA VAL C 412 -42.72 24.49 18.74
C VAL C 412 -41.51 25.38 18.94
N TRP C 413 -41.52 26.14 20.02
CA TRP C 413 -40.39 26.94 20.46
C TRP C 413 -39.47 26.12 21.35
N PHE C 414 -38.19 26.11 21.02
CA PHE C 414 -37.17 25.57 21.89
C PHE C 414 -36.70 26.66 22.84
N PHE C 415 -36.72 26.38 24.13
CA PHE C 415 -36.11 27.25 25.12
C PHE C 415 -34.79 26.64 25.55
N ASN C 416 -33.74 27.46 25.54
CA ASN C 416 -32.38 26.96 25.65
C ASN C 416 -32.10 26.37 27.02
N ARG C 417 -31.48 25.19 27.05
CA ARG C 417 -31.34 24.45 28.30
C ARG C 417 -30.39 25.14 29.26
N HIS C 418 -29.45 25.90 28.73
CA HIS C 418 -28.49 26.60 29.55
C HIS C 418 -28.96 28.01 29.89
N TRP C 419 -29.56 28.71 28.92
CA TRP C 419 -29.88 30.12 29.11
C TRP C 419 -31.32 30.38 29.52
N TYR C 420 -32.22 29.41 29.34
CA TYR C 420 -33.64 29.64 29.59
C TYR C 420 -34.39 28.32 29.77
N PRO C 421 -34.02 27.46 30.74
CA PRO C 421 -34.58 26.09 30.75
C PRO C 421 -36.03 26.00 31.25
N VAL C 422 -36.90 26.78 30.63
CA VAL C 422 -38.34 26.69 30.90
C VAL C 422 -38.89 25.38 30.33
N ASP C 423 -40.05 24.97 30.85
CA ASP C 423 -40.78 23.88 30.22
C ASP C 423 -41.37 24.34 28.88
N ASP C 424 -41.09 23.58 27.83
CA ASP C 424 -41.50 23.95 26.48
C ASP C 424 -42.33 22.84 25.82
N SER C 425 -43.26 22.28 26.58
CA SER C 425 -44.13 21.20 26.09
C SER C 425 -45.21 21.71 25.14
N ASN D 2 41.50 -2.61 6.73
CA ASN D 2 40.40 -1.85 7.33
C ASN D 2 40.92 -0.60 8.06
N ARG D 3 40.95 0.52 7.36
CA ARG D 3 41.34 1.79 7.97
C ARG D 3 40.15 2.72 8.18
N ASP D 4 38.97 2.14 8.34
CA ASP D 4 37.79 2.88 8.72
C ASP D 4 37.90 3.38 10.16
N MET D 5 37.33 4.55 10.41
CA MET D 5 37.39 5.12 11.75
C MET D 5 36.53 4.32 12.72
N PRO D 6 37.05 3.97 13.89
CA PRO D 6 36.30 3.13 14.82
C PRO D 6 35.15 3.91 15.45
N LEU D 7 34.19 3.16 15.99
CA LEU D 7 32.90 3.76 16.33
C LEU D 7 33.00 4.83 17.42
N ASP D 8 34.04 4.83 18.24
CA ASP D 8 34.15 5.81 19.31
C ASP D 8 35.00 7.02 18.91
N SER D 9 35.33 7.17 17.63
CA SER D 9 36.04 8.35 17.16
C SER D 9 35.24 9.61 17.51
N ASP D 10 35.96 10.72 17.69
CA ASP D 10 35.30 11.97 18.03
C ASP D 10 34.25 12.33 16.99
N VAL D 11 34.53 12.04 15.72
CA VAL D 11 33.64 12.47 14.64
C VAL D 11 32.29 11.78 14.66
N PHE D 12 32.13 10.71 15.43
CA PHE D 12 30.87 9.98 15.48
C PHE D 12 30.08 10.24 16.77
N ARG D 13 30.52 11.16 17.62
CA ARG D 13 29.84 11.41 18.89
C ARG D 13 28.38 11.80 18.66
N VAL D 14 27.54 11.39 19.60
CA VAL D 14 26.11 11.64 19.48
C VAL D 14 25.82 12.97 20.16
N PRO D 15 25.16 13.91 19.50
CA PRO D 15 24.71 15.13 20.17
C PRO D 15 23.97 14.79 21.45
N PRO D 16 24.33 15.44 22.56
CA PRO D 16 23.72 15.11 23.86
C PRO D 16 22.30 15.63 24.01
N GLY D 17 21.56 14.99 24.90
CA GLY D 17 20.26 15.47 25.28
C GLY D 17 19.15 14.61 24.70
N TYR D 18 17.99 14.64 25.37
CA TYR D 18 16.93 13.70 25.02
C TYR D 18 16.40 14.00 23.62
N ASN D 19 16.51 12.99 22.72
CA ASN D 19 16.03 13.05 21.34
C ASN D 19 16.61 14.22 20.57
N ALA D 20 17.90 14.50 20.81
CA ALA D 20 18.57 15.57 20.08
C ALA D 20 18.70 15.19 18.62
N PRO D 21 18.39 16.09 17.69
CA PRO D 21 18.69 15.84 16.27
C PRO D 21 20.16 15.50 16.05
N GLN D 22 20.39 14.52 15.19
CA GLN D 22 21.71 14.20 14.70
C GLN D 22 21.62 13.98 13.20
N GLN D 23 22.79 13.85 12.57
CA GLN D 23 22.88 13.61 11.13
C GLN D 23 22.16 14.70 10.35
N VAL D 24 22.37 15.95 10.74
CA VAL D 24 21.70 17.07 10.10
C VAL D 24 22.38 17.38 8.77
N HIS D 25 21.59 17.49 7.69
CA HIS D 25 22.15 17.83 6.38
C HIS D 25 21.14 18.62 5.56
N ILE D 26 21.65 19.50 4.71
CA ILE D 26 20.80 20.34 3.87
C ILE D 26 21.18 20.17 2.41
N THR D 27 20.23 20.47 1.53
CA THR D 27 20.47 20.53 0.10
C THR D 27 19.47 21.50 -0.53
N GLN D 28 19.71 21.89 -1.79
CA GLN D 28 18.84 22.84 -2.48
C GLN D 28 17.44 22.25 -2.65
N GLY D 29 16.41 23.05 -2.38
CA GLY D 29 15.04 22.58 -2.37
C GLY D 29 14.18 22.90 -3.59
N ASP D 30 14.69 23.68 -4.54
CA ASP D 30 13.94 24.12 -5.71
C ASP D 30 14.90 24.18 -6.88
N LEU D 31 14.36 24.63 -8.02
CA LEU D 31 15.14 24.72 -9.24
C LEU D 31 16.18 25.84 -9.18
N VAL D 32 15.81 27.02 -8.66
CA VAL D 32 16.60 28.24 -8.88
C VAL D 32 17.34 28.72 -7.64
N GLY D 33 17.07 28.18 -6.45
CA GLY D 33 17.89 28.47 -5.28
C GLY D 33 17.15 29.12 -4.12
N ARG D 34 15.82 29.24 -4.23
CA ARG D 34 15.04 29.95 -3.23
C ARG D 34 14.55 29.05 -2.11
N ALA D 35 14.94 27.77 -2.10
CA ALA D 35 14.41 26.83 -1.12
C ALA D 35 15.50 25.86 -0.69
N MET D 36 15.25 25.17 0.43
CA MET D 36 16.26 24.31 1.05
C MET D 36 15.54 23.12 1.68
N ILE D 37 16.08 21.92 1.49
CA ILE D 37 15.60 20.73 2.18
C ILE D 37 16.44 20.54 3.43
N ILE D 38 15.77 20.52 4.59
CA ILE D 38 16.42 20.32 5.90
C ILE D 38 16.15 18.89 6.36
N SER D 39 17.22 18.14 6.65
CA SER D 39 17.10 16.71 6.94
C SER D 39 17.84 16.35 8.22
N TRP D 40 17.26 15.47 9.03
CA TRP D 40 17.90 15.02 10.26
C TRP D 40 17.23 13.77 10.81
N VAL D 41 17.87 13.18 11.85
CA VAL D 41 17.44 11.91 12.44
C VAL D 41 17.25 12.09 13.93
N THR D 42 16.14 11.60 14.47
CA THR D 42 15.93 11.51 15.91
C THR D 42 15.93 10.04 16.31
N MET D 43 16.62 9.69 17.41
CA MET D 43 16.76 8.28 17.74
C MET D 43 15.92 7.81 18.93
N ASP D 44 15.41 8.72 19.76
CA ASP D 44 14.73 8.25 20.97
C ASP D 44 13.21 8.15 20.79
N GLU D 45 12.61 9.04 20.01
CA GLU D 45 11.20 8.97 19.66
C GLU D 45 10.99 9.79 18.41
N PRO D 46 9.84 9.61 17.70
CA PRO D 46 9.61 10.37 16.47
C PRO D 46 9.92 11.86 16.53
N GLY D 47 9.30 12.59 17.46
CA GLY D 47 9.54 14.01 17.54
C GLY D 47 8.80 14.78 16.46
N SER D 48 9.13 16.06 16.34
CA SER D 48 8.45 16.95 15.41
C SER D 48 9.29 17.15 14.14
N SER D 49 8.61 17.23 12.99
CA SER D 49 9.25 17.53 11.73
C SER D 49 9.24 19.02 11.38
N ALA D 50 9.00 19.88 12.36
CA ALA D 50 8.93 21.31 12.14
C ALA D 50 10.32 21.95 12.25
N VAL D 51 10.58 22.91 11.38
CA VAL D 51 11.84 23.65 11.38
C VAL D 51 11.53 25.11 11.65
N ARG D 52 12.35 25.75 12.48
CA ARG D 52 12.22 27.16 12.78
C ARG D 52 13.37 27.89 12.11
N TYR D 53 13.08 29.00 11.44
CA TYR D 53 14.08 29.66 10.64
C TYR D 53 13.74 31.14 10.53
N TRP D 54 14.79 31.94 10.41
CA TRP D 54 14.63 33.38 10.26
C TRP D 54 15.92 33.94 9.66
N SER D 55 15.78 35.04 8.91
CA SER D 55 16.96 35.73 8.38
C SER D 55 17.69 36.48 9.50
N GLU D 56 19.02 36.52 9.39
CA GLU D 56 19.81 37.27 10.36
C GLU D 56 19.48 38.75 10.31
N LYS D 57 19.04 39.24 9.15
CA LYS D 57 18.68 40.64 8.92
C LYS D 57 17.45 41.04 9.73
N ASN D 58 16.27 40.69 9.22
CA ASN D 58 15.00 41.01 9.85
C ASN D 58 14.84 40.21 11.14
N GLY D 59 14.68 38.91 11.01
CA GLY D 59 14.52 38.05 12.16
C GLY D 59 13.10 37.68 12.51
N ARG D 60 12.16 37.81 11.57
CA ARG D 60 10.81 37.31 11.79
C ARG D 60 10.83 35.79 11.74
N LYS D 61 10.50 35.15 12.86
CA LYS D 61 10.64 33.70 12.99
C LYS D 61 9.46 32.99 12.34
N ARG D 62 9.76 31.95 11.55
CA ARG D 62 8.76 31.18 10.84
C ARG D 62 8.97 29.69 11.05
N ILE D 63 7.90 28.92 10.86
CA ILE D 63 7.90 27.47 11.06
C ILE D 63 7.51 26.80 9.75
N ALA D 64 8.31 25.83 9.32
CA ALA D 64 7.99 24.96 8.20
C ALA D 64 7.76 23.54 8.72
N LYS D 65 6.74 22.86 8.19
CA LYS D 65 6.39 21.51 8.59
C LYS D 65 6.78 20.51 7.52
N GLY D 66 7.36 19.38 7.93
CA GLY D 66 7.84 18.36 7.00
C GLY D 66 7.26 16.96 7.24
N LYS D 67 8.05 15.90 7.03
CA LYS D 67 7.53 14.54 7.04
C LYS D 67 8.53 13.59 7.66
N MET D 68 8.03 12.69 8.49
CA MET D 68 8.86 11.70 9.16
C MET D 68 8.70 10.36 8.46
N SER D 69 9.79 9.62 8.33
CA SER D 69 9.71 8.28 7.74
C SER D 69 10.72 7.37 8.42
N THR D 70 10.53 6.06 8.26
CA THR D 70 11.43 5.02 8.77
C THR D 70 11.60 3.93 7.72
N TYR D 71 12.65 3.12 7.89
CA TYR D 71 12.87 1.95 7.05
C TYR D 71 13.52 0.84 7.87
N ARG D 72 13.51 -0.36 7.31
CA ARG D 72 14.25 -1.50 7.84
C ARG D 72 15.15 -2.05 6.75
N PHE D 73 16.29 -2.59 7.16
CA PHE D 73 17.20 -3.29 6.25
C PHE D 73 17.68 -4.53 6.99
N PHE D 74 17.27 -5.71 6.54
CA PHE D 74 17.64 -6.95 7.21
C PHE D 74 17.25 -6.87 8.70
N ASN D 75 18.22 -6.99 9.60
CA ASN D 75 17.90 -6.89 11.01
C ASN D 75 18.14 -5.50 11.58
N TYR D 76 18.39 -4.50 10.73
CA TYR D 76 18.52 -3.11 11.16
C TYR D 76 17.17 -2.39 11.11
N SER D 77 16.96 -1.48 12.06
CA SER D 77 15.74 -0.67 12.13
C SER D 77 16.13 0.79 12.25
N SER D 78 15.73 1.59 11.28
CA SER D 78 16.19 2.96 11.25
C SER D 78 15.61 3.74 12.43
N GLY D 79 16.25 4.86 12.75
CA GLY D 79 15.67 5.90 13.56
C GLY D 79 14.57 6.63 12.80
N PHE D 80 14.20 7.83 13.29
CA PHE D 80 13.11 8.60 12.72
C PHE D 80 13.69 9.71 11.84
N ILE D 81 13.48 9.58 10.53
CA ILE D 81 14.12 10.43 9.53
C ILE D 81 13.16 11.55 9.15
N HIS D 82 13.64 12.79 9.20
CA HIS D 82 12.85 13.97 8.89
C HIS D 82 13.39 14.68 7.66
N HIS D 83 12.49 15.12 6.77
CA HIS D 83 12.80 15.98 5.63
C HIS D 83 11.77 17.09 5.60
N THR D 84 12.24 18.34 5.50
CA THR D 84 11.39 19.52 5.58
C THR D 84 11.94 20.59 4.65
N THR D 85 11.10 21.11 3.79
CA THR D 85 11.52 22.10 2.80
C THR D 85 11.11 23.48 3.27
N ILE D 86 12.09 24.37 3.35
CA ILE D 86 11.88 25.79 3.58
C ILE D 86 11.85 26.47 2.23
N ARG D 87 10.85 27.30 1.98
CA ARG D 87 10.65 27.88 0.66
C ARG D 87 10.57 29.41 0.72
N LYS D 88 10.63 30.03 -0.46
CA LYS D 88 10.43 31.46 -0.61
C LYS D 88 11.48 32.28 0.14
N LEU D 89 12.67 31.70 0.28
CA LEU D 89 13.77 32.38 0.95
C LEU D 89 14.28 33.55 0.08
N LYS D 90 15.01 34.46 0.72
CA LYS D 90 15.58 35.61 0.05
C LYS D 90 16.98 35.28 -0.46
N TYR D 91 17.33 35.82 -1.62
CA TYR D 91 18.64 35.57 -2.20
C TYR D 91 19.73 36.20 -1.36
N ASN D 92 20.90 35.57 -1.40
CA ASN D 92 22.12 36.16 -0.83
C ASN D 92 21.94 36.60 0.63
N THR D 93 21.28 35.75 1.43
CA THR D 93 20.90 36.10 2.80
C THR D 93 21.27 34.97 3.76
N LYS D 94 21.85 35.33 4.90
CA LYS D 94 22.18 34.34 5.92
C LYS D 94 20.94 34.07 6.77
N TYR D 95 20.60 32.78 6.90
CA TYR D 95 19.46 32.33 7.68
C TYR D 95 19.91 31.40 8.81
N TYR D 96 19.17 31.43 9.90
CA TYR D 96 19.35 30.50 11.00
C TYR D 96 18.19 29.52 10.98
N TYR D 97 18.47 28.27 11.36
CA TYR D 97 17.39 27.28 11.44
C TYR D 97 17.60 26.39 12.66
N GLU D 98 16.48 26.03 13.28
CA GLU D 98 16.46 25.17 14.46
C GLU D 98 15.64 23.92 14.16
N VAL D 99 16.14 22.77 14.62
CA VAL D 99 15.47 21.48 14.51
C VAL D 99 15.44 20.87 15.92
N GLY D 100 14.43 20.04 16.17
CA GLY D 100 14.28 19.41 17.47
C GLY D 100 13.38 20.14 18.44
N LEU D 101 12.35 20.82 17.94
CA LEU D 101 11.63 21.81 18.73
C LEU D 101 10.99 21.20 19.97
N ARG D 102 10.50 19.97 19.88
CA ARG D 102 9.72 19.40 20.98
C ARG D 102 10.59 19.14 22.22
N ASN D 103 11.78 18.57 22.05
CA ASN D 103 12.61 18.31 23.23
C ASN D 103 13.92 19.08 23.21
N THR D 104 14.99 18.51 22.64
CA THR D 104 16.31 19.15 22.60
C THR D 104 16.50 19.88 21.28
N THR D 105 16.59 21.21 21.31
CA THR D 105 16.75 22.00 20.08
C THR D 105 18.22 22.19 19.72
N ARG D 106 18.50 22.27 18.42
CA ARG D 106 19.84 22.50 17.89
C ARG D 106 19.76 23.53 16.76
N ARG D 107 20.76 24.40 16.67
CA ARG D 107 20.69 25.57 15.81
C ARG D 107 21.85 25.60 14.84
N PHE D 108 21.56 25.88 13.56
CA PHE D 108 22.55 25.92 12.50
C PHE D 108 22.26 27.12 11.61
N SER D 109 23.01 27.25 10.52
CA SER D 109 22.80 28.37 9.60
C SER D 109 23.29 27.99 8.21
N PHE D 110 22.77 28.72 7.23
CA PHE D 110 23.22 28.65 5.85
C PHE D 110 23.02 30.02 5.20
N ILE D 111 23.65 30.20 4.04
CA ILE D 111 23.55 31.42 3.24
C ILE D 111 22.98 31.08 1.87
N THR D 112 21.80 31.60 1.54
CA THR D 112 21.23 31.34 0.22
C THR D 112 22.15 31.89 -0.87
N PRO D 113 22.13 31.29 -2.06
CA PRO D 113 22.97 31.79 -3.17
C PRO D 113 22.42 33.08 -3.74
N PRO D 114 23.23 33.81 -4.51
CA PRO D 114 22.68 34.95 -5.27
C PRO D 114 21.72 34.45 -6.33
N GLN D 115 20.90 35.36 -6.83
CA GLN D 115 19.98 35.04 -7.90
C GLN D 115 20.75 34.53 -9.12
N THR D 116 20.18 33.55 -9.81
CA THR D 116 20.83 33.05 -11.02
C THR D 116 21.00 34.17 -12.04
N GLY D 117 22.08 34.11 -12.79
CA GLY D 117 22.45 35.23 -13.65
C GLY D 117 23.77 34.99 -14.36
N LEU D 118 23.96 35.75 -15.44
CA LEU D 118 25.01 35.43 -16.41
C LEU D 118 26.41 35.53 -15.80
N ASP D 119 26.60 36.36 -14.79
CA ASP D 119 27.95 36.69 -14.33
C ASP D 119 28.15 36.56 -12.82
N VAL D 120 27.22 35.91 -12.12
CA VAL D 120 27.36 35.64 -10.69
C VAL D 120 28.56 34.73 -10.43
N PRO D 121 29.51 35.12 -9.60
CA PRO D 121 30.57 34.20 -9.21
C PRO D 121 30.11 33.26 -8.10
N TYR D 122 30.75 32.09 -8.04
CA TYR D 122 30.41 31.06 -7.05
C TYR D 122 31.49 30.00 -7.04
N THR D 123 31.76 29.43 -5.87
CA THR D 123 32.80 28.41 -5.66
C THR D 123 32.18 27.08 -5.27
N PHE D 124 32.42 26.04 -6.08
CA PHE D 124 31.90 24.71 -5.82
C PHE D 124 33.04 23.81 -5.38
N GLY D 125 32.83 23.07 -4.29
CA GLY D 125 33.72 21.98 -3.94
C GLY D 125 33.34 20.70 -4.65
N LEU D 126 34.35 19.89 -4.98
CA LEU D 126 34.18 18.63 -5.68
C LEU D 126 34.76 17.52 -4.84
N ILE D 127 33.89 16.70 -4.26
CA ILE D 127 34.26 15.58 -3.40
C ILE D 127 33.64 14.33 -3.98
N GLY D 128 34.31 13.20 -3.89
CA GLY D 128 33.79 11.96 -4.43
C GLY D 128 34.29 10.74 -3.68
N ASP D 129 33.40 9.75 -3.50
CA ASP D 129 33.76 8.48 -2.89
C ASP D 129 34.40 8.71 -1.53
N LEU D 130 33.68 9.44 -0.67
CA LEU D 130 34.30 9.95 0.56
C LEU D 130 34.46 8.85 1.60
N GLY D 131 33.37 8.17 1.93
CA GLY D 131 33.48 7.13 2.94
C GLY D 131 33.78 7.73 4.29
N GLN D 132 34.30 6.86 5.17
CA GLN D 132 34.61 7.24 6.55
C GLN D 132 35.91 6.58 7.02
N SER D 133 36.93 6.57 6.16
CA SER D 133 38.27 6.22 6.61
C SER D 133 38.95 7.43 7.25
N PHE D 134 40.17 7.24 7.78
CA PHE D 134 40.92 8.40 8.30
C PHE D 134 41.29 9.36 7.17
N ASP D 135 41.59 8.83 5.97
CA ASP D 135 41.83 9.70 4.82
C ASP D 135 40.60 10.57 4.53
N SER D 136 39.39 10.01 4.70
CA SER D 136 38.17 10.78 4.50
C SER D 136 38.16 12.02 5.39
N ASN D 137 38.43 11.84 6.68
CA ASN D 137 38.48 12.94 7.64
C ASN D 137 39.49 14.00 7.23
N THR D 138 40.62 13.60 6.62
CA THR D 138 41.60 14.59 6.20
C THR D 138 41.08 15.41 5.03
N THR D 139 40.49 14.76 4.02
CA THR D 139 39.97 15.49 2.86
C THR D 139 38.92 16.51 3.29
N LEU D 140 37.97 16.09 4.14
CA LEU D 140 36.94 17.02 4.61
C LEU D 140 37.56 18.16 5.39
N SER D 141 38.67 17.92 6.09
CA SER D 141 39.37 19.01 6.74
C SER D 141 39.96 19.96 5.71
N HIS D 142 40.64 19.41 4.71
CA HIS D 142 41.23 20.23 3.66
C HIS D 142 40.18 21.04 2.92
N TYR D 143 38.97 20.49 2.70
CA TYR D 143 37.95 21.29 2.05
C TYR D 143 37.45 22.40 2.95
N GLU D 144 37.21 22.09 4.23
CA GLU D 144 36.70 23.10 5.17
C GLU D 144 37.67 24.26 5.34
N LEU D 145 38.97 23.99 5.27
CA LEU D 145 40.00 24.97 5.49
C LEU D 145 40.49 25.62 4.21
N SER D 146 39.88 25.33 3.08
CA SER D 146 40.42 25.82 1.82
C SER D 146 40.36 27.35 1.80
N PRO D 147 41.46 28.02 1.48
CA PRO D 147 41.40 29.48 1.34
C PRO D 147 40.43 29.92 0.26
N LYS D 148 40.15 29.05 -0.71
CA LYS D 148 39.15 29.38 -1.73
C LYS D 148 37.75 29.55 -1.16
N LYS D 149 37.46 28.94 0.00
CA LYS D 149 36.13 29.00 0.64
C LYS D 149 35.01 28.47 -0.27
N GLY D 150 34.83 27.17 -0.32
CA GLY D 150 33.71 26.62 -1.09
C GLY D 150 32.38 26.87 -0.42
N GLN D 151 31.33 27.01 -1.26
CA GLN D 151 29.99 27.40 -0.81
C GLN D 151 28.92 26.35 -1.02
N THR D 152 29.20 25.28 -1.76
CA THR D 152 28.29 24.20 -2.06
C THR D 152 29.15 23.08 -2.62
N VAL D 153 28.90 21.85 -2.19
CA VAL D 153 29.68 20.69 -2.62
C VAL D 153 28.90 19.95 -3.69
N LEU D 154 29.58 19.60 -4.78
CA LEU D 154 29.03 18.69 -5.78
C LEU D 154 29.58 17.29 -5.48
N PHE D 155 28.71 16.39 -5.01
CA PHE D 155 29.13 15.09 -4.51
C PHE D 155 28.84 14.01 -5.54
N VAL D 156 29.87 13.36 -6.05
CA VAL D 156 29.74 12.55 -7.26
C VAL D 156 29.51 11.07 -6.96
N GLY D 157 29.16 10.72 -5.72
CA GLY D 157 28.65 9.40 -5.41
C GLY D 157 29.60 8.59 -4.54
N ASP D 158 29.07 7.44 -4.09
CA ASP D 158 29.68 6.60 -3.04
C ASP D 158 29.81 7.37 -1.74
N LEU D 159 28.81 7.26 -0.87
CA LEU D 159 28.77 8.07 0.35
C LEU D 159 29.41 7.37 1.56
N SER D 160 28.70 6.41 2.20
CA SER D 160 29.15 5.88 3.48
C SER D 160 29.99 4.61 3.37
N TYR D 161 29.91 3.89 2.25
CA TYR D 161 30.54 2.58 2.11
C TYR D 161 30.06 1.59 3.17
N ALA D 162 28.85 1.85 3.70
CA ALA D 162 28.25 0.94 4.67
C ALA D 162 28.05 -0.47 4.09
N ASP D 163 27.92 -0.58 2.78
CA ASP D 163 27.57 -1.87 2.19
C ASP D 163 28.73 -2.84 2.18
N ARG D 164 29.91 -2.41 2.61
CA ARG D 164 31.05 -3.30 2.80
C ARG D 164 30.99 -4.05 4.12
N TYR D 165 30.13 -3.65 5.04
CA TYR D 165 30.05 -4.28 6.34
C TYR D 165 29.15 -5.51 6.25
N PRO D 166 29.16 -6.37 7.26
CA PRO D 166 28.22 -7.51 7.28
C PRO D 166 26.76 -7.09 7.22
N ASN D 167 26.01 -7.65 6.27
CA ASN D 167 24.61 -7.25 6.00
C ASN D 167 24.50 -5.75 5.79
N HIS D 168 25.57 -5.12 5.30
CA HIS D 168 25.63 -3.67 5.04
C HIS D 168 25.39 -2.85 6.30
N ASP D 169 25.87 -3.33 7.47
CA ASP D 169 25.64 -2.72 8.79
C ASP D 169 25.22 -1.26 8.71
N ASN D 170 23.90 -1.03 8.57
CA ASN D 170 23.44 0.32 8.32
C ASN D 170 23.77 1.31 9.43
N VAL D 171 24.22 0.83 10.59
CA VAL D 171 24.79 1.74 11.57
C VAL D 171 25.85 2.62 10.93
N ARG D 172 26.58 2.10 9.95
CA ARG D 172 27.62 2.89 9.29
C ARG D 172 27.06 4.02 8.42
N TRP D 173 25.76 4.02 8.08
CA TRP D 173 25.13 5.23 7.54
C TRP D 173 24.96 6.29 8.63
N ASP D 174 24.49 5.87 9.82
CA ASP D 174 24.30 6.79 10.92
C ASP D 174 25.62 7.46 11.31
N THR D 175 26.70 6.68 11.41
CA THR D 175 27.99 7.29 11.75
C THR D 175 28.43 8.28 10.68
N TRP D 176 28.33 7.90 9.40
CA TRP D 176 28.66 8.84 8.33
C TRP D 176 27.80 10.09 8.41
N GLY D 177 26.51 9.95 8.70
CA GLY D 177 25.67 11.12 8.84
C GLY D 177 26.21 12.07 9.87
N ARG D 178 26.61 11.54 11.03
CA ARG D 178 27.09 12.38 12.11
C ARG D 178 28.44 13.00 11.79
N PHE D 179 29.23 12.34 10.95
CA PHE D 179 30.58 12.78 10.63
C PHE D 179 30.58 13.94 9.62
N THR D 180 29.76 13.84 8.58
CA THR D 180 29.69 14.87 7.57
C THR D 180 28.90 16.09 8.01
N GLU D 181 28.10 15.98 9.07
CA GLU D 181 27.23 17.08 9.53
C GLU D 181 28.00 18.39 9.67
N ARG D 182 29.25 18.35 10.15
CA ARG D 182 29.99 19.60 10.38
C ARG D 182 30.22 20.41 9.11
N SER D 183 30.03 19.83 7.94
CA SER D 183 29.97 20.61 6.72
C SER D 183 28.58 20.71 6.15
N VAL D 184 27.85 19.60 6.01
CA VAL D 184 26.62 19.61 5.22
C VAL D 184 25.42 20.17 5.97
N ALA D 185 25.54 20.43 7.26
CA ALA D 185 24.48 21.16 7.92
C ALA D 185 24.54 22.67 7.67
N TYR D 186 25.66 23.19 7.17
CA TYR D 186 25.84 24.62 7.02
C TYR D 186 25.84 25.09 5.57
N GLN D 187 26.00 24.17 4.62
CA GLN D 187 25.99 24.49 3.21
C GLN D 187 25.51 23.25 2.46
N PRO D 188 24.82 23.42 1.34
CA PRO D 188 24.23 22.27 0.64
C PRO D 188 25.28 21.37 0.01
N TRP D 189 24.96 20.10 -0.07
CA TRP D 189 25.71 19.13 -0.87
C TRP D 189 24.74 18.58 -1.91
N ILE D 190 25.19 18.53 -3.17
CA ILE D 190 24.35 18.04 -4.26
C ILE D 190 24.64 16.54 -4.45
N TRP D 191 23.63 15.70 -4.22
CA TRP D 191 23.81 14.24 -4.18
C TRP D 191 23.72 13.59 -5.56
N THR D 192 24.72 12.76 -5.89
CA THR D 192 24.72 11.82 -7.00
C THR D 192 24.78 10.40 -6.45
N ALA D 193 24.07 9.46 -7.09
CA ALA D 193 24.01 8.08 -6.62
C ALA D 193 25.14 7.26 -7.25
N GLY D 194 25.89 6.55 -6.43
CA GLY D 194 26.98 5.72 -6.88
C GLY D 194 26.70 4.24 -6.65
N ASN D 195 27.68 3.40 -7.01
CA ASN D 195 27.38 1.97 -7.00
C ASN D 195 27.28 1.44 -5.57
N HIS D 196 27.96 2.05 -4.62
CA HIS D 196 27.77 1.61 -3.24
C HIS D 196 26.43 2.03 -2.62
N GLU D 197 25.62 2.83 -3.32
CA GLU D 197 24.28 3.13 -2.88
C GLU D 197 23.25 2.14 -3.42
N ILE D 198 23.59 1.36 -4.44
CA ILE D 198 22.66 0.38 -5.00
C ILE D 198 22.12 -0.53 -3.90
N GLU D 199 23.02 -1.16 -3.14
CA GLU D 199 22.68 -2.07 -2.01
C GLU D 199 21.66 -3.13 -2.42
N PHE D 200 21.84 -3.69 -3.59
CA PHE D 200 21.05 -4.82 -4.03
C PHE D 200 21.65 -6.08 -3.42
N ALA D 201 20.92 -6.71 -2.49
CA ALA D 201 21.38 -7.91 -1.80
C ALA D 201 20.24 -8.94 -1.72
N PRO D 202 19.92 -9.59 -2.83
CA PRO D 202 18.81 -10.56 -2.83
C PRO D 202 19.03 -11.72 -1.86
N GLU D 203 20.26 -11.97 -1.43
CA GLU D 203 20.52 -13.06 -0.50
C GLU D 203 20.08 -12.75 0.93
N ILE D 204 19.64 -11.52 1.23
CA ILE D 204 18.98 -11.21 2.50
C ILE D 204 17.66 -10.48 2.27
N ASN D 205 17.18 -10.56 1.03
CA ASN D 205 15.92 -9.99 0.52
C ASN D 205 15.85 -8.48 0.71
N GLU D 206 16.95 -7.84 0.44
CA GLU D 206 16.93 -6.44 0.13
C GLU D 206 17.14 -6.35 -1.39
N THR D 207 16.03 -6.25 -2.13
CA THR D 207 16.10 -6.17 -3.58
C THR D 207 15.62 -4.84 -4.14
N GLU D 208 15.33 -3.84 -3.31
CA GLU D 208 14.94 -2.53 -3.80
C GLU D 208 16.20 -1.69 -3.98
N PRO D 209 16.65 -1.43 -5.21
CA PRO D 209 17.85 -0.61 -5.40
C PRO D 209 17.75 0.75 -4.72
N PHE D 210 18.83 1.14 -4.04
CA PHE D 210 19.04 2.46 -3.43
C PHE D 210 18.16 2.71 -2.22
N LYS D 211 17.61 1.67 -1.58
CA LYS D 211 16.62 1.93 -0.55
C LYS D 211 17.15 2.76 0.62
N PRO D 212 18.26 2.43 1.29
CA PRO D 212 18.70 3.29 2.41
C PRO D 212 19.09 4.69 1.98
N PHE D 213 19.90 4.80 0.92
CA PHE D 213 20.25 6.09 0.36
C PHE D 213 19.00 6.96 0.12
N SER D 214 17.96 6.41 -0.52
CA SER D 214 16.87 7.32 -0.90
C SER D 214 16.06 7.76 0.33
N TYR D 215 15.96 6.93 1.35
CA TYR D 215 15.31 7.36 2.59
C TYR D 215 16.08 8.47 3.28
N ARG D 216 17.40 8.39 3.25
CA ARG D 216 18.19 9.32 4.04
C ARG D 216 18.46 10.62 3.31
N TYR D 217 18.59 10.62 1.99
CA TYR D 217 19.01 11.82 1.25
C TYR D 217 18.00 12.14 0.16
N HIS D 218 17.21 13.18 0.39
CA HIS D 218 16.23 13.66 -0.59
C HIS D 218 16.85 14.70 -1.51
N VAL D 219 16.31 14.81 -2.72
CA VAL D 219 16.73 15.76 -3.75
C VAL D 219 15.49 16.44 -4.33
N PRO D 220 15.57 17.68 -4.84
CA PRO D 220 14.36 18.37 -5.35
C PRO D 220 14.00 17.95 -6.78
N TYR D 221 13.82 16.64 -7.00
CA TYR D 221 13.81 16.16 -8.38
C TYR D 221 12.56 16.59 -9.14
N GLU D 222 11.42 16.74 -8.45
CA GLU D 222 10.21 17.16 -9.17
C GLU D 222 10.32 18.57 -9.76
N ALA D 223 11.21 19.42 -9.22
CA ALA D 223 11.33 20.80 -9.71
C ALA D 223 11.86 20.90 -11.13
N SER D 224 12.48 19.83 -11.66
CA SER D 224 12.90 19.79 -13.05
C SER D 224 12.07 18.82 -13.90
N GLN D 225 10.88 18.44 -13.42
CA GLN D 225 10.00 17.48 -14.09
C GLN D 225 10.62 16.10 -14.20
N SER D 226 11.52 15.73 -13.29
CA SER D 226 11.99 14.36 -13.31
C SER D 226 10.99 13.48 -12.56
N THR D 227 10.91 12.22 -12.94
CA THR D 227 10.09 11.27 -12.21
C THR D 227 10.91 10.42 -11.25
N SER D 228 12.19 10.73 -11.06
CA SER D 228 12.98 9.91 -10.16
C SER D 228 13.97 10.77 -9.39
N PRO D 229 14.21 10.44 -8.12
CA PRO D 229 15.26 11.15 -7.39
C PRO D 229 16.65 10.92 -7.92
N PHE D 230 16.87 9.92 -8.78
CA PHE D 230 18.25 9.61 -9.17
C PHE D 230 18.75 10.42 -10.36
N TRP D 231 17.86 11.04 -11.14
CA TRP D 231 18.29 12.03 -12.11
C TRP D 231 17.45 13.30 -11.94
N TYR D 232 18.10 14.46 -12.03
CA TYR D 232 17.47 15.74 -11.75
C TYR D 232 18.46 16.83 -12.13
N SER D 233 18.00 18.08 -12.09
CA SER D 233 18.91 19.20 -12.33
C SER D 233 18.54 20.40 -11.46
N ILE D 234 19.52 21.25 -11.17
CA ILE D 234 19.32 22.48 -10.42
C ILE D 234 20.11 23.60 -11.08
N LYS D 235 19.73 24.84 -10.76
CA LYS D 235 20.49 26.03 -11.12
C LYS D 235 20.91 26.77 -9.85
N ARG D 236 22.15 27.23 -9.81
CA ARG D 236 22.65 27.94 -8.64
C ARG D 236 23.70 28.92 -9.13
N ALA D 237 23.55 30.20 -8.77
CA ALA D 237 24.39 31.24 -9.32
C ALA D 237 24.36 31.18 -10.85
N SER D 238 25.52 31.09 -11.51
CA SER D 238 25.61 31.06 -12.96
C SER D 238 25.84 29.67 -13.52
N ALA D 239 25.51 28.62 -12.77
CA ALA D 239 25.70 27.24 -13.20
C ALA D 239 24.36 26.53 -13.37
N HIS D 240 24.28 25.68 -14.39
CA HIS D 240 23.20 24.72 -14.59
C HIS D 240 23.78 23.33 -14.38
N ILE D 241 23.30 22.61 -13.36
CA ILE D 241 23.91 21.36 -12.92
C ILE D 241 22.96 20.23 -13.24
N ILE D 242 23.44 19.22 -13.97
CA ILE D 242 22.67 18.06 -14.39
C ILE D 242 23.24 16.83 -13.71
N VAL D 243 22.41 16.14 -12.92
CA VAL D 243 22.80 14.95 -12.17
C VAL D 243 22.19 13.73 -12.84
N LEU D 244 23.03 12.73 -13.15
CA LEU D 244 22.66 11.54 -13.89
C LEU D 244 22.96 10.29 -13.07
N SER D 245 22.29 9.20 -13.43
CA SER D 245 22.32 7.98 -12.64
C SER D 245 22.97 6.85 -13.44
N SER D 246 24.25 6.60 -13.15
CA SER D 246 24.99 5.55 -13.82
C SER D 246 24.30 4.20 -13.75
N TYR D 247 23.57 3.92 -12.68
CA TYR D 247 23.02 2.58 -12.48
C TYR D 247 21.49 2.53 -12.57
N SER D 248 20.88 3.46 -13.32
CA SER D 248 19.51 3.38 -13.78
C SER D 248 19.49 3.19 -15.29
N ALA D 249 18.31 2.91 -15.80
CA ALA D 249 18.16 2.67 -17.23
C ALA D 249 18.41 3.96 -18.01
N TYR D 250 19.03 3.83 -19.17
CA TYR D 250 19.21 4.98 -20.06
C TYR D 250 19.10 4.59 -21.53
N GLY D 251 18.52 3.44 -21.85
CA GLY D 251 18.26 3.13 -23.24
C GLY D 251 17.24 4.09 -23.85
N ARG D 252 17.14 4.04 -25.18
CA ARG D 252 16.24 4.94 -25.86
C ARG D 252 14.78 4.70 -25.44
N GLY D 253 14.09 5.79 -25.05
CA GLY D 253 12.72 5.69 -24.59
C GLY D 253 12.56 5.47 -23.10
N THR D 254 13.63 5.17 -22.37
CA THR D 254 13.51 5.03 -20.92
C THR D 254 13.28 6.40 -20.28
N PRO D 255 12.81 6.43 -19.02
CA PRO D 255 12.55 7.72 -18.38
C PRO D 255 13.75 8.64 -18.31
N GLN D 256 14.93 8.14 -17.93
CA GLN D 256 16.08 9.04 -17.75
C GLN D 256 16.59 9.57 -19.09
N TYR D 257 16.56 8.72 -20.11
CA TYR D 257 16.92 9.16 -21.46
C TYR D 257 15.98 10.26 -21.94
N THR D 258 14.68 10.03 -21.79
CA THR D 258 13.69 11.02 -22.25
C THR D 258 13.84 12.32 -21.48
N TRP D 259 14.07 12.21 -20.17
CA TRP D 259 14.29 13.40 -19.34
C TRP D 259 15.51 14.20 -19.81
N LEU D 260 16.66 13.54 -19.93
CA LEU D 260 17.90 14.26 -20.28
C LEU D 260 17.74 14.99 -21.61
N LYS D 261 17.13 14.33 -22.60
CA LYS D 261 17.00 14.93 -23.93
C LYS D 261 16.22 16.23 -23.87
N LYS D 262 15.05 16.22 -23.22
CA LYS D 262 14.27 17.44 -23.06
C LYS D 262 14.95 18.43 -22.12
N GLU D 263 15.67 17.95 -21.09
CA GLU D 263 16.28 18.90 -20.16
C GLU D 263 17.36 19.72 -20.83
N LEU D 264 18.17 19.11 -21.71
CA LEU D 264 19.19 19.86 -22.41
C LEU D 264 18.57 20.95 -23.27
N ARG D 265 17.36 20.70 -23.80
CA ARG D 265 16.69 21.73 -24.59
C ARG D 265 16.29 22.93 -23.74
N LYS D 266 16.27 22.79 -22.41
CA LYS D 266 15.87 23.90 -21.57
C LYS D 266 17.01 24.80 -21.15
N VAL D 267 18.26 24.31 -21.19
CA VAL D 267 19.38 25.09 -20.68
C VAL D 267 19.46 26.41 -21.43
N LYS D 268 19.68 27.50 -20.71
CA LYS D 268 19.92 28.79 -21.37
C LYS D 268 21.26 29.35 -20.91
N ARG D 269 22.24 29.40 -21.82
CA ARG D 269 23.60 29.81 -21.48
C ARG D 269 23.75 31.31 -21.24
N SER D 270 22.73 32.13 -21.55
CA SER D 270 22.81 33.55 -21.17
C SER D 270 22.18 33.83 -19.81
N GLU D 271 21.51 32.85 -19.20
CA GLU D 271 21.18 32.92 -17.78
C GLU D 271 22.21 32.17 -16.94
N THR D 272 22.58 30.95 -17.34
CA THR D 272 23.56 30.12 -16.63
C THR D 272 24.60 29.67 -17.66
N PRO D 273 25.75 30.34 -17.76
CA PRO D 273 26.74 29.94 -18.76
C PRO D 273 27.52 28.68 -18.43
N TRP D 274 27.58 28.23 -17.18
CA TRP D 274 28.37 27.06 -16.82
C TRP D 274 27.48 25.82 -16.79
N LEU D 275 27.65 24.94 -17.77
CA LEU D 275 26.83 23.73 -17.90
C LEU D 275 27.64 22.55 -17.37
N ILE D 276 27.25 22.03 -16.21
CA ILE D 276 28.01 21.02 -15.46
C ILE D 276 27.17 19.75 -15.35
N VAL D 277 27.78 18.61 -15.68
CA VAL D 277 27.14 17.31 -15.57
C VAL D 277 27.84 16.50 -14.48
N LEU D 278 27.05 15.92 -13.56
CA LEU D 278 27.55 15.03 -12.53
C LEU D 278 27.07 13.61 -12.79
N MET D 279 27.98 12.64 -12.66
CA MET D 279 27.64 11.24 -12.79
C MET D 279 28.65 10.45 -11.98
N HIS D 280 28.34 9.20 -11.64
CA HIS D 280 29.31 8.46 -10.84
C HIS D 280 30.35 7.78 -11.72
N SER D 281 29.93 7.09 -12.80
CA SER D 281 30.95 6.31 -13.50
C SER D 281 31.57 7.14 -14.62
N PRO D 282 32.89 7.27 -14.65
CA PRO D 282 33.52 8.21 -15.60
C PRO D 282 33.46 7.71 -17.04
N LEU D 283 33.19 8.65 -17.95
CA LEU D 283 33.11 8.31 -19.37
C LEU D 283 34.50 8.21 -20.00
N TYR D 284 35.48 8.92 -19.43
CA TYR D 284 36.87 8.88 -19.85
C TYR D 284 37.72 8.55 -18.64
N ASN D 285 38.44 7.44 -18.72
CA ASN D 285 39.17 6.90 -17.58
C ASN D 285 40.28 6.03 -18.15
N SER D 286 41.53 6.38 -17.86
CA SER D 286 42.66 5.60 -18.33
C SER D 286 43.34 4.79 -17.22
N TYR D 287 42.71 4.67 -16.05
CA TYR D 287 43.15 3.76 -14.98
C TYR D 287 42.66 2.34 -15.27
N ASN D 288 43.34 1.35 -14.67
CA ASN D 288 42.94 -0.04 -14.90
C ASN D 288 41.63 -0.37 -14.19
N HIS D 289 41.47 0.08 -12.94
CA HIS D 289 40.25 -0.20 -12.19
C HIS D 289 39.05 0.45 -12.88
N HIS D 290 38.09 -0.38 -13.29
CA HIS D 290 36.85 0.05 -13.95
C HIS D 290 37.09 0.60 -15.36
N PHE D 291 38.15 0.16 -16.02
CA PHE D 291 38.42 0.66 -17.36
C PHE D 291 37.26 0.30 -18.29
N MET D 292 36.76 1.30 -19.03
CA MET D 292 35.70 1.15 -20.04
C MET D 292 34.34 0.78 -19.47
N GLU D 293 34.15 0.81 -18.15
CA GLU D 293 32.83 0.62 -17.58
C GLU D 293 31.84 1.68 -18.06
N GLY D 294 32.32 2.85 -18.42
CA GLY D 294 31.43 3.90 -18.82
C GLY D 294 31.15 3.96 -20.31
N GLU D 295 31.59 2.96 -21.09
CA GLU D 295 31.31 2.98 -22.52
C GLU D 295 29.81 3.01 -22.80
N ALA D 296 29.03 2.20 -22.10
CA ALA D 296 27.62 2.10 -22.44
C ALA D 296 26.94 3.46 -22.35
N MET D 297 27.10 4.16 -21.21
CA MET D 297 26.47 5.48 -21.14
C MET D 297 27.07 6.42 -22.18
N ARG D 298 28.36 6.27 -22.50
CA ARG D 298 28.99 7.16 -23.44
C ARG D 298 28.38 7.06 -24.83
N THR D 299 28.07 5.83 -25.29
CA THR D 299 27.42 5.65 -26.59
C THR D 299 26.08 6.39 -26.68
N LYS D 300 25.40 6.61 -25.55
CA LYS D 300 24.10 7.26 -25.60
C LYS D 300 24.19 8.78 -25.46
N PHE D 301 25.10 9.29 -24.64
CA PHE D 301 25.04 10.69 -24.24
C PHE D 301 26.22 11.55 -24.67
N GLU D 302 27.35 10.98 -25.06
CA GLU D 302 28.51 11.80 -25.40
C GLU D 302 28.17 12.81 -26.50
N ALA D 303 27.50 12.36 -27.56
CA ALA D 303 27.20 13.30 -28.66
C ALA D 303 26.34 14.46 -28.16
N TRP D 304 25.35 14.18 -27.31
CA TRP D 304 24.52 15.25 -26.75
C TRP D 304 25.37 16.25 -25.99
N PHE D 305 26.33 15.75 -25.19
CA PHE D 305 27.24 16.61 -24.44
C PHE D 305 28.02 17.55 -25.37
N VAL D 306 28.47 17.03 -26.52
CA VAL D 306 29.20 17.87 -27.47
C VAL D 306 28.25 18.81 -28.20
N LYS D 307 27.03 18.37 -28.48
CA LYS D 307 26.09 19.21 -29.19
C LYS D 307 25.63 20.40 -28.35
N TYR D 308 25.45 20.21 -27.03
CA TYR D 308 25.04 21.28 -26.14
C TYR D 308 26.22 21.94 -25.43
N LYS D 309 27.44 21.61 -25.84
CA LYS D 309 28.68 22.25 -25.37
C LYS D 309 28.72 22.29 -23.84
N VAL D 310 28.71 21.11 -23.26
CA VAL D 310 28.92 20.99 -21.82
C VAL D 310 30.33 21.47 -21.50
N ASP D 311 30.47 22.22 -20.40
CA ASP D 311 31.76 22.75 -19.99
C ASP D 311 32.62 21.66 -19.36
N VAL D 312 32.08 20.93 -18.38
CA VAL D 312 32.85 19.95 -17.62
C VAL D 312 31.93 18.82 -17.20
N VAL D 313 32.44 17.59 -17.23
CA VAL D 313 31.74 16.42 -16.68
C VAL D 313 32.52 15.88 -15.48
N PHE D 314 31.85 15.76 -14.33
CA PHE D 314 32.51 15.28 -13.11
C PHE D 314 32.06 13.85 -12.78
N ALA D 315 33.01 13.00 -12.42
CA ALA D 315 32.69 11.62 -12.03
C ALA D 315 33.60 11.15 -10.89
N GLY D 316 33.35 9.93 -10.42
CA GLY D 316 34.12 9.38 -9.31
C GLY D 316 34.46 7.92 -9.56
N HIS D 317 34.05 7.04 -8.64
CA HIS D 317 34.10 5.59 -8.86
C HIS D 317 35.51 5.04 -8.88
N VAL D 318 36.41 5.67 -9.66
CA VAL D 318 37.83 5.34 -9.67
C VAL D 318 38.51 6.15 -8.55
N HIS D 319 39.27 5.47 -7.68
CA HIS D 319 39.83 6.16 -6.50
C HIS D 319 41.17 6.81 -6.86
N ALA D 320 41.07 7.87 -7.64
CA ALA D 320 42.25 8.61 -8.09
C ALA D 320 41.75 9.89 -8.74
N TYR D 321 42.67 10.63 -9.36
CA TYR D 321 42.39 11.89 -10.02
C TYR D 321 42.81 11.80 -11.47
N GLU D 322 41.99 12.37 -12.35
CA GLU D 322 42.39 12.48 -13.74
C GLU D 322 41.69 13.68 -14.34
N ARG D 323 42.39 14.38 -15.23
CA ARG D 323 41.81 15.45 -16.04
C ARG D 323 42.05 15.12 -17.50
N SER D 324 40.98 15.11 -18.30
CA SER D 324 41.13 14.75 -19.71
C SER D 324 41.43 15.99 -20.55
N GLU D 325 41.88 15.77 -21.78
CA GLU D 325 41.85 16.84 -22.77
C GLU D 325 40.41 17.03 -23.28
N ARG D 326 40.20 18.10 -24.05
CA ARG D 326 38.88 18.31 -24.65
C ARG D 326 38.81 17.47 -25.92
N VAL D 327 38.07 16.36 -25.87
CA VAL D 327 38.02 15.39 -26.97
C VAL D 327 36.60 14.86 -27.13
N SER D 328 36.36 14.24 -28.29
CA SER D 328 35.15 13.46 -28.50
C SER D 328 35.51 12.22 -29.31
N ASN D 329 34.60 11.25 -29.31
CA ASN D 329 34.78 9.94 -29.93
C ASN D 329 33.39 9.54 -30.41
N ILE D 330 32.78 10.42 -31.21
CA ILE D 330 31.37 10.35 -31.58
C ILE D 330 31.17 10.06 -33.06
N ALA D 331 32.23 9.75 -33.81
CA ALA D 331 32.09 9.56 -35.26
C ALA D 331 31.98 8.10 -35.69
N TYR D 332 31.99 7.16 -34.76
CA TYR D 332 32.05 5.73 -35.12
C TYR D 332 30.74 5.24 -35.75
N LYS D 333 30.84 4.49 -36.84
CA LYS D 333 29.68 3.90 -37.52
C LYS D 333 29.93 2.43 -37.90
N ILE D 334 30.53 1.68 -36.96
CA ILE D 334 30.77 0.24 -37.06
C ILE D 334 31.79 -0.08 -38.16
N THR D 335 31.46 0.21 -39.42
CA THR D 335 32.35 -0.16 -40.50
C THR D 335 33.24 0.98 -40.97
N ASN D 336 33.07 2.21 -40.49
CA ASN D 336 33.84 3.32 -41.04
C ASN D 336 35.19 3.51 -40.36
N GLY D 337 35.49 2.76 -39.30
CA GLY D 337 36.81 2.76 -38.74
C GLY D 337 37.18 3.96 -37.88
N LEU D 338 36.25 4.89 -37.63
CA LEU D 338 36.56 6.10 -36.85
C LEU D 338 36.29 5.86 -35.36
N CYS D 339 37.28 5.28 -34.68
CA CYS D 339 37.09 4.92 -33.28
C CYS D 339 38.12 5.54 -32.35
N THR D 340 38.91 6.47 -32.82
CA THR D 340 39.86 7.13 -31.94
C THR D 340 39.39 8.53 -31.52
N PRO D 341 39.62 8.94 -30.27
CA PRO D 341 39.23 10.30 -29.85
C PRO D 341 40.11 11.38 -30.46
N VAL D 342 39.49 12.53 -30.74
CA VAL D 342 40.09 13.67 -31.43
C VAL D 342 39.81 14.94 -30.64
N LYS D 343 40.72 15.90 -30.74
CA LYS D 343 40.49 17.21 -30.13
C LYS D 343 39.18 17.77 -30.64
N ASP D 344 38.36 18.28 -29.72
CA ASP D 344 37.05 18.79 -30.10
C ASP D 344 36.73 19.92 -29.16
N GLN D 345 36.66 21.16 -29.66
CA GLN D 345 36.53 22.31 -28.78
C GLN D 345 35.08 22.62 -28.38
N SER D 346 34.10 21.84 -28.84
CA SER D 346 32.77 21.82 -28.26
C SER D 346 32.57 20.74 -27.21
N ALA D 347 33.59 19.90 -26.97
CA ALA D 347 33.48 18.83 -25.99
C ALA D 347 33.76 19.37 -24.58
N PRO D 348 33.18 18.73 -23.56
CA PRO D 348 33.57 19.05 -22.18
C PRO D 348 34.94 18.48 -21.85
N VAL D 349 35.48 18.94 -20.71
CA VAL D 349 36.63 18.27 -20.06
C VAL D 349 36.07 17.25 -19.08
N TYR D 350 36.61 16.04 -19.08
CA TYR D 350 36.18 14.99 -18.17
C TYR D 350 37.17 14.90 -17.00
N ILE D 351 36.66 15.03 -15.78
CA ILE D 351 37.50 15.04 -14.58
C ILE D 351 37.02 13.94 -13.65
N THR D 352 37.94 13.05 -13.27
CA THR D 352 37.68 11.99 -12.30
C THR D 352 38.17 12.46 -10.95
N ILE D 353 37.26 12.56 -9.99
CA ILE D 353 37.57 13.14 -8.69
C ILE D 353 37.06 12.21 -7.58
N GLY D 354 37.27 10.89 -7.75
CA GLY D 354 36.81 9.95 -6.75
C GLY D 354 37.83 9.54 -5.69
N ASP D 355 38.63 10.48 -5.19
CA ASP D 355 39.77 10.17 -4.34
C ASP D 355 39.68 10.82 -2.95
N ALA D 356 38.49 10.99 -2.40
CA ALA D 356 38.35 11.64 -1.10
C ALA D 356 38.66 10.71 0.09
N GLY D 357 38.76 9.40 -0.12
CA GLY D 357 39.32 8.55 0.91
C GLY D 357 38.76 7.14 0.94
N ASN D 358 37.52 6.99 0.48
CA ASN D 358 36.72 5.79 0.62
C ASN D 358 37.05 5.07 1.94
N TYR D 359 37.52 3.82 1.88
CA TYR D 359 37.94 3.09 3.07
C TYR D 359 39.46 2.95 3.15
N GLY D 360 40.18 3.82 2.47
CA GLY D 360 41.62 3.91 2.63
C GLY D 360 42.46 3.38 1.49
N VAL D 361 41.90 3.08 0.33
CA VAL D 361 42.68 2.49 -0.75
C VAL D 361 42.68 3.40 -1.96
N ILE D 362 43.83 3.53 -2.58
CA ILE D 362 43.98 4.30 -3.80
C ILE D 362 43.98 3.35 -4.98
N ASP D 363 43.58 3.85 -6.15
CA ASP D 363 43.71 3.11 -7.41
C ASP D 363 44.95 3.65 -8.10
N SER D 364 46.03 2.87 -8.07
CA SER D 364 47.29 3.38 -8.59
C SER D 364 47.70 2.76 -9.91
N ASN D 365 47.12 1.64 -10.31
CA ASN D 365 47.51 0.99 -11.56
CA ASN D 365 47.46 0.96 -11.55
C ASN D 365 46.89 1.73 -12.74
N MET D 366 47.76 2.28 -13.59
CA MET D 366 47.35 3.12 -14.72
C MET D 366 47.68 2.45 -16.05
N ILE D 367 46.85 2.70 -17.07
CA ILE D 367 47.15 2.22 -18.41
C ILE D 367 48.36 2.98 -18.95
N GLN D 368 49.35 2.24 -19.46
CA GLN D 368 50.59 2.83 -19.93
C GLN D 368 50.82 2.54 -21.41
N PRO D 369 51.31 3.52 -22.19
CA PRO D 369 51.63 4.90 -21.83
C PRO D 369 50.35 5.71 -21.63
N GLN D 370 50.48 6.91 -21.09
CA GLN D 370 49.32 7.75 -20.85
C GLN D 370 48.73 8.12 -22.19
N PRO D 371 47.47 7.78 -22.48
CA PRO D 371 46.88 8.08 -23.79
C PRO D 371 46.79 9.58 -24.04
N GLU D 372 46.56 9.92 -25.30
CA GLU D 372 46.51 11.33 -25.69
C GLU D 372 45.35 12.07 -25.03
N TYR D 373 44.19 11.42 -24.92
CA TYR D 373 43.04 12.10 -24.31
C TYR D 373 43.25 12.44 -22.83
N SER D 374 44.29 11.92 -22.18
CA SER D 374 44.53 12.18 -20.77
C SER D 374 45.50 13.35 -20.63
N ALA D 375 45.05 14.43 -20.01
CA ALA D 375 45.95 15.56 -19.77
C ALA D 375 46.80 15.35 -18.52
N PHE D 376 46.18 14.94 -17.42
CA PHE D 376 46.92 14.84 -16.17
C PHE D 376 46.23 13.78 -15.32
N ARG D 377 47.04 12.98 -14.63
CA ARG D 377 46.52 11.95 -13.73
C ARG D 377 47.52 11.69 -12.61
N GLU D 378 46.99 11.40 -11.42
CA GLU D 378 47.80 11.02 -10.26
C GLU D 378 46.92 10.29 -9.24
N ALA D 379 47.53 9.32 -8.55
CA ALA D 379 46.84 8.48 -7.57
C ALA D 379 47.17 8.96 -6.16
N SER D 380 46.41 9.95 -5.69
CA SER D 380 46.59 10.53 -4.36
C SER D 380 45.24 10.98 -3.86
N PHE D 381 45.06 11.01 -2.55
CA PHE D 381 43.80 11.43 -1.96
C PHE D 381 43.68 12.94 -2.02
N GLY D 382 42.45 13.42 -2.19
CA GLY D 382 42.22 14.85 -2.14
C GLY D 382 40.81 15.21 -2.58
N HIS D 383 40.63 16.48 -2.90
CA HIS D 383 39.37 17.03 -3.37
C HIS D 383 39.63 18.07 -4.45
N GLY D 384 38.57 18.59 -5.06
CA GLY D 384 38.67 19.61 -6.06
C GLY D 384 37.89 20.87 -5.69
N MET D 385 38.09 21.90 -6.52
CA MET D 385 37.38 23.16 -6.38
C MET D 385 37.12 23.73 -7.78
N PHE D 386 35.87 24.10 -8.04
CA PHE D 386 35.47 24.71 -9.32
C PHE D 386 35.03 26.13 -9.03
N ASP D 387 35.91 27.09 -9.28
CA ASP D 387 35.74 28.46 -8.82
C ASP D 387 35.39 29.35 -10.00
N ILE D 388 34.12 29.72 -10.13
CA ILE D 388 33.61 30.50 -11.26
C ILE D 388 33.85 31.98 -10.97
N LYS D 389 34.60 32.64 -11.87
CA LYS D 389 34.86 34.07 -11.77
C LYS D 389 33.78 34.90 -12.46
N ASN D 390 33.31 34.43 -13.62
CA ASN D 390 32.33 35.15 -14.42
C ASN D 390 31.92 34.27 -15.59
N ARG D 391 31.34 34.88 -16.62
CA ARG D 391 30.78 34.11 -17.72
C ARG D 391 31.83 33.47 -18.62
N THR D 392 33.04 34.04 -18.68
CA THR D 392 34.09 33.51 -19.56
C THR D 392 35.08 32.60 -18.85
N HIS D 393 35.27 32.81 -17.54
CA HIS D 393 36.37 32.20 -16.80
C HIS D 393 35.88 31.49 -15.55
N ALA D 394 36.44 30.30 -15.33
CA ALA D 394 36.30 29.56 -14.08
C ALA D 394 37.61 28.81 -13.85
N HIS D 395 37.98 28.66 -12.59
CA HIS D 395 39.29 28.13 -12.25
C HIS D 395 39.13 26.85 -11.44
N PHE D 396 39.69 25.75 -11.95
CA PHE D 396 39.63 24.46 -11.28
C PHE D 396 41.01 24.14 -10.72
N SER D 397 41.01 23.64 -9.47
CA SER D 397 42.24 23.27 -8.79
C SER D 397 42.01 21.98 -8.02
N TRP D 398 43.11 21.28 -7.74
CA TRP D 398 43.10 19.98 -7.07
C TRP D 398 44.06 20.05 -5.90
N ASN D 399 43.56 19.81 -4.69
CA ASN D 399 44.36 19.82 -3.45
C ASN D 399 44.54 18.41 -2.93
N ARG D 400 45.80 18.03 -2.65
CA ARG D 400 46.12 16.69 -2.15
C ARG D 400 46.23 16.70 -0.64
N ASN D 401 45.84 15.57 -0.02
CA ASN D 401 45.83 15.48 1.44
C ASN D 401 47.23 15.63 2.03
N GLN D 402 48.28 15.31 1.27
CA GLN D 402 49.64 15.37 1.76
C GLN D 402 50.31 16.71 1.52
N ASP D 403 49.54 17.73 1.13
CA ASP D 403 50.04 19.09 0.99
C ASP D 403 49.33 19.99 2.00
N GLY D 404 49.83 21.21 2.16
CA GLY D 404 49.09 22.20 2.91
C GLY D 404 47.77 22.55 2.26
N VAL D 405 46.82 23.00 3.08
CA VAL D 405 45.44 23.17 2.62
C VAL D 405 45.34 24.25 1.56
N ALA D 406 46.46 24.92 1.23
CA ALA D 406 46.45 25.98 0.23
C ALA D 406 47.34 25.69 -0.97
N VAL D 407 47.83 24.47 -1.13
CA VAL D 407 48.66 24.10 -2.27
C VAL D 407 47.78 23.41 -3.30
N GLU D 408 47.91 23.82 -4.57
CA GLU D 408 47.21 23.18 -5.68
C GLU D 408 48.23 22.37 -6.45
N ALA D 409 48.06 21.06 -6.47
CA ALA D 409 49.02 20.24 -7.22
C ALA D 409 48.66 20.15 -8.68
N ASP D 410 47.42 20.48 -9.04
CA ASP D 410 46.96 20.63 -10.41
C ASP D 410 46.05 21.85 -10.46
N SER D 411 46.01 22.48 -11.62
CA SER D 411 45.33 23.77 -11.71
C SER D 411 45.19 24.13 -13.17
N VAL D 412 44.03 24.65 -13.55
CA VAL D 412 43.79 24.99 -14.95
C VAL D 412 42.64 25.98 -15.01
N TRP D 413 42.66 26.83 -16.04
CA TRP D 413 41.54 27.72 -16.31
C TRP D 413 40.58 27.07 -17.30
N PHE D 414 39.29 27.12 -16.97
CA PHE D 414 38.23 26.72 -17.87
C PHE D 414 37.74 27.94 -18.63
N PHE D 415 37.76 27.89 -19.95
CA PHE D 415 37.19 28.94 -20.78
C PHE D 415 35.80 28.50 -21.24
N ASN D 416 34.79 29.30 -20.93
CA ASN D 416 33.41 28.89 -21.15
C ASN D 416 33.19 28.53 -22.61
N ARG D 417 32.56 27.35 -22.83
CA ARG D 417 32.37 26.86 -24.19
C ARG D 417 31.41 27.75 -24.96
N HIS D 418 30.48 28.39 -24.27
CA HIS D 418 29.53 29.20 -25.00
C HIS D 418 29.99 30.63 -25.18
N TRP D 419 30.60 31.22 -24.15
CA TRP D 419 30.96 32.63 -24.19
C TRP D 419 32.42 32.89 -24.51
N TYR D 420 33.28 31.90 -24.41
CA TYR D 420 34.69 32.18 -24.61
C TYR D 420 35.44 30.89 -24.99
N PRO D 421 35.07 30.21 -26.11
CA PRO D 421 35.63 28.86 -26.37
C PRO D 421 37.05 28.89 -26.92
N VAL D 422 37.96 29.33 -26.07
CA VAL D 422 39.39 29.35 -26.38
C VAL D 422 39.96 27.97 -26.11
N ASP D 423 40.87 27.50 -26.97
CA ASP D 423 41.60 26.28 -26.64
C ASP D 423 42.27 26.41 -25.27
N ASP D 424 41.92 25.50 -24.35
CA ASP D 424 42.57 25.42 -23.03
C ASP D 424 43.17 24.04 -22.76
C1 NAG E . 22.71 -18.82 10.40
C2 NAG E . 24.22 -18.64 10.66
C3 NAG E . 25.00 -18.43 9.35
C4 NAG E . 24.72 -19.57 8.38
C5 NAG E . 23.22 -19.62 8.10
C6 NAG E . 22.82 -20.75 7.18
C7 NAG E . 25.02 -17.68 12.77
C8 NAG E . 25.23 -16.41 13.55
N2 NAG E . 24.46 -17.53 11.57
O3 NAG E . 26.40 -18.41 9.63
O4 NAG E . 25.49 -19.35 7.19
O5 NAG E . 22.51 -19.81 9.34
O6 NAG E . 22.26 -21.85 7.89
O7 NAG E . 25.34 -18.77 13.20
C1 FUC E . 26.96 -17.08 9.70
C2 FUC E . 28.37 -17.23 10.35
C3 FUC E . 29.31 -17.82 9.35
C4 FUC E . 29.47 -16.80 8.25
C5 FUC E . 28.15 -16.65 7.51
C6 FUC E . 28.18 -15.46 6.59
O2 FUC E . 28.37 -18.00 11.55
O3 FUC E . 30.60 -18.08 9.93
O4 FUC E . 29.82 -15.55 8.83
O5 FUC E . 27.01 -16.41 8.41
C1 NAG E . 26.28 -20.46 6.65
C2 NAG E . 26.68 -19.99 5.24
C3 NAG E . 27.52 -21.07 4.52
C4 NAG E . 28.70 -21.52 5.40
C5 NAG E . 28.18 -21.96 6.75
C6 NAG E . 29.26 -22.44 7.70
C7 NAG E . 25.00 -18.45 4.31
C8 NAG E . 25.78 -17.34 4.95
N2 NAG E . 25.49 -19.68 4.48
O3 NAG E . 28.01 -20.55 3.29
O4 NAG E . 29.42 -22.57 4.77
O5 NAG E . 27.49 -20.86 7.39
O6 NAG E . 29.77 -21.40 8.51
O7 NAG E . 23.98 -18.23 3.68
C1 NAG F . 11.07 5.29 24.18
C2 NAG F . 12.47 4.82 24.59
C3 NAG F . 12.60 4.74 26.12
C4 NAG F . 12.09 6.01 26.78
C5 NAG F . 10.69 6.32 26.27
C6 NAG F . 10.08 7.58 26.85
C7 NAG F . 13.45 3.42 22.83
C8 NAG F . 13.65 2.00 22.33
N2 NAG F . 12.77 3.53 23.98
O3 NAG F . 13.97 4.56 26.46
O4 NAG F . 12.12 5.88 28.19
O5 NAG F . 10.76 6.49 24.85
O6 NAG F . 10.98 8.67 26.73
O7 NAG F . 13.88 4.39 22.22
C1 NAG F . 12.83 7.02 28.75
C2 NAG F . 12.50 7.16 30.25
C3 NAG F . 13.30 8.31 30.86
C4 NAG F . 14.78 8.22 30.52
C5 NAG F . 14.99 8.01 29.03
C6 NAG F . 16.43 7.75 28.63
C7 NAG F . 10.20 6.42 30.69
C8 NAG F . 8.77 6.85 30.87
N2 NAG F . 11.07 7.39 30.44
O3 NAG F . 13.13 8.28 32.28
O4 NAG F . 15.40 9.45 30.92
O5 NAG F . 14.24 6.86 28.59
O6 NAG F . 16.79 8.48 27.47
O7 NAG F . 10.53 5.23 30.75
C1 BMA F . 16.55 9.22 31.78
C2 BMA F . 17.14 10.61 32.14
C3 BMA F . 18.37 10.42 33.08
C4 BMA F . 18.08 9.44 34.26
C5 BMA F . 17.42 8.14 33.74
C6 BMA F . 17.01 7.17 34.87
O2 BMA F . 16.17 11.43 32.80
O3 BMA F . 18.93 11.65 33.54
O4 BMA F . 19.29 9.13 34.92
O5 BMA F . 16.23 8.49 32.97
O6 BMA F . 16.39 7.90 35.93
C1 FUC F . 14.21 3.21 26.87
C2 FUC F . 15.70 2.99 26.66
C3 FUC F . 16.45 4.02 27.53
C4 FUC F . 16.15 3.67 28.99
C5 FUC F . 14.63 3.82 29.20
C6 FUC F . 14.14 3.46 30.60
O2 FUC F . 16.08 3.02 25.28
O3 FUC F . 17.86 3.98 27.34
O4 FUC F . 16.53 2.31 29.23
O5 FUC F . 13.86 3.02 28.23
C1 NAG G . -23.39 -38.80 29.54
C2 NAG G . -23.94 -40.19 29.83
C3 NAG G . -24.56 -40.24 31.22
C4 NAG G . -23.52 -39.81 32.26
C5 NAG G . -23.01 -38.41 31.92
C6 NAG G . -21.90 -37.95 32.82
C7 NAG G . -24.91 -41.74 28.18
C8 NAG G . -26.01 -41.95 27.18
N2 NAG G . -24.93 -40.57 28.83
O3 NAG G . -24.99 -41.56 31.51
O4 NAG G . -24.10 -39.75 33.56
O5 NAG G . -22.47 -38.40 30.59
O6 NAG G . -20.87 -38.93 32.91
O7 NAG G . -24.05 -42.59 28.40
C1 NAG G . -23.42 -40.64 34.49
C2 NAG G . -23.85 -40.28 35.91
C3 NAG G . -23.19 -41.22 36.92
C4 NAG G . -23.32 -42.69 36.52
C5 NAG G . -23.03 -42.91 35.03
C6 NAG G . -23.41 -44.29 34.56
C7 NAG G . -24.43 -37.91 36.33
C8 NAG G . -23.89 -36.55 36.65
N2 NAG G . -23.52 -38.89 36.22
O3 NAG G . -23.78 -41.05 38.20
O4 NAG G . -22.37 -43.44 37.26
O5 NAG G . -23.76 -41.98 34.23
O6 NAG G . -22.81 -44.59 33.31
O7 NAG G . -25.63 -38.10 36.17
C1 BMA G . -22.91 -44.61 37.90
C2 BMA G . -21.74 -45.65 38.11
C3 BMA G . -22.23 -46.83 38.99
C4 BMA G . -23.15 -46.39 40.18
C5 BMA G . -24.24 -45.40 39.68
C6 BMA G . -25.13 -44.87 40.80
O2 BMA G . -20.55 -45.05 38.70
O3 BMA G . -21.15 -47.68 39.43
O4 BMA G . -23.77 -47.51 40.83
O5 BMA G . -23.53 -44.29 39.12
O6 BMA G . -24.24 -44.33 41.78
C1 MAN G . -21.51 -49.09 39.30
C2 MAN G . -20.31 -49.96 39.80
C3 MAN G . -19.21 -50.11 38.73
C4 MAN G . -19.76 -50.38 37.34
C5 MAN G . -20.85 -49.36 36.96
C6 MAN G . -21.49 -49.63 35.62
O2 MAN G . -20.72 -51.29 40.11
O3 MAN G . -18.29 -51.15 39.06
O4 MAN G . -18.67 -50.27 36.42
O5 MAN G . -21.90 -49.41 37.96
O6 MAN G . -21.39 -51.01 35.37
C1 MAN G . -24.83 -43.91 43.02
C2 MAN G . -23.60 -43.40 43.85
C3 MAN G . -22.73 -44.59 44.36
C4 MAN G . -23.62 -45.71 45.00
C5 MAN G . -24.75 -46.12 44.01
C6 MAN G . -25.68 -47.20 44.53
O2 MAN G . -23.97 -42.63 45.00
O3 MAN G . -21.65 -44.19 45.20
O4 MAN G . -22.84 -46.86 45.36
O5 MAN G . -25.55 -44.94 43.65
O6 MAN G . -26.31 -47.81 43.39
C1 FUC G . -26.42 -41.69 31.28
C2 FUC G . -26.83 -43.18 31.53
C3 FUC G . -26.80 -43.50 33.00
C4 FUC G . -27.71 -42.55 33.71
C5 FUC G . -27.22 -41.12 33.50
C6 FUC G . -28.12 -40.06 34.11
O2 FUC G . -26.01 -44.08 30.80
O3 FUC G . -27.32 -44.79 33.20
O4 FUC G . -29.00 -42.69 33.15
O5 FUC G . -27.16 -40.82 32.11
C1 NAG H . -23.61 -15.87 -12.90
C2 NAG H . -25.09 -15.57 -13.18
C3 NAG H . -25.89 -15.53 -11.87
C4 NAG H . -25.70 -16.80 -11.07
C5 NAG H . -24.21 -17.02 -10.81
C6 NAG H . -23.90 -18.36 -10.17
C7 NAG H . -26.04 -14.19 -14.97
C8 NAG H . -26.11 -12.81 -15.57
N2 NAG H . -25.25 -14.32 -13.91
O3 NAG H . -27.27 -15.40 -12.16
O4 NAG H . -26.45 -16.70 -9.86
O5 NAG H . -23.49 -17.01 -12.05
O6 NAG H . -23.82 -19.38 -11.15
O7 NAG H . -26.67 -15.14 -15.44
C1 FUC H . -27.74 -14.03 -12.07
C2 FUC H . -29.17 -14.12 -12.55
C3 FUC H . -29.88 -15.06 -11.61
C4 FUC H . -30.00 -14.35 -10.27
C5 FUC H . -28.58 -14.02 -9.73
C6 FUC H . -28.60 -12.93 -8.67
O2 FUC H . -29.26 -14.53 -13.91
O3 FUC H . -31.18 -15.40 -12.07
O4 FUC H . -30.72 -13.14 -10.48
O5 FUC H . -27.64 -13.53 -10.73
C1 NAG H . -27.33 -17.85 -9.58
C2 NAG H . -27.66 -17.80 -8.09
C3 NAG H . -28.45 -19.04 -7.69
C4 NAG H . -29.70 -19.17 -8.56
C5 NAG H . -29.37 -19.08 -10.05
C6 NAG H . -30.62 -18.97 -10.91
C7 NAG H . -26.13 -16.54 -6.64
C8 NAG H . -27.10 -15.40 -6.77
N2 NAG H . -26.46 -17.66 -7.29
O3 NAG H . -28.81 -18.94 -6.32
O4 NAG H . -30.34 -20.42 -8.30
O5 NAG H . -28.56 -17.92 -10.35
O6 NAG H . -30.44 -19.51 -12.21
O7 NAG H . -25.12 -16.43 -5.98
C1 NAG I . -10.63 9.60 -22.57
C2 NAG I . -11.98 9.12 -23.10
C3 NAG I . -11.99 9.20 -24.62
C4 NAG I . -11.77 10.64 -25.07
C5 NAG I . -10.37 10.98 -24.57
C6 NAG I . -9.80 12.31 -25.01
C7 NAG I . -13.29 7.48 -21.82
C8 NAG I . -13.45 6.01 -21.46
N2 NAG I . -12.28 7.77 -22.65
O3 NAG I . -13.10 8.44 -25.09
O4 NAG I . -11.83 10.77 -26.49
O5 NAG I . -10.34 10.93 -23.13
O6 NAG I . -10.75 13.35 -24.87
O7 NAG I . -14.05 8.34 -21.39
C1 NAG I . -12.49 11.96 -27.07
C2 NAG I . -12.27 11.93 -28.57
C3 NAG I . -12.81 13.22 -29.19
C4 NAG I . -14.29 13.38 -28.86
C5 NAG I . -14.54 13.24 -27.33
C6 NAG I . -16.01 13.14 -26.99
C7 NAG I . -10.43 10.57 -29.46
C8 NAG I . -11.45 9.48 -29.63
N2 NAG I . -10.88 11.72 -28.93
O3 NAG I . -12.62 13.20 -30.60
O4 NAG I . -14.74 14.66 -29.32
O5 NAG I . -13.91 12.07 -26.78
O6 NAG I . -16.23 13.24 -25.59
O7 NAG I . -9.26 10.41 -29.76
C1 BMA I . -15.99 14.63 -30.07
C2 BMA I . -16.73 15.99 -29.85
C3 BMA I . -17.98 16.10 -30.77
C4 BMA I . -17.69 15.62 -32.24
C5 BMA I . -16.95 14.26 -32.25
C6 BMA I . -16.54 13.82 -33.68
O2 BMA I . -15.87 17.12 -30.12
O3 BMA I . -18.58 17.42 -30.77
O4 BMA I . -18.91 15.47 -32.97
O5 BMA I . -15.77 14.36 -31.45
O6 BMA I . -15.59 14.77 -34.23
C1 FUC I . -14.11 9.09 -25.77
C2 FUC I . -14.18 8.33 -27.14
C3 FUC I . -15.55 8.53 -27.72
C4 FUC I . -16.69 8.23 -26.70
C5 FUC I . -16.13 7.97 -25.25
C6 FUC I . -17.19 8.03 -24.18
O2 FUC I . -13.78 6.92 -27.12
O3 FUC I . -15.63 9.92 -28.05
O4 FUC I . -17.55 9.35 -26.65
O5 FUC I . -15.17 8.96 -24.90
C1 NAG J . 21.09 -35.04 -35.72
C2 NAG J . 21.38 -36.44 -36.27
C3 NAG J . 21.96 -36.34 -37.68
C4 NAG J . 21.04 -35.52 -38.57
C5 NAG J . 20.79 -34.15 -37.92
C6 NAG J . 19.83 -33.28 -38.68
C7 NAG J . 22.10 -38.39 -34.94
C8 NAG J . 23.16 -38.94 -34.03
N2 NAG J . 22.30 -37.14 -35.39
O3 NAG J . 22.19 -37.63 -38.22
O4 NAG J . 21.60 -35.33 -39.86
O5 NAG J . 20.23 -34.34 -36.61
O6 NAG J . 18.60 -33.96 -38.91
O7 NAG J . 21.12 -39.06 -35.26
C1 NAG J . 20.67 -35.78 -40.85
C2 NAG J . 21.12 -35.25 -42.21
C3 NAG J . 20.22 -35.79 -43.32
C4 NAG J . 20.08 -37.30 -43.24
C5 NAG J . 19.71 -37.74 -41.82
C6 NAG J . 19.73 -39.23 -41.62
C7 NAG J . 22.20 -33.05 -42.25
C8 NAG J . 21.99 -31.57 -42.28
N2 NAG J . 21.09 -33.80 -42.24
O3 NAG J . 20.76 -35.41 -44.58
O4 NAG J . 19.00 -37.68 -44.10
O5 NAG J . 20.65 -37.19 -40.88
O6 NAG J . 19.24 -39.57 -40.33
O7 NAG J . 23.33 -33.54 -42.23
C1 BMA J . 19.33 -38.72 -45.04
C2 BMA J . 17.99 -39.41 -45.49
C3 BMA J . 18.33 -40.53 -46.50
C4 BMA J . 19.28 -40.03 -47.64
C5 BMA J . 20.52 -39.32 -47.03
C6 BMA J . 21.53 -38.79 -48.07
O2 BMA J . 17.07 -38.49 -46.10
O3 BMA J . 17.17 -41.19 -47.04
O4 BMA J . 19.71 -41.13 -48.41
O5 BMA J . 20.05 -38.23 -46.19
O6 BMA J . 20.94 -37.71 -48.81
C1 FUC J . 23.60 -38.01 -38.17
C2 FUC J . 23.74 -39.46 -38.62
C3 FUC J . 23.12 -39.54 -39.98
C4 FUC J . 24.05 -38.73 -40.94
C5 FUC J . 24.11 -37.26 -40.45
C6 FUC J . 25.15 -36.42 -41.15
O2 FUC J . 23.18 -40.42 -37.73
O3 FUC J . 22.97 -40.89 -40.40
O4 FUC J . 25.38 -39.24 -40.94
O5 FUC J . 24.40 -37.18 -39.02
C1 NAG K . -35.06 35.96 21.58
C2 NAG K . -35.39 37.20 22.46
C3 NAG K . -36.85 37.20 22.91
C4 NAG K . -37.80 36.96 21.74
C5 NAG K . -37.40 35.69 21.01
C6 NAG K . -38.25 35.39 19.79
C7 NAG K . -33.44 38.08 23.69
C8 NAG K . -32.62 37.96 24.94
N2 NAG K . -34.49 37.24 23.60
O3 NAG K . -37.16 38.45 23.54
O4 NAG K . -39.14 36.83 22.21
O5 NAG K . -36.06 35.83 20.54
O6 NAG K . -38.15 36.42 18.83
O7 NAG K . -33.17 38.88 22.81
C1 FUC K . -36.88 38.41 24.97
C2 FUC K . -37.32 39.73 25.56
C3 FUC K . -38.81 39.86 25.34
C4 FUC K . -39.51 38.78 26.19
C5 FUC K . -39.01 37.38 25.74
C6 FUC K . -39.36 36.22 26.70
O2 FUC K . -36.61 40.82 25.01
O3 FUC K . -39.27 41.14 25.75
O4 FUC K . -39.24 38.96 27.60
O5 FUC K . -37.56 37.33 25.61
C1 NAG K . -40.13 37.63 21.49
C2 NAG K . -41.54 37.10 21.83
C3 NAG K . -42.61 37.97 21.18
C4 NAG K . -42.41 39.42 21.57
C5 NAG K . -41.00 39.84 21.17
C6 NAG K . -40.69 41.28 21.56
C7 NAG K . -41.69 34.72 22.34
C8 NAG K . -41.84 33.33 21.81
N2 NAG K . -41.69 35.70 21.45
O3 NAG K . -43.89 37.51 21.59
O4 NAG K . -43.37 40.25 20.95
O5 NAG K . -40.04 39.01 21.83
O6 NAG K . -39.48 41.37 22.31
O7 NAG K . -41.57 34.95 23.55
C1 NAG L . -8.95 19.65 -22.47
C2 NAG L . -8.97 19.65 -24.00
C3 NAG L . -7.59 19.31 -24.57
C4 NAG L . -6.50 20.17 -23.95
C5 NAG L . -6.59 20.13 -22.42
C6 NAG L . -5.63 21.11 -21.78
C7 NAG L . -11.05 19.14 -25.22
C8 NAG L . -11.96 18.05 -25.70
N2 NAG L . -9.98 18.74 -24.51
O3 NAG L . -7.63 19.63 -25.96
O4 NAG L . -5.21 19.74 -24.37
O5 NAG L . -7.90 20.49 -21.99
O6 NAG L . -6.12 22.44 -21.87
O7 NAG L . -11.28 20.33 -25.45
C1 FUC L . -7.65 18.49 -26.83
C2 FUC L . -8.06 19.01 -28.24
C3 FUC L . -7.00 20.01 -28.72
C4 FUC L . -5.65 19.30 -28.81
C5 FUC L . -5.30 18.71 -27.42
C6 FUC L . -4.03 17.88 -27.42
O2 FUC L . -9.41 19.55 -28.33
O3 FUC L . -7.33 20.51 -30.01
O4 FUC L . -5.74 18.24 -29.75
O5 FUC L . -6.39 17.88 -26.85
C1 NAG M . 36.51 37.00 -15.79
C2 NAG M . 36.89 38.29 -16.53
C3 NAG M . 38.33 38.24 -17.04
C4 NAG M . 39.29 37.83 -15.92
C5 NAG M . 38.81 36.50 -15.35
C6 NAG M . 39.67 35.94 -14.25
C7 NAG M . 35.10 39.49 -17.71
C8 NAG M . 34.20 39.52 -18.91
N2 NAG M . 35.97 38.49 -17.65
O3 NAG M . 38.72 39.52 -17.52
O4 NAG M . 40.61 37.71 -16.43
O5 NAG M . 37.49 36.71 -14.81
O6 NAG M . 40.02 36.93 -13.29
O7 NAG M . 35.03 40.35 -16.84
C1 FUC M . 38.46 39.66 -18.95
C2 FUC M . 39.11 40.98 -19.26
C3 FUC M . 40.60 40.83 -19.03
C4 FUC M . 41.15 39.84 -20.07
C5 FUC M . 40.45 38.46 -19.89
C6 FUC M . 40.71 37.47 -21.05
O2 FUC M . 38.54 42.01 -18.46
O3 FUC M . 41.27 42.09 -19.20
O4 FUC M . 40.91 40.34 -21.41
O5 FUC M . 39.00 38.58 -19.77
C1 NAG M . 41.57 38.42 -15.62
C2 NAG M . 42.99 37.93 -15.97
C3 NAG M . 44.07 38.75 -15.22
C4 NAG M . 43.82 40.25 -15.33
C5 NAG M . 42.39 40.55 -14.92
C6 NAG M . 42.03 42.02 -15.00
C7 NAG M . 43.22 35.54 -16.57
C8 NAG M . 43.34 34.15 -16.03
N2 NAG M . 43.13 36.52 -15.65
O3 NAG M . 45.35 38.45 -15.76
O4 NAG M . 44.74 40.96 -14.51
O5 NAG M . 41.49 39.85 -15.79
O6 NAG M . 41.32 42.44 -13.83
O7 NAG M . 43.20 35.78 -17.77
C1 NAG N . 9.66 15.56 25.19
C2 NAG N . 9.61 15.40 26.72
C3 NAG N . 8.18 15.10 27.21
C4 NAG N . 7.15 16.03 26.59
C5 NAG N . 7.32 16.05 25.07
C6 NAG N . 6.40 17.02 24.38
C7 NAG N . 11.55 14.52 27.97
C8 NAG N . 12.34 13.30 28.32
N2 NAG N . 10.51 14.33 27.15
O3 NAG N . 8.15 15.25 28.63
O4 NAG N . 5.85 15.57 26.93
O5 NAG N . 8.65 16.46 24.77
O6 NAG N . 6.38 18.30 25.00
O7 NAG N . 11.84 15.64 28.41
C1 NAG N . 4.97 16.60 27.44
C2 NAG N . 3.55 16.09 27.24
C3 NAG N . 2.51 17.05 27.83
C4 NAG N . 2.90 17.46 29.26
C5 NAG N . 4.35 17.92 29.31
C6 NAG N . 4.83 18.23 30.71
C7 NAG N . 3.21 14.62 25.28
C8 NAG N . 3.40 13.47 26.23
N2 NAG N . 3.28 15.84 25.83
O3 NAG N . 1.27 16.36 27.82
O4 NAG N . 2.08 18.49 29.82
O5 NAG N . 5.20 16.88 28.81
O6 NAG N . 4.13 17.45 31.67
O7 NAG N . 2.99 14.46 24.09
C1 BMA N . 0.87 18.91 29.13
C2 BMA N . -0.39 18.67 30.07
C3 BMA N . -0.48 19.71 31.21
C4 BMA N . 0.35 20.98 30.93
C5 BMA N . 0.27 21.28 29.42
C6 BMA N . 0.83 22.63 29.01
O2 BMA N . -0.37 17.37 30.68
O3 BMA N . -0.15 19.15 32.48
O4 BMA N . -0.15 22.07 31.69
O5 BMA N . 1.01 20.28 28.69
O6 BMA N . 0.47 22.84 27.65
C1 FUC N . 8.13 13.96 29.30
C2 FUC N . 8.52 14.19 30.79
C3 FUC N . 7.34 14.80 31.57
C4 FUC N . 6.10 13.90 31.42
C5 FUC N . 5.74 13.81 29.96
C6 FUC N . 4.56 12.88 29.71
O2 FUC N . 9.71 14.98 30.93
O3 FUC N . 7.65 14.90 32.94
O4 FUC N . 6.38 12.57 31.90
O5 FUC N . 6.87 13.30 29.17
ZN ZN O . -10.99 -5.88 30.65
FE FE P . -8.84 -7.26 32.78
C1 NAG Q . 6.45 -19.50 38.21
C2 NAG Q . 7.71 -19.35 39.07
C3 NAG Q . 8.69 -20.49 38.80
C4 NAG Q . 8.01 -21.84 38.99
C5 NAG Q . 6.80 -21.91 38.06
C6 NAG Q . 6.02 -23.20 38.20
C7 NAG Q . 7.97 -16.92 39.38
C8 NAG Q . 8.74 -15.70 39.00
N2 NAG Q . 8.36 -18.06 38.82
O3 NAG Q . 9.82 -20.40 39.64
O4 NAG Q . 8.94 -22.87 38.70
O5 NAG Q . 5.90 -20.83 38.38
O6 NAG Q . 5.25 -23.22 39.40
O7 NAG Q . 7.04 -16.88 40.17
S SO4 R . -22.28 -13.26 48.44
O1 SO4 R . -23.29 -13.95 49.27
O2 SO4 R . -22.37 -11.82 48.72
O3 SO4 R . -22.57 -13.51 47.04
O4 SO4 R . -20.93 -13.73 48.77
S SO4 S . -29.75 -29.32 13.77
O1 SO4 S . -30.41 -28.85 12.54
O2 SO4 S . -29.70 -28.23 14.76
O3 SO4 S . -30.50 -30.44 14.36
O4 SO4 S . -28.44 -29.80 13.38
S SO4 T . 0.44 -37.57 8.35
O1 SO4 T . -0.23 -38.24 7.24
O2 SO4 T . -0.21 -36.26 8.53
O3 SO4 T . 0.33 -38.42 9.52
O4 SO4 T . 1.86 -37.38 8.08
S SO4 U . -12.47 -19.93 52.76
O1 SO4 U . -13.03 -19.74 54.10
O2 SO4 U . -12.05 -18.63 52.22
O3 SO4 U . -13.48 -20.55 51.90
O4 SO4 U . -11.31 -20.84 52.84
NA NA V . -28.50 -0.36 15.82
NA NA W . 4.11 -37.32 9.41
C1 EDO X . -10.79 -37.42 34.89
O1 EDO X . -9.43 -36.93 34.75
C2 EDO X . -10.96 -38.69 34.05
O2 EDO X . -12.12 -39.45 34.45
C1 EDO Y . -34.13 -5.39 25.94
O1 EDO Y . -35.22 -6.35 25.98
C2 EDO Y . -33.91 -4.93 24.49
O2 EDO Y . -33.29 -3.63 24.40
C1 EDO Z . -7.82 -0.81 40.14
O1 EDO Z . -8.50 -1.93 39.54
C2 EDO Z . -8.65 0.49 40.23
O2 EDO Z . -10.07 0.25 40.45
O2 PGE AA . -12.36 -3.42 45.02
C3 PGE AA . -12.91 -3.97 43.84
C4 PGE AA . -14.11 -3.18 43.40
O4 PGE AA . -16.42 0.45 42.28
C6 PGE AA . -15.59 -0.25 43.20
C5 PGE AA . -14.65 -1.12 42.40
O3 PGE AA . -13.79 -1.81 43.29
C1 PGE BA . -3.12 -0.06 40.44
O1 PGE BA . -4.34 -0.65 40.91
C2 PGE BA . -3.35 1.40 40.11
O2 PGE BA . -4.20 1.54 38.97
C3 PGE BA . -3.88 0.65 37.93
C4 PGE BA . -4.73 0.86 36.67
O4 PGE BA . -8.01 3.07 35.28
C6 PGE BA . -6.65 2.90 35.66
C5 PGE BA . -6.59 2.27 37.04
O3 PGE BA . -6.12 0.94 36.95
CAE MFJ CA . -10.65 0.91 37.20
CAF MFJ CA . -10.14 -0.33 37.54
CAG MFJ CA . -10.66 -0.31 32.52
CAH MFJ CA . -10.12 -1.53 32.84
CAI MFJ CA . -10.90 1.20 35.87
CAJ MFJ CA . -10.86 0.55 33.57
CAK MFJ CA . -9.85 -1.27 36.57
CAQ MFJ CA . -13.46 1.82 32.78
CAR MFJ CA . -12.92 2.48 31.54
CAS MFJ CA . -11.45 2.60 31.23
CAT MFJ CA . -10.56 3.41 32.14
CAU MFJ CA . -9.08 3.08 32.23
CAV MFJ CA . -8.48 1.97 31.41
CAW MFJ CA . -7.70 0.92 32.13
CAX MFJ CA . -6.29 1.28 32.51
CAY MFJ CA . -5.39 0.37 33.30
CAZ MFJ CA . -5.83 -0.96 33.81
CBA MFJ CA . -6.92 -1.09 34.81
CBB MFJ CA . -7.31 -2.48 35.24
CBD MFJ CA . -9.86 -1.93 34.13
CBE MFJ CA . -10.62 0.23 34.90
CBF MFJ CA . -10.12 -1.00 35.21
CBG MFJ CA . -9.32 -3.32 34.32
OAB MFJ CA . -10.16 -3.94 31.75
OAC MFJ CA . -8.72 -5.46 32.85
OAD MFJ CA . -11.04 -5.54 33.34
OBC MFJ CA . -7.96 -3.30 34.36
PBH MFJ CA . -9.86 -4.54 33.06
ZN ZN DA . 10.73 -1.72 -31.01
FE FE EA . 8.45 -2.50 -33.37
C1 NAG FA . -7.38 -13.24 -40.59
C2 NAG FA . -8.61 -12.78 -41.37
C3 NAG FA . -9.71 -13.85 -41.31
C4 NAG FA . -9.16 -15.20 -41.79
C5 NAG FA . -7.93 -15.56 -40.98
C6 NAG FA . -7.23 -16.79 -41.51
C7 NAG FA . -8.82 -10.32 -41.42
C8 NAG FA . -7.95 -10.35 -42.63
N2 NAG FA . -9.11 -11.50 -40.86
O3 NAG FA . -10.83 -13.49 -42.12
O4 NAG FA . -10.15 -16.22 -41.67
O5 NAG FA . -6.95 -14.51 -41.07
O6 NAG FA . -6.52 -16.43 -42.69
O7 NAG FA . -9.25 -9.25 -40.95
S SO4 GA . 6.37 -37.64 -15.69
O1 SO4 GA . 5.88 -36.81 -14.58
O2 SO4 GA . 6.05 -36.97 -16.96
O3 SO4 GA . 7.82 -37.80 -15.53
O4 SO4 GA . 5.68 -38.92 -15.68
S SO4 HA . 28.36 0.53 -15.67
O1 SO4 HA . 27.42 0.67 -16.76
O2 SO4 HA . 29.17 1.73 -15.61
O3 SO4 HA . 29.22 -0.61 -15.90
O4 SO4 HA . 27.64 0.31 -14.44
S SO4 IA . 31.79 -3.89 -17.36
O1 SO4 IA . 31.88 -3.59 -18.79
O2 SO4 IA . 31.04 -2.80 -16.74
O3 SO4 IA . 31.09 -5.15 -17.12
O4 SO4 IA . 33.14 -4.03 -16.80
S SO4 JA . 28.32 -28.13 -18.59
O1 SO4 JA . 28.13 -26.72 -18.97
O2 SO4 JA . 28.43 -28.29 -17.14
O3 SO4 JA . 29.54 -28.61 -19.26
O4 SO4 JA . 27.20 -28.95 -19.02
S SO4 KA . 16.89 -33.62 -41.92
O1 SO4 KA . 16.39 -32.91 -43.10
O2 SO4 KA . 16.19 -33.16 -40.72
O3 SO4 KA . 16.67 -35.05 -42.08
O4 SO4 KA . 18.32 -33.33 -41.81
S SO4 LA . 21.85 -6.35 -50.08
O1 SO4 LA . 22.30 -4.98 -49.78
O2 SO4 LA . 20.46 -6.30 -50.54
O3 SO4 LA . 21.93 -7.19 -48.88
O4 SO4 LA . 22.74 -6.90 -51.13
S SO4 MA . 24.90 -40.07 -23.91
O1 SO4 MA . 24.08 -40.32 -25.10
O2 SO4 MA . 24.33 -38.96 -23.15
O3 SO4 MA . 24.92 -41.25 -23.06
O4 SO4 MA . 26.26 -39.76 -24.34
S SO4 NA . -16.62 -34.00 -20.80
O1 SO4 NA . -17.01 -32.86 -19.94
O2 SO4 NA . -16.84 -33.64 -22.21
O3 SO4 NA . -17.44 -35.15 -20.45
O4 SO4 NA . -15.21 -34.32 -20.57
C1 EDO OA . 27.30 -36.40 -30.71
O1 EDO OA . 27.96 -36.09 -29.47
C2 EDO OA . 26.14 -37.35 -30.47
O2 EDO OA . 25.21 -37.15 -31.54
C1 EDO PA . 12.37 -33.27 -12.31
O1 EDO PA . 11.94 -34.63 -12.40
C2 EDO PA . 11.38 -32.42 -13.09
O2 EDO PA . 11.62 -32.68 -14.48
ZN ZN QA . -31.81 4.10 8.01
FE FE RA . -33.86 5.16 5.59
C1 NAG SA . -38.41 18.02 -9.64
C2 NAG SA . -39.10 17.85 -11.00
C3 NAG SA . -38.89 19.07 -11.89
C4 NAG SA . -39.29 20.34 -11.15
C5 NAG SA . -38.54 20.42 -9.81
C6 NAG SA . -38.93 21.61 -8.98
C7 NAG SA . -39.22 15.44 -11.57
C8 NAG SA . -38.64 14.35 -12.39
N2 NAG SA . -38.65 16.65 -11.70
O3 NAG SA . -39.67 18.92 -13.06
O4 NAG SA . -39.01 21.49 -11.97
O5 NAG SA . -38.85 19.25 -9.03
O6 NAG SA . -40.16 21.38 -8.29
O7 NAG SA . -40.16 15.25 -10.80
C1 EDO TA . -11.25 7.25 1.09
O1 EDO TA . -12.16 7.45 2.20
C2 EDO TA . -10.39 8.50 0.82
O2 EDO TA . -11.14 9.41 0.01
C1 NAG UA . -22.58 -5.23 -14.07
C2 NAG UA . -22.65 -4.54 -15.44
C3 NAG UA . -24.09 -4.40 -15.90
C4 NAG UA . -24.74 -5.78 -15.97
C5 NAG UA . -24.66 -6.46 -14.60
C6 NAG UA . -25.21 -7.87 -14.61
C7 NAG UA . -20.73 -3.12 -15.90
C8 NAG UA . -20.18 -1.72 -15.86
N2 NAG UA . -21.98 -3.26 -15.44
O3 NAG UA . -24.15 -3.75 -17.18
O4 NAG UA . -26.10 -5.69 -16.42
O5 NAG UA . -23.30 -6.52 -14.13
O6 NAG UA . -24.80 -8.62 -13.48
O7 NAG UA . -20.09 -4.07 -16.33
S SO4 VA . -20.43 2.65 30.28
O1 SO4 VA . -19.49 3.73 30.54
O2 SO4 VA . -21.80 3.16 30.17
O3 SO4 VA . -20.42 1.68 31.37
O4 SO4 VA . -20.07 1.99 29.02
S SO4 WA . -19.02 28.58 29.33
O1 SO4 WA . -19.44 29.15 28.06
O2 SO4 WA . -19.08 29.60 30.38
O3 SO4 WA . -19.94 27.49 29.68
O4 SO4 WA . -17.63 28.09 29.23
S SO4 XA . -11.65 33.24 14.52
O1 SO4 XA . -13.08 33.61 14.56
O2 SO4 XA . -10.83 34.44 14.42
O3 SO4 XA . -11.40 32.39 13.34
O4 SO4 XA . -11.37 32.50 15.75
NA NA YA . -18.72 -1.57 26.69
C1 EDO ZA . -10.05 4.47 28.13
O1 EDO ZA . -10.78 3.27 28.39
C2 EDO ZA . -9.50 5.09 29.42
O2 EDO ZA . -10.35 6.14 29.92
C1 EDO AB . -26.18 -7.44 -3.79
O1 EDO AB . -25.75 -8.73 -4.28
C2 EDO AB . -27.38 -6.98 -4.61
O2 EDO AB . -27.72 -5.64 -4.20
C1 EDO BB . -29.49 2.33 31.00
O1 EDO BB . -28.15 1.79 30.94
C2 EDO BB . -29.46 3.48 32.01
O2 EDO BB . -30.77 3.70 32.55
C1 GOL CB . -51.71 7.87 16.14
O1 GOL CB . -51.68 6.63 16.78
C2 GOL CB . -51.73 8.90 17.29
O2 GOL CB . -50.50 9.57 17.45
C3 GOL CB . -52.17 8.08 18.55
O3 GOL CB . -52.42 9.02 19.59
O2 PGE DB . -44.26 -2.74 10.51
C3 PGE DB . -43.00 -2.31 10.00
C4 PGE DB . -43.21 -1.16 9.04
O4 PGE DB . -46.02 1.30 6.87
C6 PGE DB . -45.76 0.33 7.88
C5 PGE DB . -44.53 0.75 8.68
O3 PGE DB . -44.16 -0.26 9.59
O2 PGE EB . -20.09 19.09 33.35
C3 PGE EB . -21.12 19.78 32.66
C4 PGE EB . -21.29 21.19 33.20
O3 PGE EB . -22.69 21.43 33.31
C1 PGE FB . -13.51 2.31 39.73
O1 PGE FB . -13.61 1.39 40.82
C2 PGE FB . -12.17 3.04 39.75
O2 PGE FB . -12.16 4.15 38.83
C3 PGE FB . -11.13 4.08 37.85
C4 PGE FB . -11.31 5.19 36.82
O4 PGE FB . -11.88 6.46 32.73
C6 PGE FB . -11.88 6.65 34.15
C5 PGE FB . -12.56 5.47 34.85
O3 PGE FB . -11.60 4.67 35.54
ZN ZN GB . 31.90 3.64 -7.35
FE FE HB . 34.03 4.35 -4.81
C1 NAG IB . 22.26 -8.38 13.09
C2 NAG IB . 22.52 -8.11 14.59
C3 NAG IB . 24.02 -8.27 14.91
C4 NAG IB . 24.52 -9.63 14.44
C5 NAG IB . 24.30 -9.69 12.93
C6 NAG IB . 24.83 -10.94 12.26
C7 NAG IB . 20.79 -6.54 15.34
C8 NAG IB . 20.48 -5.10 15.67
N2 NAG IB . 22.05 -6.79 14.96
O3 NAG IB . 24.29 -8.05 16.30
O4 NAG IB . 25.89 -9.83 14.77
O5 NAG IB . 22.89 -9.63 12.68
O6 NAG IB . 24.96 -12.03 13.16
O7 NAG IB . 19.94 -7.42 15.40
C1 NAG JB . 39.22 14.44 12.25
C2 NAG JB . 39.90 14.07 13.59
C3 NAG JB . 39.71 15.19 14.62
C4 NAG JB . 40.15 16.53 14.06
C5 NAG JB . 39.41 16.80 12.75
C6 NAG JB . 39.85 18.09 12.08
C7 NAG JB . 39.84 11.60 13.70
C8 NAG JB . 39.23 10.41 14.39
N2 NAG JB . 39.41 12.81 14.12
O3 NAG JB . 40.44 14.91 15.81
O4 NAG JB . 39.85 17.57 14.99
O5 NAG JB . 39.67 15.74 11.82
O6 NAG JB . 41.24 18.03 11.80
O7 NAG JB . 40.66 11.48 12.78
S SO4 KB . 12.25 37.60 5.82
O1 SO4 KB . 11.29 37.79 4.73
O2 SO4 KB . 11.82 38.42 6.96
O3 SO4 KB . 13.60 37.99 5.39
O4 SO4 KB . 12.30 36.19 6.21
S SO4 LB . 55.41 14.60 -5.30
O1 SO4 LB . 55.06 14.44 -3.88
O2 SO4 LB . 55.12 15.95 -5.78
O3 SO4 LB . 54.63 13.63 -6.08
O4 SO4 LB . 56.83 14.34 -5.48
S SO4 MB . 35.11 -4.28 7.20
O1 SO4 MB . 35.87 -3.23 7.90
O2 SO4 MB . 34.65 -3.74 5.91
O3 SO4 MB . 33.97 -4.71 8.01
O4 SO4 MB . 35.98 -5.44 6.94
S SO4 NB . 7.91 19.35 2.99
O1 SO4 NB . 8.74 19.70 4.14
O2 SO4 NB . 6.65 20.11 3.13
O3 SO4 NB . 7.64 17.91 2.94
O4 SO4 NB . 8.59 19.73 1.74
NA NA OB . 30.27 1.57 -13.65
NA NA PB . 18.55 1.59 -26.57
C1 EDO QB . 18.78 35.32 19.41
O1 EDO QB . 19.03 34.56 20.61
C2 EDO QB . 17.39 34.96 18.92
O2 EDO QB . 17.03 33.77 19.63
C1 EDO RB . 43.15 -2.81 -10.90
O1 EDO RB . 43.15 -1.96 -9.75
C2 EDO RB . 44.57 -3.34 -11.11
O2 EDO RB . 44.57 -4.15 -12.30
C1 EDO SB . 52.52 8.18 -15.57
O1 EDO SB . 51.68 7.50 -16.52
C2 EDO SB . 52.22 9.67 -15.69
O2 EDO SB . 50.85 9.75 -16.09
C1 EDO TB . 20.27 5.79 -28.88
O1 EDO TB . 21.34 5.02 -29.44
C2 EDO TB . 20.05 6.96 -29.82
O2 EDO TB . 19.95 6.38 -31.12
C1 EDO UB . 23.25 24.49 -29.26
O1 EDO UB . 22.02 23.77 -29.33
C2 EDO UB . 22.96 25.95 -28.93
O2 EDO UB . 22.13 26.51 -29.95
C1 NAG VB . 14.19 -14.02 0.88
C2 NAG VB . 13.24 -15.06 0.58
C3 NAG VB . 13.93 -16.33 1.02
C4 NAG VB . 15.24 -16.47 0.24
C5 NAG VB . 16.06 -15.21 0.32
C6 NAG VB . 17.29 -15.23 -0.55
C7 NAG VB . 10.74 -14.68 0.53
C8 NAG VB . 10.68 -14.63 -1.05
N2 NAG VB . 11.94 -14.89 1.18
O3 NAG VB . 13.08 -17.44 0.92
O4 NAG VB . 15.95 -17.59 0.73
O5 NAG VB . 15.27 -14.10 -0.05
O6 NAG VB . 17.63 -16.56 -0.91
O7 NAG VB . 9.72 -14.57 1.15
#